data_8CBM
#
_entry.id   8CBM
#
_cell.length_a   1.00
_cell.length_b   1.00
_cell.length_c   1.00
_cell.angle_alpha   90.00
_cell.angle_beta   90.00
_cell.angle_gamma   90.00
#
_symmetry.space_group_name_H-M   'P 1'
#
loop_
_entity.id
_entity.type
_entity.pdbx_description
1 polymer '3-hydroxyacyl-CoA dehydrogenase type-2'
2 polymer 'CCA tRNA nucleotidyltransferase 1, mitochondrial'
3 polymer 'tRNA methyltransferase 10 homolog C'
4 polymer 'Mitochondrial Precursor tRNA-Ile(0,0)'
5 non-polymer NICOTINAMIDE-ADENINE-DINUCLEOTIDE
6 non-polymer "CYTIDINE-5'-DIPHOSPHATE"
7 non-polymer S-ADENOSYL-L-HOMOCYSTEINE
8 water water
#
loop_
_entity_poly.entity_id
_entity_poly.type
_entity_poly.pdbx_seq_one_letter_code
_entity_poly.pdbx_strand_id
1 'polypeptide(L)'
;MAAACRSVKGLVAVITGGASGLGLATAERLVGQGASAVLLDLPNSGGEAQAKKLGNNCVFAPADVTSEKDVQTALALAKG
KFGRVDVAVNCAGIAVASKTYNLKKGQTHTLEDFQRVLDVNLMGTFNVIRLVAGEMGQNEPDQGGQRGVIINTASVAAFE
GQVGQAAYSASKGGIVGMTLPIARDLAPIGIRVMTIAPGLFGTPLLTSLPEKVCNFLASQVPFPSRLGDPAEYAHLVQAI
IENPFLNGEVIRLDGAIRMQP
;
A,B,C,D
2 'polypeptide(L)'
;TEGLKSLTELFVKENHELRIAGGAVRDLLNGVKPQDIDFATTATPTQMKEMFQSAGIRMINNRGEKHGTITARLHEENFE
ITTLRIDVTTDGRHAEVEFTTDWQKDAERRDLTINSMFLGFDGTLFDYFNGYEDLKNKKVRFVGHAKQRIQEDYLRILRY
FRFYGRIVDKPGDHDPETLEAIAENAKGLAGISGERIWVELKKILVGNHVNHLIHLIYDLDVAPYIGLPANASLEEFDKV
SKNVDGFSPKPVTLLASLFKVQDDVTKLDLRLKIAKEEKNLGLFIVKNRKDLIKATDSSDPLKPYQDFIIDSREPDATTR
VCELLKYQGEHCLLKEMQQWSIPPFPVSGHDIRKVGISSGKEIGALLQQLREQWKKSGYQMEKDELLSYIKKT
;
E
3 'polypeptide(L)'
;MHHHHHHSSGVDLGTENLYFQSMSSKIPAVTYPKNESTPPSEELELDKWKTTMKSSVQEECVSTISSSKDEDPLAATREF
IEMWRLLGREVPEHITEEELKTLMECVSNTAKKKYLKYLYTKEKVKKARQIKKEMKAAAREEAKNIKLLETTEEDKQKNF
LFLRLWDRNMDIAMGWKGAQAMQFGQPLVFDMAYENYMKRKELQNTVSQLLESEGWNRRNVDPFHIYFCNLKIDGALHRE
LVKRYQEKWDKLLLTSTEKSHVDLFPKDSIIYLTADSPNVMTTFRHDKVYVIGSFVDKSMQPGTSLAKAKRLNLATECLP
LDKYLQWEIGNKNLTLDQMIRILLCLKNNGNWQEALQFVPKRKHTGFLEISQHSQEFINRLKKAKTAENLYFQSHHHHHH
DYKDDDDK
;
F
4 'polyribonucleotide' GGAAAUAUGUCUGAUAAAAGAGUUACUUUGAUAGAGUAAAUAAUAGGAGCUUAAACCCCCUUAUUUCCA T
#
loop_
_chem_comp.id
_chem_comp.type
_chem_comp.name
_chem_comp.formula
A RNA linking ADENOSINE-5'-MONOPHOSPHATE 'C10 H14 N5 O7 P'
C RNA linking CYTIDINE-5'-MONOPHOSPHATE 'C9 H14 N3 O8 P'
CDP non-polymer CYTIDINE-5'-DIPHOSPHATE 'C9 H15 N3 O11 P2'
G RNA linking GUANOSINE-5'-MONOPHOSPHATE 'C10 H14 N5 O8 P'
NAD non-polymer NICOTINAMIDE-ADENINE-DINUCLEOTIDE 'C21 H27 N7 O14 P2'
SAH non-polymer S-ADENOSYL-L-HOMOCYSTEINE 'C14 H20 N6 O5 S'
U RNA linking URIDINE-5'-MONOPHOSPHATE 'C9 H13 N2 O9 P'
#
# COMPACT_ATOMS: atom_id res chain seq x y z
N SER A 7 43.43 7.43 -25.77
CA SER A 7 43.77 8.28 -24.64
C SER A 7 43.28 9.70 -24.89
N VAL A 8 43.14 10.47 -23.80
CA VAL A 8 42.62 11.83 -23.88
C VAL A 8 43.69 12.81 -23.44
N LYS A 9 44.95 12.44 -23.62
CA LYS A 9 46.05 13.30 -23.19
C LYS A 9 45.96 14.65 -23.88
N GLY A 10 46.09 15.72 -23.09
CA GLY A 10 46.11 17.07 -23.61
C GLY A 10 44.75 17.74 -23.69
N LEU A 11 43.66 17.01 -23.52
CA LEU A 11 42.34 17.62 -23.57
C LEU A 11 42.15 18.56 -22.39
N VAL A 12 41.32 19.59 -22.60
CA VAL A 12 40.92 20.50 -21.55
C VAL A 12 39.42 20.40 -21.38
N ALA A 13 38.97 20.13 -20.16
CA ALA A 13 37.57 19.88 -19.87
C ALA A 13 37.07 20.86 -18.82
N VAL A 14 35.89 21.42 -19.05
CA VAL A 14 35.22 22.29 -18.10
C VAL A 14 34.03 21.51 -17.55
N ILE A 15 34.10 21.17 -16.27
CA ILE A 15 33.09 20.35 -15.62
C ILE A 15 32.33 21.22 -14.65
N THR A 16 31.01 21.29 -14.81
CA THR A 16 30.17 22.02 -13.88
C THR A 16 29.76 21.11 -12.74
N GLY A 17 29.74 21.67 -11.53
CA GLY A 17 29.45 20.85 -10.36
C GLY A 17 30.46 19.74 -10.17
N GLY A 18 31.71 19.99 -10.50
CA GLY A 18 32.75 18.99 -10.43
C GLY A 18 33.44 18.88 -9.08
N ALA A 19 32.86 19.47 -8.04
CA ALA A 19 33.43 19.39 -6.70
C ALA A 19 32.80 18.29 -5.86
N SER A 20 31.92 17.48 -6.43
CA SER A 20 31.27 16.42 -5.67
C SER A 20 30.49 15.52 -6.62
N GLY A 21 30.22 14.31 -6.16
CA GLY A 21 29.34 13.41 -6.88
C GLY A 21 29.92 13.00 -8.22
N LEU A 22 29.04 12.94 -9.22
CA LEU A 22 29.45 12.44 -10.53
C LEU A 22 30.52 13.32 -11.16
N GLY A 23 30.36 14.65 -11.06
CA GLY A 23 31.34 15.54 -11.64
C GLY A 23 32.74 15.32 -11.09
N LEU A 24 32.82 15.10 -9.77
CA LEU A 24 34.13 14.86 -9.17
C LEU A 24 34.77 13.59 -9.71
N ALA A 25 33.98 12.52 -9.86
CA ALA A 25 34.52 11.29 -10.41
C ALA A 25 34.97 11.47 -11.84
N THR A 26 34.19 12.20 -12.63
CA THR A 26 34.58 12.46 -14.02
C THR A 26 35.89 13.24 -14.07
N ALA A 27 36.02 14.27 -13.25
CA ALA A 27 37.26 15.04 -13.21
C ALA A 27 38.42 14.15 -12.78
N GLU A 28 38.21 13.31 -11.78
CA GLU A 28 39.26 12.40 -11.35
C GLU A 28 39.73 11.53 -12.50
N ARG A 29 38.79 10.90 -13.20
CA ARG A 29 39.17 9.99 -14.28
C ARG A 29 39.91 10.74 -15.39
N LEU A 30 39.38 11.89 -15.80
CA LEU A 30 40.00 12.61 -16.91
C LEU A 30 41.39 13.08 -16.53
N VAL A 31 41.56 13.61 -15.32
CA VAL A 31 42.88 14.09 -14.91
C VAL A 31 43.86 12.92 -14.79
N GLY A 32 43.41 11.80 -14.24
CA GLY A 32 44.28 10.64 -14.15
C GLY A 32 44.70 10.14 -15.52
N GLN A 33 43.80 10.22 -16.50
CA GLN A 33 44.15 9.78 -17.85
C GLN A 33 45.21 10.66 -18.48
N GLY A 34 45.32 11.91 -18.05
CA GLY A 34 46.32 12.81 -18.59
C GLY A 34 45.77 14.17 -18.98
N ALA A 35 44.45 14.27 -19.07
CA ALA A 35 43.82 15.51 -19.48
C ALA A 35 43.95 16.55 -18.38
N SER A 36 43.38 17.72 -18.65
CA SER A 36 43.31 18.81 -17.67
C SER A 36 41.87 19.26 -17.57
N ALA A 37 41.41 19.48 -16.34
CA ALA A 37 40.01 19.77 -16.08
C ALA A 37 39.88 21.05 -15.26
N VAL A 38 38.76 21.74 -15.46
CA VAL A 38 38.43 22.94 -14.70
C VAL A 38 37.11 22.68 -13.98
N LEU A 39 37.13 22.81 -12.66
CA LEU A 39 35.94 22.56 -11.85
C LEU A 39 35.14 23.85 -11.73
N LEU A 40 33.86 23.78 -12.09
CA LEU A 40 32.97 24.94 -12.08
C LEU A 40 31.83 24.61 -11.12
N ASP A 41 32.05 24.91 -9.85
CA ASP A 41 31.02 24.61 -8.83
C ASP A 41 30.84 25.85 -7.95
N LEU A 42 29.84 25.84 -7.09
CA LEU A 42 29.50 27.00 -6.26
C LEU A 42 30.67 27.35 -5.36
N PRO A 43 30.88 28.64 -5.07
CA PRO A 43 32.05 29.03 -4.28
C PRO A 43 32.10 28.38 -2.91
N ASN A 44 30.95 28.15 -2.29
CA ASN A 44 30.90 27.52 -0.98
C ASN A 44 30.95 26.00 -1.05
N SER A 45 31.01 25.42 -2.25
CA SER A 45 31.01 23.97 -2.41
C SER A 45 32.28 23.32 -1.88
N GLY A 46 33.31 24.11 -1.56
CA GLY A 46 34.56 23.54 -1.10
C GLY A 46 35.28 22.70 -2.15
N GLY A 47 35.19 23.10 -3.42
CA GLY A 47 35.90 22.42 -4.47
C GLY A 47 37.37 22.76 -4.56
N GLU A 48 37.83 23.78 -3.84
CA GLU A 48 39.24 24.12 -3.87
C GLU A 48 40.08 22.97 -3.31
N ALA A 49 39.60 22.32 -2.26
CA ALA A 49 40.30 21.16 -1.73
C ALA A 49 40.40 20.06 -2.77
N GLN A 50 39.30 19.84 -3.51
CA GLN A 50 39.32 18.82 -4.55
C GLN A 50 40.33 19.17 -5.64
N ALA A 51 40.37 20.44 -6.04
CA ALA A 51 41.33 20.86 -7.06
C ALA A 51 42.76 20.66 -6.58
N LYS A 52 43.02 21.01 -5.31
CA LYS A 52 44.36 20.77 -4.76
C LYS A 52 44.70 19.29 -4.77
N LYS A 53 43.75 18.45 -4.38
CA LYS A 53 44.00 17.02 -4.33
C LYS A 53 44.29 16.44 -5.70
N LEU A 54 43.53 16.88 -6.72
CA LEU A 54 43.68 16.28 -8.03
C LEU A 54 45.06 16.53 -8.62
N GLY A 55 45.58 17.74 -8.46
CA GLY A 55 46.91 18.06 -8.92
C GLY A 55 46.93 19.41 -9.61
N ASN A 56 48.01 19.66 -10.35
CA ASN A 56 48.14 20.93 -11.06
C ASN A 56 47.25 20.98 -12.29
N ASN A 57 46.93 19.82 -12.88
CA ASN A 57 46.11 19.80 -14.07
C ASN A 57 44.66 20.14 -13.80
N CYS A 58 44.27 20.31 -12.54
CA CYS A 58 42.91 20.69 -12.18
C CYS A 58 42.93 22.00 -11.42
N VAL A 59 42.01 22.89 -11.76
CA VAL A 59 41.89 24.19 -11.12
C VAL A 59 40.42 24.45 -10.83
N PHE A 60 40.11 24.93 -9.62
CA PHE A 60 38.75 25.19 -9.21
C PHE A 60 38.41 26.65 -9.52
N ALA A 61 37.36 26.85 -10.31
CA ALA A 61 36.92 28.20 -10.69
C ALA A 61 35.55 28.45 -10.11
N PRO A 62 35.43 29.22 -9.03
CA PRO A 62 34.10 29.43 -8.43
C PRO A 62 33.16 30.09 -9.42
N ALA A 63 31.92 29.60 -9.46
CA ALA A 63 30.93 30.17 -10.36
C ALA A 63 29.59 29.47 -10.12
N ASP A 64 28.53 30.13 -10.53
CA ASP A 64 27.18 29.58 -10.51
C ASP A 64 26.67 29.49 -11.94
N VAL A 65 26.17 28.32 -12.32
CA VAL A 65 25.77 28.09 -13.70
C VAL A 65 24.66 29.06 -14.09
N THR A 66 23.74 29.33 -13.16
CA THR A 66 22.63 30.23 -13.47
C THR A 66 23.14 31.63 -13.78
N SER A 67 24.15 32.09 -13.05
CA SER A 67 24.70 33.44 -13.25
C SER A 67 25.56 33.44 -14.50
N GLU A 68 25.12 34.19 -15.52
CA GLU A 68 25.87 34.25 -16.78
C GLU A 68 27.26 34.81 -16.56
N LYS A 69 27.38 35.89 -15.78
CA LYS A 69 28.68 36.50 -15.59
C LYS A 69 29.65 35.56 -14.89
N ASP A 70 29.16 34.80 -13.90
CA ASP A 70 30.04 33.86 -13.21
C ASP A 70 30.55 32.78 -14.15
N VAL A 71 29.68 32.25 -15.00
CA VAL A 71 30.12 31.23 -15.96
C VAL A 71 31.12 31.82 -16.94
N GLN A 72 30.88 33.05 -17.39
CA GLN A 72 31.83 33.69 -18.29
C GLN A 72 33.18 33.87 -17.62
N THR A 73 33.18 34.27 -16.35
CA THR A 73 34.44 34.43 -15.63
C THR A 73 35.16 33.09 -15.49
N ALA A 74 34.42 32.03 -15.17
CA ALA A 74 35.04 30.71 -15.04
C ALA A 74 35.63 30.26 -16.36
N LEU A 75 34.90 30.44 -17.46
CA LEU A 75 35.41 30.05 -18.77
C LEU A 75 36.64 30.87 -19.14
N ALA A 76 36.64 32.16 -18.83
CA ALA A 76 37.80 32.99 -19.10
C ALA A 76 39.01 32.50 -18.29
N LEU A 77 38.78 32.13 -17.03
CA LEU A 77 39.87 31.60 -16.23
C LEU A 77 40.41 30.30 -16.83
N ALA A 78 39.51 29.42 -17.28
CA ALA A 78 39.94 28.18 -17.90
C ALA A 78 40.77 28.46 -19.14
N LYS A 79 40.33 29.40 -19.98
CA LYS A 79 41.08 29.74 -21.16
C LYS A 79 42.45 30.32 -20.80
N GLY A 80 42.49 31.19 -19.80
CA GLY A 80 43.76 31.77 -19.39
C GLY A 80 44.73 30.72 -18.89
N LYS A 81 44.24 29.75 -18.12
CA LYS A 81 45.12 28.74 -17.57
C LYS A 81 45.58 27.76 -18.64
N PHE A 82 44.67 27.29 -19.49
CA PHE A 82 44.98 26.25 -20.46
C PHE A 82 44.85 26.69 -21.91
N GLY A 83 44.21 27.83 -22.19
CA GLY A 83 44.15 28.33 -23.54
C GLY A 83 43.36 27.48 -24.49
N ARG A 84 42.41 26.70 -24.00
CA ARG A 84 41.65 25.80 -24.86
C ARG A 84 40.53 25.17 -24.05
N VAL A 85 39.44 24.86 -24.73
CA VAL A 85 38.34 24.12 -24.12
C VAL A 85 37.82 23.10 -25.12
N ASP A 86 38.23 21.84 -24.93
CA ASP A 86 37.85 20.78 -25.86
C ASP A 86 36.65 19.98 -25.38
N VAL A 87 36.37 19.97 -24.08
CA VAL A 87 35.27 19.19 -23.52
C VAL A 87 34.51 20.04 -22.53
N ALA A 88 33.19 19.91 -22.54
CA ALA A 88 32.33 20.52 -21.54
C ALA A 88 31.44 19.43 -20.98
N VAL A 89 31.32 19.37 -19.66
CA VAL A 89 30.49 18.39 -18.98
C VAL A 89 29.58 19.13 -18.01
N ASN A 90 28.29 18.84 -18.07
CA ASN A 90 27.28 19.49 -17.24
C ASN A 90 26.77 18.45 -16.25
N CYS A 91 27.35 18.43 -15.05
CA CYS A 91 26.97 17.50 -14.00
C CYS A 91 26.54 18.23 -12.73
N ALA A 92 26.04 19.46 -12.89
CA ALA A 92 25.63 20.30 -11.77
C ALA A 92 24.12 20.38 -11.74
N GLY A 93 23.51 20.00 -10.62
CA GLY A 93 22.07 20.05 -10.50
C GLY A 93 21.64 19.78 -9.08
N ILE A 94 20.35 20.02 -8.85
CA ILE A 94 19.74 19.82 -7.54
C ILE A 94 18.46 19.01 -7.74
N ALA A 95 18.01 18.37 -6.66
CA ALA A 95 16.82 17.56 -6.66
C ALA A 95 15.85 18.07 -5.60
N VAL A 96 14.57 18.10 -5.97
CA VAL A 96 13.51 18.54 -5.07
C VAL A 96 12.40 17.50 -5.09
N ALA A 97 12.02 17.03 -3.90
CA ALA A 97 10.94 16.05 -3.75
C ALA A 97 9.75 16.76 -3.13
N SER A 98 8.66 16.87 -3.90
CA SER A 98 7.46 17.54 -3.41
C SER A 98 6.31 17.17 -4.32
N LYS A 99 5.23 16.65 -3.73
CA LYS A 99 4.09 16.24 -4.53
C LYS A 99 3.44 17.45 -5.20
N THR A 100 2.93 17.25 -6.41
CA THR A 100 2.32 18.36 -7.14
C THR A 100 1.16 18.95 -6.35
N TYR A 101 0.30 18.09 -5.81
CA TYR A 101 -0.80 18.55 -4.95
C TYR A 101 -1.20 17.40 -4.05
N ASN A 102 -1.20 17.62 -2.75
CA ASN A 102 -1.56 16.61 -1.77
C ASN A 102 -2.93 16.98 -1.22
N LEU A 103 -3.97 16.33 -1.74
CA LEU A 103 -5.33 16.68 -1.34
C LEU A 103 -5.53 16.47 0.16
N LYS A 104 -5.05 15.34 0.68
CA LYS A 104 -5.27 15.02 2.09
C LYS A 104 -4.77 16.13 2.99
N LYS A 105 -3.51 16.52 2.81
CA LYS A 105 -2.93 17.60 3.60
C LYS A 105 -3.35 18.98 3.12
N GLY A 106 -4.01 19.07 1.96
CA GLY A 106 -4.32 20.38 1.41
C GLY A 106 -3.08 21.19 1.11
N GLN A 107 -2.05 20.56 0.56
CA GLN A 107 -0.77 21.20 0.28
C GLN A 107 -0.56 21.22 -1.22
N THR A 108 -0.16 22.38 -1.74
CA THR A 108 0.06 22.59 -3.16
C THR A 108 1.53 22.86 -3.41
N HIS A 109 2.08 22.21 -4.44
CA HIS A 109 3.49 22.38 -4.78
C HIS A 109 3.81 23.87 -4.94
N THR A 110 4.84 24.32 -4.24
CA THR A 110 5.22 25.72 -4.29
C THR A 110 5.85 26.05 -5.63
N LEU A 111 5.60 27.25 -6.12
CA LEU A 111 6.17 27.67 -7.40
C LEU A 111 7.64 28.04 -7.27
N GLU A 112 8.06 28.51 -6.10
CA GLU A 112 9.46 28.87 -5.91
C GLU A 112 10.36 27.65 -6.05
N ASP A 113 9.95 26.50 -5.50
CA ASP A 113 10.76 25.30 -5.63
C ASP A 113 10.91 24.89 -7.09
N PHE A 114 9.80 24.92 -7.83
CA PHE A 114 9.84 24.57 -9.25
C PHE A 114 10.76 25.51 -10.01
N GLN A 115 10.62 26.81 -9.74
CA GLN A 115 11.44 27.78 -10.45
C GLN A 115 12.92 27.59 -10.14
N ARG A 116 13.25 27.34 -8.87
CA ARG A 116 14.64 27.14 -8.50
C ARG A 116 15.19 25.89 -9.16
N VAL A 117 14.42 24.81 -9.18
CA VAL A 117 14.90 23.57 -9.78
C VAL A 117 15.17 23.78 -11.26
N LEU A 118 14.22 24.40 -11.97
CA LEU A 118 14.45 24.67 -13.39
C LEU A 118 15.68 25.53 -13.58
N ASP A 119 15.79 26.63 -12.83
CA ASP A 119 16.92 27.53 -13.00
C ASP A 119 18.24 26.79 -12.83
N VAL A 120 18.36 26.01 -11.77
CA VAL A 120 19.64 25.35 -11.49
C VAL A 120 19.94 24.29 -12.54
N ASN A 121 18.97 23.43 -12.85
CA ASN A 121 19.26 22.32 -13.75
C ASN A 121 19.20 22.74 -15.22
N LEU A 122 18.01 23.11 -15.70
CA LEU A 122 17.82 23.26 -17.13
C LEU A 122 18.42 24.57 -17.63
N MET A 123 18.06 25.68 -17.00
CA MET A 123 18.61 26.97 -17.42
C MET A 123 20.12 26.98 -17.22
N GLY A 124 20.60 26.41 -16.12
CA GLY A 124 22.03 26.34 -15.91
C GLY A 124 22.74 25.57 -17.00
N THR A 125 22.22 24.40 -17.34
CA THR A 125 22.84 23.59 -18.39
C THR A 125 22.84 24.33 -19.72
N PHE A 126 21.72 24.96 -20.07
CA PHE A 126 21.69 25.66 -21.35
C PHE A 126 22.61 26.86 -21.35
N ASN A 127 22.71 27.56 -20.23
CA ASN A 127 23.60 28.71 -20.16
C ASN A 127 25.05 28.26 -20.34
N VAL A 128 25.44 27.19 -19.66
CA VAL A 128 26.79 26.67 -19.82
C VAL A 128 27.02 26.25 -21.27
N ILE A 129 26.04 25.59 -21.87
CA ILE A 129 26.18 25.12 -23.25
C ILE A 129 26.41 26.31 -24.18
N ARG A 130 25.54 27.31 -24.10
CA ARG A 130 25.64 28.43 -25.04
C ARG A 130 26.93 29.19 -24.83
N LEU A 131 27.35 29.39 -23.58
CA LEU A 131 28.59 30.13 -23.34
C LEU A 131 29.80 29.36 -23.83
N VAL A 132 29.91 28.08 -23.44
CA VAL A 132 31.07 27.29 -23.83
C VAL A 132 31.08 27.01 -25.33
N ALA A 133 29.94 27.17 -26.00
CA ALA A 133 29.93 26.98 -27.45
C ALA A 133 30.90 27.94 -28.12
N GLY A 134 30.95 29.20 -27.66
CA GLY A 134 31.87 30.15 -28.24
C GLY A 134 33.32 29.71 -28.08
N GLU A 135 33.70 29.34 -26.85
CA GLU A 135 35.08 28.93 -26.62
C GLU A 135 35.44 27.72 -27.44
N MET A 136 34.56 26.73 -27.52
CA MET A 136 34.86 25.55 -28.33
C MET A 136 34.93 25.91 -29.81
N GLY A 137 34.09 26.83 -30.27
CA GLY A 137 34.17 27.28 -31.65
C GLY A 137 35.48 27.96 -31.96
N GLN A 138 36.06 28.67 -30.98
CA GLN A 138 37.35 29.31 -31.20
C GLN A 138 38.43 28.31 -31.57
N ASN A 139 38.28 27.04 -31.18
CA ASN A 139 39.30 26.04 -31.46
C ASN A 139 39.42 25.80 -32.95
N GLU A 140 40.62 25.44 -33.37
CA GLU A 140 40.85 25.01 -34.74
C GLU A 140 40.29 23.61 -34.93
N PRO A 141 39.39 23.37 -35.89
CA PRO A 141 38.76 22.04 -35.98
C PRO A 141 39.80 20.95 -36.12
N ASP A 142 39.56 19.84 -35.43
CA ASP A 142 40.43 18.69 -35.53
C ASP A 142 40.46 18.15 -36.95
N GLN A 143 41.37 17.22 -37.20
CA GLN A 143 41.44 16.59 -38.52
C GLN A 143 40.11 15.96 -38.89
N GLY A 144 39.49 15.26 -37.94
CA GLY A 144 38.17 14.70 -38.18
C GLY A 144 37.14 15.78 -38.45
N GLY A 145 37.21 16.88 -37.71
CA GLY A 145 36.32 17.99 -37.93
C GLY A 145 35.77 18.60 -36.66
N GLN A 146 35.62 17.80 -35.62
CA GLN A 146 34.95 18.28 -34.42
C GLN A 146 35.83 19.25 -33.66
N ARG A 147 35.25 20.38 -33.26
CA ARG A 147 35.97 21.33 -32.42
C ARG A 147 35.93 20.94 -30.95
N GLY A 148 34.88 20.26 -30.51
CA GLY A 148 34.79 19.86 -29.12
C GLY A 148 33.54 19.04 -28.90
N VAL A 149 33.36 18.61 -27.65
CA VAL A 149 32.26 17.77 -27.25
C VAL A 149 31.60 18.34 -26.00
N ILE A 150 30.27 18.37 -26.00
CA ILE A 150 29.48 18.79 -24.86
C ILE A 150 28.66 17.60 -24.39
N ILE A 151 28.71 17.32 -23.10
CA ILE A 151 28.02 16.18 -22.50
C ILE A 151 27.15 16.72 -21.37
N ASN A 152 25.90 16.29 -21.34
CA ASN A 152 24.93 16.73 -20.35
C ASN A 152 24.56 15.57 -19.45
N THR A 153 24.21 15.88 -18.20
CA THR A 153 23.72 14.88 -17.26
C THR A 153 22.22 15.05 -17.09
N ALA A 154 21.50 13.94 -17.13
CA ALA A 154 20.06 13.94 -16.95
C ALA A 154 19.70 12.81 -15.99
N SER A 155 18.41 12.47 -15.90
CA SER A 155 17.97 11.38 -15.05
C SER A 155 16.94 10.56 -15.80
N VAL A 156 16.81 9.30 -15.38
CA VAL A 156 15.76 8.45 -15.92
C VAL A 156 14.39 9.05 -15.63
N ALA A 157 14.31 9.95 -14.65
CA ALA A 157 13.05 10.64 -14.37
C ALA A 157 12.57 11.38 -15.60
N ALA A 158 13.48 11.78 -16.50
CA ALA A 158 13.07 12.42 -17.73
C ALA A 158 12.16 11.53 -18.57
N PHE A 159 12.20 10.22 -18.35
CA PHE A 159 11.36 9.27 -19.07
C PHE A 159 10.26 8.71 -18.20
N GLU A 160 10.53 8.42 -16.93
CA GLU A 160 9.50 7.94 -16.01
C GLU A 160 9.91 8.39 -14.62
N GLY A 161 9.36 9.51 -14.16
CA GLY A 161 9.67 10.04 -12.86
C GLY A 161 8.66 9.57 -11.83
N GLN A 162 9.16 9.14 -10.68
CA GLN A 162 8.28 8.65 -9.63
C GLN A 162 7.57 9.81 -8.95
N VAL A 163 6.62 9.47 -8.08
CA VAL A 163 5.79 10.48 -7.44
C VAL A 163 6.67 11.48 -6.70
N GLY A 164 6.17 12.72 -6.60
CA GLY A 164 6.92 13.77 -5.94
C GLY A 164 8.22 14.10 -6.65
N GLN A 165 8.19 14.09 -7.99
CA GLN A 165 9.37 14.35 -8.79
C GLN A 165 9.02 15.22 -9.99
N ALA A 166 8.01 16.09 -9.86
CA ALA A 166 7.52 16.84 -11.00
C ALA A 166 8.57 17.82 -11.51
N ALA A 167 9.15 18.63 -10.63
CA ALA A 167 10.08 19.66 -11.09
C ALA A 167 11.36 19.04 -11.63
N TYR A 168 11.86 18.02 -10.97
CA TYR A 168 13.12 17.39 -11.43
C TYR A 168 12.86 16.74 -12.79
N SER A 169 11.74 16.05 -12.92
CA SER A 169 11.42 15.43 -14.19
C SER A 169 11.24 16.48 -15.27
N ALA A 170 10.64 17.62 -14.94
CA ALA A 170 10.48 18.67 -15.93
C ALA A 170 11.83 19.17 -16.42
N SER A 171 12.75 19.44 -15.49
CA SER A 171 14.06 19.93 -15.88
C SER A 171 14.80 18.91 -16.74
N LYS A 172 14.81 17.65 -16.32
CA LYS A 172 15.55 16.65 -17.09
C LYS A 172 14.89 16.36 -18.42
N GLY A 173 13.56 16.40 -18.48
CA GLY A 173 12.89 16.25 -19.76
C GLY A 173 13.20 17.41 -20.69
N GLY A 174 13.34 18.62 -20.15
CA GLY A 174 13.79 19.72 -20.97
C GLY A 174 15.19 19.50 -21.52
N ILE A 175 16.10 19.00 -20.68
CA ILE A 175 17.44 18.70 -21.15
C ILE A 175 17.38 17.69 -22.28
N VAL A 176 16.60 16.62 -22.08
CA VAL A 176 16.50 15.58 -23.10
C VAL A 176 15.94 16.16 -24.39
N GLY A 177 14.90 16.97 -24.29
CA GLY A 177 14.31 17.55 -25.49
C GLY A 177 15.28 18.43 -26.25
N MET A 178 16.02 19.27 -25.54
CA MET A 178 16.94 20.20 -26.20
C MET A 178 18.26 19.55 -26.58
N THR A 179 18.49 18.29 -26.19
CA THR A 179 19.71 17.62 -26.62
C THR A 179 19.88 17.66 -28.13
N LEU A 180 18.84 17.30 -28.87
CA LEU A 180 18.98 17.14 -30.31
C LEU A 180 19.02 18.48 -31.02
N PRO A 181 18.13 19.43 -30.70
CA PRO A 181 18.21 20.74 -31.36
C PRO A 181 19.56 21.39 -31.23
N ILE A 182 20.19 21.30 -30.06
CA ILE A 182 21.52 21.88 -29.90
C ILE A 182 22.54 21.10 -30.71
N ALA A 183 22.38 19.78 -30.78
CA ALA A 183 23.29 18.97 -31.58
C ALA A 183 23.24 19.39 -33.04
N ARG A 184 22.04 19.70 -33.54
CA ARG A 184 21.93 20.19 -34.91
C ARG A 184 22.45 21.61 -35.04
N ASP A 185 22.21 22.45 -34.03
CA ASP A 185 22.65 23.84 -34.10
C ASP A 185 24.17 23.93 -34.18
N LEU A 186 24.86 23.12 -33.40
CA LEU A 186 26.31 23.18 -33.35
C LEU A 186 26.98 22.21 -34.31
N ALA A 187 26.20 21.42 -35.06
CA ALA A 187 26.82 20.53 -36.04
C ALA A 187 27.63 21.27 -37.08
N PRO A 188 27.17 22.39 -37.64
CA PRO A 188 28.00 23.08 -38.64
C PRO A 188 29.37 23.48 -38.11
N ILE A 189 29.49 23.78 -36.82
CA ILE A 189 30.75 24.19 -36.24
C ILE A 189 31.45 23.03 -35.54
N GLY A 190 31.03 21.80 -35.81
CA GLY A 190 31.76 20.63 -35.35
C GLY A 190 31.83 20.46 -33.86
N ILE A 191 30.71 20.60 -33.16
CA ILE A 191 30.61 20.34 -31.73
C ILE A 191 29.54 19.29 -31.51
N ARG A 192 29.89 18.22 -30.83
CA ARG A 192 28.98 17.10 -30.58
C ARG A 192 28.34 17.27 -29.21
N VAL A 193 27.02 17.11 -29.14
CA VAL A 193 26.27 17.19 -27.91
C VAL A 193 25.66 15.83 -27.61
N MET A 194 25.93 15.32 -26.41
CA MET A 194 25.43 14.03 -25.98
C MET A 194 24.87 14.16 -24.57
N THR A 195 23.91 13.30 -24.25
CA THR A 195 23.27 13.30 -22.94
C THR A 195 23.41 11.93 -22.30
N ILE A 196 23.68 11.93 -21.00
CA ILE A 196 23.75 10.70 -20.22
C ILE A 196 22.65 10.77 -19.18
N ALA A 197 21.84 9.73 -19.12
CA ALA A 197 20.72 9.69 -18.18
C ALA A 197 20.99 8.65 -17.10
N PRO A 198 21.82 8.97 -16.11
CA PRO A 198 22.08 8.01 -15.04
C PRO A 198 20.80 7.66 -14.29
N GLY A 199 20.83 6.48 -13.68
CA GLY A 199 19.72 6.02 -12.88
C GLY A 199 19.95 6.37 -11.43
N LEU A 200 20.37 5.40 -10.63
CA LEU A 200 20.76 5.65 -9.26
C LEU A 200 22.27 5.49 -9.12
N PHE A 201 22.89 6.44 -8.41
CA PHE A 201 24.33 6.46 -8.23
C PHE A 201 24.63 6.98 -6.83
N GLY A 202 25.40 6.23 -6.06
CA GLY A 202 25.73 6.66 -4.72
C GLY A 202 26.45 7.98 -4.71
N THR A 203 25.76 9.04 -4.32
CA THR A 203 26.32 10.39 -4.29
C THR A 203 25.58 11.18 -3.24
N PRO A 204 26.06 12.38 -2.92
CA PRO A 204 25.34 13.21 -1.94
C PRO A 204 23.92 13.54 -2.35
N LEU A 205 23.57 13.41 -3.63
CA LEU A 205 22.20 13.71 -4.05
C LEU A 205 21.21 12.77 -3.38
N LEU A 206 21.56 11.49 -3.25
CA LEU A 206 20.71 10.53 -2.57
C LEU A 206 20.64 10.75 -1.07
N THR A 207 21.48 11.63 -0.53
CA THR A 207 21.47 11.84 0.92
C THR A 207 20.10 12.29 1.41
N SER A 208 19.32 12.95 0.56
CA SER A 208 17.99 13.39 0.96
C SER A 208 17.09 12.20 1.31
N LEU A 209 17.16 11.14 0.51
CA LEU A 209 16.29 10.00 0.74
C LEU A 209 16.69 9.26 2.02
N PRO A 210 15.74 8.59 2.67
CA PRO A 210 16.11 7.75 3.81
C PRO A 210 16.96 6.57 3.38
N GLU A 211 17.76 6.08 4.33
CA GLU A 211 18.67 4.98 4.01
C GLU A 211 17.90 3.74 3.56
N LYS A 212 16.78 3.45 4.21
CA LYS A 212 16.01 2.27 3.84
C LYS A 212 15.48 2.38 2.42
N VAL A 213 15.03 3.58 2.03
CA VAL A 213 14.55 3.78 0.66
C VAL A 213 15.68 3.55 -0.33
N CYS A 214 16.87 4.07 -0.03
CA CYS A 214 18.01 3.86 -0.91
C CYS A 214 18.33 2.37 -1.03
N ASN A 215 18.30 1.64 0.08
CA ASN A 215 18.57 0.21 0.04
C ASN A 215 17.54 -0.51 -0.81
N PHE A 216 16.27 -0.17 -0.65
CA PHE A 216 15.25 -0.82 -1.46
C PHE A 216 15.45 -0.54 -2.93
N LEU A 217 15.69 0.73 -3.28
CA LEU A 217 15.90 1.06 -4.68
C LEU A 217 17.10 0.32 -5.25
N ALA A 218 18.19 0.24 -4.48
CA ALA A 218 19.36 -0.50 -4.92
C ALA A 218 19.00 -1.96 -5.16
N SER A 219 18.24 -2.56 -4.26
CA SER A 219 17.82 -3.94 -4.44
C SER A 219 16.96 -4.10 -5.68
N GLN A 220 16.27 -3.05 -6.08
CA GLN A 220 15.36 -3.14 -7.23
C GLN A 220 16.05 -2.96 -8.57
N VAL A 221 17.35 -2.70 -8.59
CA VAL A 221 18.08 -2.62 -9.86
C VAL A 221 18.23 -4.02 -10.43
N PRO A 222 17.82 -4.29 -11.68
CA PRO A 222 17.95 -5.66 -12.21
C PRO A 222 19.37 -6.20 -12.11
N PHE A 223 20.33 -5.51 -12.71
CA PHE A 223 21.71 -5.93 -12.60
C PHE A 223 22.64 -4.82 -13.08
N PRO A 224 23.71 -4.51 -12.34
CA PRO A 224 24.11 -5.08 -11.06
C PRO A 224 23.22 -4.55 -9.95
N SER A 225 22.87 -5.37 -8.96
CA SER A 225 21.93 -4.99 -7.92
C SER A 225 22.64 -4.14 -6.87
N ARG A 226 22.92 -2.90 -7.25
CA ARG A 226 23.57 -1.95 -6.35
C ARG A 226 23.46 -0.55 -6.97
N LEU A 227 23.71 0.46 -6.16
CA LEU A 227 23.78 1.81 -6.66
C LEU A 227 25.01 1.97 -7.54
N GLY A 228 24.81 2.53 -8.74
CA GLY A 228 25.92 2.67 -9.65
C GLY A 228 27.02 3.52 -9.06
N ASP A 229 28.25 3.08 -9.23
CA ASP A 229 29.39 3.85 -8.76
C ASP A 229 29.63 5.04 -9.70
N PRO A 230 30.06 6.18 -9.17
CA PRO A 230 30.37 7.32 -10.06
C PRO A 230 31.44 6.99 -11.08
N ALA A 231 32.39 6.11 -10.75
CA ALA A 231 33.43 5.77 -11.71
C ALA A 231 32.85 5.21 -13.00
N GLU A 232 31.74 4.49 -12.92
CA GLU A 232 31.10 3.98 -14.13
C GLU A 232 30.60 5.12 -15.00
N TYR A 233 30.00 6.14 -14.39
CA TYR A 233 29.57 7.30 -15.15
C TYR A 233 30.77 8.01 -15.78
N ALA A 234 31.86 8.13 -15.03
CA ALA A 234 33.07 8.75 -15.59
C ALA A 234 33.58 7.94 -16.78
N HIS A 235 33.56 6.62 -16.67
CA HIS A 235 34.01 5.79 -17.78
C HIS A 235 33.11 5.98 -19.00
N LEU A 236 31.80 6.06 -18.79
CA LEU A 236 30.90 6.30 -19.92
C LEU A 236 31.19 7.65 -20.56
N VAL A 237 31.48 8.66 -19.74
CA VAL A 237 31.79 9.98 -20.29
C VAL A 237 33.07 9.91 -21.12
N GLN A 238 34.07 9.19 -20.63
CA GLN A 238 35.30 9.04 -21.41
C GLN A 238 35.01 8.34 -22.72
N ALA A 239 34.19 7.29 -22.69
CA ALA A 239 33.84 6.59 -23.92
C ALA A 239 33.14 7.53 -24.90
N ILE A 240 32.22 8.35 -24.41
CA ILE A 240 31.52 9.29 -25.28
C ILE A 240 32.52 10.25 -25.91
N ILE A 241 33.46 10.76 -25.11
CA ILE A 241 34.44 11.69 -25.64
C ILE A 241 35.27 11.02 -26.73
N GLU A 242 35.71 9.79 -26.48
CA GLU A 242 36.59 9.13 -27.43
C GLU A 242 35.89 8.87 -28.76
N ASN A 243 34.68 8.36 -28.71
CA ASN A 243 33.97 7.97 -29.94
C ASN A 243 33.61 9.21 -30.74
N PRO A 244 34.06 9.35 -32.00
CA PRO A 244 33.72 10.54 -32.79
C PRO A 244 32.40 10.48 -33.54
N PHE A 245 31.54 9.50 -33.28
CA PHE A 245 30.28 9.38 -34.01
C PHE A 245 29.04 9.48 -33.13
N LEU A 246 29.15 9.24 -31.83
CA LEU A 246 28.03 9.45 -30.94
C LEU A 246 27.63 10.92 -30.94
N ASN A 247 26.34 11.20 -31.08
CA ASN A 247 25.90 12.58 -31.13
C ASN A 247 24.38 12.64 -31.01
N GLY A 248 23.90 13.59 -30.24
CA GLY A 248 22.46 13.83 -30.13
C GLY A 248 21.68 12.65 -29.63
N GLU A 249 22.18 11.96 -28.61
CA GLU A 249 21.53 10.77 -28.08
C GLU A 249 21.53 10.81 -26.56
N VAL A 250 20.54 10.18 -25.97
CA VAL A 250 20.44 10.03 -24.52
C VAL A 250 20.72 8.58 -24.17
N ILE A 251 21.74 8.37 -23.35
CA ILE A 251 22.18 7.02 -22.98
C ILE A 251 21.72 6.76 -21.55
N ARG A 252 20.82 5.79 -21.39
CA ARG A 252 20.26 5.46 -20.09
C ARG A 252 21.24 4.58 -19.34
N LEU A 253 22.16 5.21 -18.62
CA LEU A 253 23.10 4.48 -17.76
C LEU A 253 22.40 4.21 -16.42
N ASP A 254 21.38 3.36 -16.49
CA ASP A 254 20.48 3.14 -15.37
C ASP A 254 20.60 1.76 -14.74
N GLY A 255 21.31 0.84 -15.36
CA GLY A 255 21.34 -0.52 -14.86
C GLY A 255 20.08 -1.31 -15.12
N ALA A 256 19.25 -0.86 -16.05
CA ALA A 256 18.00 -1.50 -16.48
C ALA A 256 16.87 -1.28 -15.49
N ILE A 257 17.04 -0.40 -14.52
CA ILE A 257 15.98 -0.13 -13.55
C ILE A 257 14.94 0.79 -14.18
N ARG A 258 13.67 0.46 -13.98
CA ARG A 258 12.55 1.30 -14.41
C ARG A 258 11.76 1.68 -13.16
N MET A 259 11.54 2.98 -12.97
CA MET A 259 10.98 3.49 -11.73
C MET A 259 9.46 3.33 -11.74
N GLN A 260 8.94 2.51 -10.82
CA GLN A 260 7.51 2.40 -10.61
C GLN A 260 7.01 3.58 -9.80
N PRO A 261 5.69 3.84 -9.79
CA PRO A 261 5.14 4.95 -9.04
C PRO A 261 5.63 5.00 -7.60
N SER B 7 -20.80 12.06 -23.77
CA SER B 7 -20.84 13.46 -24.18
C SER B 7 -20.14 14.33 -23.14
N VAL B 8 -20.10 15.64 -23.42
CA VAL B 8 -19.44 16.60 -22.57
C VAL B 8 -20.41 17.62 -21.99
N LYS B 9 -21.71 17.37 -22.09
CA LYS B 9 -22.69 18.31 -21.57
C LYS B 9 -22.47 18.51 -20.07
N GLY B 10 -22.46 19.76 -19.64
CA GLY B 10 -22.35 20.10 -18.23
C GLY B 10 -20.93 20.20 -17.71
N LEU B 11 -19.93 19.85 -18.51
CA LEU B 11 -18.55 19.98 -18.07
C LEU B 11 -18.11 21.44 -18.09
N VAL B 12 -17.17 21.77 -17.22
CA VAL B 12 -16.56 23.09 -17.17
C VAL B 12 -15.09 22.94 -17.50
N ALA B 13 -14.64 23.65 -18.53
CA ALA B 13 -13.27 23.54 -19.02
C ALA B 13 -12.60 24.90 -18.96
N VAL B 14 -11.44 24.95 -18.32
CA VAL B 14 -10.61 26.14 -18.27
C VAL B 14 -9.54 25.99 -19.33
N ILE B 15 -9.61 26.80 -20.38
CA ILE B 15 -8.68 26.72 -21.50
C ILE B 15 -7.74 27.90 -21.42
N THR B 16 -6.45 27.63 -21.25
CA THR B 16 -5.44 28.68 -21.21
C THR B 16 -5.01 29.03 -22.62
N GLY B 17 -4.88 30.33 -22.88
CA GLY B 17 -4.59 30.78 -24.22
C GLY B 17 -5.71 30.47 -25.19
N GLY B 18 -6.96 30.52 -24.73
CA GLY B 18 -8.09 30.24 -25.58
C GLY B 18 -8.54 31.40 -26.43
N ALA B 19 -7.87 32.55 -26.33
CA ALA B 19 -8.27 33.70 -27.12
C ALA B 19 -8.11 33.41 -28.61
N SER B 20 -7.02 32.74 -28.99
CA SER B 20 -6.77 32.46 -30.39
C SER B 20 -5.96 31.18 -30.51
N GLY B 21 -6.05 30.56 -31.69
CA GLY B 21 -5.26 29.39 -31.99
C GLY B 21 -5.90 28.09 -31.57
N LEU B 22 -5.09 27.13 -31.13
CA LEU B 22 -5.62 25.83 -30.74
C LEU B 22 -6.60 25.96 -29.58
N GLY B 23 -6.28 26.78 -28.59
CA GLY B 23 -7.19 26.98 -27.49
C GLY B 23 -8.55 27.46 -27.94
N LEU B 24 -8.58 28.37 -28.91
CA LEU B 24 -9.85 28.87 -29.39
C LEU B 24 -10.65 27.78 -30.08
N ALA B 25 -9.99 26.96 -30.90
CA ALA B 25 -10.72 25.87 -31.56
C ALA B 25 -11.26 24.87 -30.55
N THR B 26 -10.46 24.54 -29.53
CA THR B 26 -10.94 23.64 -28.49
C THR B 26 -12.14 24.24 -27.78
N ALA B 27 -12.07 25.52 -27.44
CA ALA B 27 -13.20 26.17 -26.77
C ALA B 27 -14.44 26.14 -27.65
N GLU B 28 -14.27 26.44 -28.94
CA GLU B 28 -15.42 26.44 -29.84
C GLU B 28 -16.06 25.07 -29.90
N ARG B 29 -15.25 24.02 -30.06
CA ARG B 29 -15.82 22.68 -30.14
C ARG B 29 -16.53 22.30 -28.84
N LEU B 30 -15.87 22.51 -27.70
CA LEU B 30 -16.47 22.11 -26.43
C LEU B 30 -17.76 22.86 -26.17
N VAL B 31 -17.78 24.16 -26.43
CA VAL B 31 -18.99 24.94 -26.17
C VAL B 31 -20.10 24.53 -27.13
N GLY B 32 -19.75 24.24 -28.39
CA GLY B 32 -20.75 23.74 -29.32
C GLY B 32 -21.34 22.42 -28.85
N GLN B 33 -20.52 21.57 -28.24
CA GLN B 33 -21.02 20.32 -27.70
C GLN B 33 -21.90 20.51 -26.48
N GLY B 34 -21.98 21.72 -25.94
CA GLY B 34 -22.82 22.01 -24.80
C GLY B 34 -22.09 22.18 -23.49
N ALA B 35 -20.77 22.15 -23.49
CA ALA B 35 -19.99 22.31 -22.27
C ALA B 35 -19.90 23.79 -21.93
N SER B 36 -19.05 24.12 -20.96
CA SER B 36 -18.80 25.50 -20.56
C SER B 36 -17.30 25.73 -20.50
N ALA B 37 -16.86 26.88 -21.01
CA ALA B 37 -15.45 27.18 -21.14
C ALA B 37 -15.11 28.47 -20.41
N VAL B 38 -13.86 28.59 -20.00
CA VAL B 38 -13.33 29.79 -19.34
C VAL B 38 -12.01 30.13 -20.03
N LEU B 39 -12.08 30.99 -21.03
CA LEU B 39 -10.86 31.40 -21.72
C LEU B 39 -9.94 32.13 -20.74
N LEU B 40 -8.67 31.74 -20.73
CA LEU B 40 -7.69 32.28 -19.80
C LEU B 40 -6.49 32.73 -20.63
N ASP B 41 -6.59 33.92 -21.20
CA ASP B 41 -5.46 34.50 -21.98
C ASP B 41 -5.15 35.91 -21.52
N LEU B 42 -4.00 36.43 -21.93
CA LEU B 42 -3.53 37.72 -21.48
C LEU B 42 -4.57 38.80 -21.80
N PRO B 43 -4.65 39.85 -20.98
CA PRO B 43 -5.71 40.84 -21.19
C PRO B 43 -5.67 41.51 -22.56
N ASN B 44 -4.48 41.67 -23.14
CA ASN B 44 -4.36 42.33 -24.43
C ASN B 44 -4.52 41.37 -25.61
N SER B 45 -4.85 40.12 -25.36
CA SER B 45 -5.06 39.15 -26.43
C SER B 45 -6.42 39.27 -27.09
N GLY B 46 -7.29 40.15 -26.60
CA GLY B 46 -8.60 40.30 -27.20
C GLY B 46 -9.45 39.05 -27.09
N GLY B 47 -9.31 38.31 -26.00
CA GLY B 47 -10.14 37.12 -25.81
C GLY B 47 -11.54 37.41 -25.33
N GLU B 48 -11.78 38.62 -24.82
CA GLU B 48 -13.14 38.97 -24.37
C GLU B 48 -14.10 38.97 -25.56
N ALA B 49 -13.65 39.45 -26.72
CA ALA B 49 -14.50 39.41 -27.90
C ALA B 49 -14.85 37.98 -28.28
N GLN B 50 -13.87 37.08 -28.23
CA GLN B 50 -14.13 35.69 -28.54
C GLN B 50 -15.09 35.07 -27.53
N ALA B 51 -14.93 35.39 -26.25
CA ALA B 51 -15.85 34.88 -25.24
C ALA B 51 -17.26 35.37 -25.52
N LYS B 52 -17.41 36.64 -25.87
CA LYS B 52 -18.74 37.14 -26.22
C LYS B 52 -19.29 36.40 -27.43
N LYS B 53 -18.46 36.16 -28.44
CA LYS B 53 -18.94 35.46 -29.63
C LYS B 53 -19.40 34.05 -29.30
N LEU B 54 -18.66 33.35 -28.43
CA LEU B 54 -18.95 31.95 -28.18
C LEU B 54 -20.34 31.76 -27.58
N GLY B 55 -20.74 32.65 -26.68
CA GLY B 55 -22.07 32.62 -26.13
C GLY B 55 -22.02 32.90 -24.64
N ASN B 56 -23.12 32.58 -23.97
CA ASN B 56 -23.20 32.79 -22.53
C ASN B 56 -22.40 31.75 -21.76
N ASN B 57 -22.25 30.55 -22.31
CA ASN B 57 -21.51 29.51 -21.60
C ASN B 57 -20.04 29.86 -21.43
N CYS B 58 -19.48 30.60 -22.38
CA CYS B 58 -18.06 30.95 -22.34
C CYS B 58 -17.85 32.29 -21.68
N VAL B 59 -16.80 32.38 -20.86
CA VAL B 59 -16.42 33.61 -20.19
C VAL B 59 -14.92 33.81 -20.37
N PHE B 60 -14.49 35.07 -20.35
CA PHE B 60 -13.09 35.42 -20.53
C PHE B 60 -12.52 35.88 -19.21
N ALA B 61 -11.43 35.25 -18.78
CA ALA B 61 -10.76 35.58 -17.52
C ALA B 61 -9.35 36.05 -17.84
N PRO B 62 -9.09 37.36 -17.87
CA PRO B 62 -7.74 37.84 -18.23
C PRO B 62 -6.73 37.44 -17.16
N ALA B 63 -5.72 36.68 -17.56
CA ALA B 63 -4.73 36.19 -16.62
C ALA B 63 -3.43 35.92 -17.35
N ASP B 64 -2.35 35.90 -16.58
CA ASP B 64 -1.02 35.56 -17.07
C ASP B 64 -0.59 34.28 -16.36
N VAL B 65 -0.48 33.20 -17.13
CA VAL B 65 -0.27 31.88 -16.52
C VAL B 65 1.01 31.86 -15.70
N THR B 66 1.98 32.71 -16.03
CA THR B 66 3.19 32.79 -15.22
C THR B 66 2.88 33.26 -13.81
N SER B 67 1.99 34.24 -13.67
CA SER B 67 1.70 34.83 -12.38
C SER B 67 0.73 33.97 -11.59
N GLU B 68 1.10 33.62 -10.37
CA GLU B 68 0.23 32.80 -9.53
C GLU B 68 -1.06 33.54 -9.18
N LYS B 69 -0.96 34.83 -8.87
CA LYS B 69 -2.16 35.57 -8.49
C LYS B 69 -3.16 35.65 -9.62
N ASP B 70 -2.68 35.86 -10.85
CA ASP B 70 -3.58 35.96 -11.99
C ASP B 70 -4.34 34.65 -12.20
N VAL B 71 -3.61 33.53 -12.14
CA VAL B 71 -4.27 32.24 -12.32
C VAL B 71 -5.24 31.97 -11.19
N GLN B 72 -4.87 32.36 -9.96
CA GLN B 72 -5.78 32.18 -8.84
C GLN B 72 -7.06 32.97 -9.04
N THR B 73 -6.94 34.21 -9.51
CA THR B 73 -8.13 35.02 -9.78
C THR B 73 -8.97 34.39 -10.88
N ALA B 74 -8.33 33.88 -11.93
CA ALA B 74 -9.09 33.25 -13.01
C ALA B 74 -9.83 32.02 -12.51
N LEU B 75 -9.17 31.20 -11.70
CA LEU B 75 -9.81 29.99 -11.18
C LEU B 75 -10.96 30.35 -10.24
N ALA B 76 -10.77 31.36 -9.39
CA ALA B 76 -11.86 31.79 -8.52
C ALA B 76 -13.04 32.30 -9.33
N LEU B 77 -12.76 33.06 -10.39
CA LEU B 77 -13.84 33.54 -11.25
C LEU B 77 -14.58 32.38 -11.91
N ALA B 78 -13.84 31.39 -12.39
CA ALA B 78 -14.48 30.23 -13.02
C ALA B 78 -15.36 29.49 -12.02
N LYS B 79 -14.85 29.28 -10.81
CA LYS B 79 -15.65 28.61 -9.79
C LYS B 79 -16.91 29.41 -9.47
N GLY B 80 -16.78 30.73 -9.32
CA GLY B 80 -17.94 31.54 -9.05
C GLY B 80 -18.97 31.48 -10.15
N LYS B 81 -18.51 31.49 -11.41
CA LYS B 81 -19.44 31.50 -12.53
C LYS B 81 -20.12 30.15 -12.71
N PHE B 82 -19.40 29.06 -12.48
CA PHE B 82 -19.94 27.72 -12.72
C PHE B 82 -19.89 26.80 -11.52
N GLY B 83 -18.86 26.89 -10.67
CA GLY B 83 -18.77 26.09 -9.47
C GLY B 83 -17.87 24.87 -9.59
N ARG B 84 -17.55 24.45 -10.80
CA ARG B 84 -16.73 23.27 -11.03
C ARG B 84 -15.68 23.57 -12.08
N VAL B 85 -14.59 22.81 -12.04
CA VAL B 85 -13.57 22.81 -13.08
C VAL B 85 -13.31 21.34 -13.41
N ASP B 86 -14.01 20.82 -14.41
CA ASP B 86 -13.88 19.41 -14.76
C ASP B 86 -12.84 19.16 -15.83
N VAL B 87 -12.28 20.21 -16.44
CA VAL B 87 -11.28 20.05 -17.47
C VAL B 87 -10.36 21.26 -17.45
N ALA B 88 -9.08 21.03 -17.71
CA ALA B 88 -8.11 22.11 -17.79
C ALA B 88 -7.21 21.84 -18.98
N VAL B 89 -7.27 22.71 -19.98
CA VAL B 89 -6.46 22.61 -21.19
C VAL B 89 -5.39 23.67 -21.14
N ASN B 90 -4.14 23.26 -21.34
CA ASN B 90 -2.98 24.16 -21.32
C ASN B 90 -2.50 24.28 -22.76
N CYS B 91 -3.00 25.30 -23.46
CA CYS B 91 -2.60 25.60 -24.82
C CYS B 91 -1.84 26.91 -24.93
N ALA B 92 -1.70 27.66 -23.84
CA ALA B 92 -0.95 28.90 -23.89
C ALA B 92 0.53 28.60 -24.09
N GLY B 93 1.17 29.41 -24.94
CA GLY B 93 2.59 29.24 -25.19
C GLY B 93 3.10 30.17 -26.28
N ILE B 94 4.42 30.36 -26.31
CA ILE B 94 5.06 31.22 -27.29
C ILE B 94 6.26 30.47 -27.86
N ALA B 95 6.68 30.89 -29.05
CA ALA B 95 7.77 30.26 -29.76
C ALA B 95 8.82 31.29 -30.14
N VAL B 96 10.09 30.91 -29.99
CA VAL B 96 11.22 31.75 -30.36
C VAL B 96 12.17 30.91 -31.20
N ALA B 97 12.57 31.44 -32.35
CA ALA B 97 13.49 30.76 -33.26
C ALA B 97 14.84 31.45 -33.15
N SER B 98 15.74 30.88 -32.37
CA SER B 98 17.05 31.45 -32.13
C SER B 98 18.08 30.34 -32.02
N LYS B 99 19.16 30.47 -32.77
CA LYS B 99 20.20 29.44 -32.78
C LYS B 99 21.05 29.53 -31.53
N THR B 100 21.49 28.37 -31.02
CA THR B 100 22.29 28.34 -29.80
C THR B 100 23.57 29.14 -29.98
N TYR B 101 24.24 28.97 -31.12
CA TYR B 101 25.44 29.75 -31.41
C TYR B 101 25.66 29.75 -32.90
N ASN B 102 25.97 30.92 -33.45
CA ASN B 102 26.21 31.10 -34.88
C ASN B 102 27.64 31.59 -35.04
N LEU B 103 28.56 30.68 -35.33
CA LEU B 103 29.97 31.05 -35.45
C LEU B 103 30.18 32.05 -36.57
N LYS B 104 29.53 31.83 -37.71
CA LYS B 104 29.75 32.70 -38.86
C LYS B 104 29.47 34.16 -38.50
N LYS B 105 28.35 34.41 -37.83
CA LYS B 105 27.98 35.75 -37.41
C LYS B 105 28.39 36.04 -35.98
N GLY B 106 28.97 35.07 -35.27
CA GLY B 106 29.40 35.31 -33.90
C GLY B 106 28.29 35.77 -32.97
N GLN B 107 27.10 35.20 -33.13
CA GLN B 107 25.93 35.58 -32.36
C GLN B 107 25.51 34.43 -31.46
N THR B 108 25.37 34.73 -30.16
CA THR B 108 25.02 33.73 -29.17
C THR B 108 23.56 33.88 -28.76
N HIS B 109 22.89 32.76 -28.55
CA HIS B 109 21.52 32.77 -28.04
C HIS B 109 21.48 33.54 -26.72
N THR B 110 20.58 34.52 -26.64
CA THR B 110 20.46 35.31 -25.43
C THR B 110 19.72 34.51 -24.37
N LEU B 111 20.26 34.49 -23.15
CA LEU B 111 19.63 33.74 -22.08
C LEU B 111 18.26 34.30 -21.74
N GLU B 112 18.03 35.59 -22.02
CA GLU B 112 16.74 36.19 -21.69
C GLU B 112 15.61 35.55 -22.47
N ASP B 113 15.82 35.30 -23.77
CA ASP B 113 14.79 34.67 -24.58
C ASP B 113 14.50 33.27 -24.07
N PHE B 114 15.54 32.51 -23.74
CA PHE B 114 15.34 31.16 -23.23
C PHE B 114 14.54 31.19 -21.93
N GLN B 115 14.92 32.08 -21.01
CA GLN B 115 14.21 32.14 -19.74
C GLN B 115 12.75 32.54 -19.94
N ARG B 116 12.50 33.52 -20.81
CA ARG B 116 11.13 33.93 -21.06
C ARG B 116 10.31 32.80 -21.64
N VAL B 117 10.87 32.07 -22.61
CA VAL B 117 10.14 30.97 -23.23
C VAL B 117 9.83 29.90 -22.21
N LEU B 118 10.82 29.54 -21.39
CA LEU B 118 10.56 28.54 -20.34
C LEU B 118 9.46 29.02 -19.41
N ASP B 119 9.55 30.26 -18.95
CA ASP B 119 8.55 30.75 -18.02
C ASP B 119 7.15 30.69 -18.62
N VAL B 120 7.02 31.09 -19.88
CA VAL B 120 5.69 31.14 -20.49
C VAL B 120 5.16 29.73 -20.73
N ASN B 121 6.00 28.81 -21.21
CA ASN B 121 5.51 27.48 -21.59
C ASN B 121 5.53 26.51 -20.42
N LEU B 122 6.72 26.19 -19.93
CA LEU B 122 6.85 25.09 -18.96
C LEU B 122 6.40 25.53 -17.58
N MET B 123 6.96 26.63 -17.07
CA MET B 123 6.53 27.13 -15.77
C MET B 123 5.06 27.51 -15.80
N GLY B 124 4.60 28.10 -16.91
CA GLY B 124 3.19 28.44 -17.01
C GLY B 124 2.30 27.22 -16.92
N THR B 125 2.63 26.17 -17.67
CA THR B 125 1.82 24.96 -17.64
C THR B 125 1.84 24.32 -16.25
N PHE B 126 3.01 24.25 -15.62
CA PHE B 126 3.03 23.65 -14.28
C PHE B 126 2.25 24.50 -13.29
N ASN B 127 2.34 25.82 -13.40
CA ASN B 127 1.59 26.69 -12.50
C ASN B 127 0.09 26.45 -12.68
N VAL B 128 -0.37 26.39 -13.92
CA VAL B 128 -1.79 26.13 -14.16
C VAL B 128 -2.16 24.77 -13.59
N ILE B 129 -1.32 23.76 -13.78
CA ILE B 129 -1.64 22.42 -13.30
C ILE B 129 -1.79 22.44 -11.78
N ARG B 130 -0.80 22.98 -11.09
CA ARG B 130 -0.82 22.94 -9.63
C ARG B 130 -1.96 23.77 -9.07
N LEU B 131 -2.30 24.89 -9.70
CA LEU B 131 -3.38 25.71 -9.18
C LEU B 131 -4.74 25.12 -9.48
N VAL B 132 -4.93 24.52 -10.65
CA VAL B 132 -6.25 23.97 -10.99
C VAL B 132 -6.45 22.61 -10.37
N ALA B 133 -5.39 21.94 -9.92
CA ALA B 133 -5.57 20.66 -9.26
C ALA B 133 -6.41 20.81 -8.00
N GLY B 134 -6.28 21.92 -7.28
CA GLY B 134 -7.07 22.11 -6.09
C GLY B 134 -8.56 22.17 -6.40
N GLU B 135 -8.94 22.98 -7.40
CA GLU B 135 -10.35 23.09 -7.74
C GLU B 135 -10.89 21.80 -8.33
N MET B 136 -10.07 21.07 -9.08
CA MET B 136 -10.51 19.75 -9.53
C MET B 136 -10.71 18.81 -8.35
N GLY B 137 -9.82 18.86 -7.37
CA GLY B 137 -9.99 18.05 -6.17
C GLY B 137 -11.25 18.39 -5.41
N GLN B 138 -11.64 19.67 -5.39
CA GLN B 138 -12.88 20.04 -4.73
C GLN B 138 -14.05 19.21 -5.22
N ASN B 139 -14.08 18.91 -6.52
CA ASN B 139 -15.16 18.13 -7.08
C ASN B 139 -15.22 16.77 -6.39
N GLU B 140 -16.40 16.38 -5.97
CA GLU B 140 -16.59 15.04 -5.44
C GLU B 140 -16.42 14.01 -6.56
N PRO B 141 -15.85 12.85 -6.28
CA PRO B 141 -15.62 11.88 -7.36
C PRO B 141 -16.92 11.46 -8.01
N ASP B 142 -16.88 11.31 -9.33
CA ASP B 142 -18.00 10.81 -10.10
C ASP B 142 -17.89 9.28 -10.20
N GLN B 143 -18.71 8.67 -11.05
CA GLN B 143 -18.56 7.25 -11.30
C GLN B 143 -17.15 6.96 -11.80
N GLY B 144 -16.52 5.95 -11.22
CA GLY B 144 -15.14 5.66 -11.53
C GLY B 144 -14.13 6.52 -10.79
N GLY B 145 -14.58 7.43 -9.94
CA GLY B 145 -13.68 8.22 -9.11
C GLY B 145 -12.78 9.17 -9.87
N GLN B 146 -13.31 9.87 -10.87
CA GLN B 146 -12.55 10.88 -11.60
C GLN B 146 -13.01 12.26 -11.18
N ARG B 147 -12.04 13.15 -10.93
CA ARG B 147 -12.33 14.51 -10.51
C ARG B 147 -12.03 15.55 -11.57
N GLY B 148 -11.20 15.25 -12.56
CA GLY B 148 -10.90 16.20 -13.61
C GLY B 148 -9.94 15.60 -14.61
N VAL B 149 -9.75 16.33 -15.71
CA VAL B 149 -8.84 15.92 -16.77
C VAL B 149 -8.02 17.13 -17.19
N ILE B 150 -6.70 16.98 -17.20
CA ILE B 150 -5.79 18.06 -17.55
C ILE B 150 -5.04 17.65 -18.80
N ILE B 151 -5.23 18.39 -19.88
CA ILE B 151 -4.53 18.18 -21.14
C ILE B 151 -3.49 19.28 -21.31
N ASN B 152 -2.29 18.91 -21.72
CA ASN B 152 -1.21 19.86 -21.97
C ASN B 152 -0.76 19.75 -23.41
N THR B 153 -0.54 20.89 -24.06
CA THR B 153 -0.12 20.92 -25.46
C THR B 153 1.39 21.07 -25.52
N ALA B 154 2.08 19.94 -25.67
CA ALA B 154 3.51 19.95 -25.97
C ALA B 154 3.68 20.14 -27.48
N SER B 155 4.86 19.87 -28.00
CA SER B 155 5.08 19.92 -29.44
C SER B 155 6.02 18.79 -29.85
N VAL B 156 5.94 18.42 -31.13
CA VAL B 156 6.84 17.40 -31.66
C VAL B 156 8.29 17.84 -31.50
N ALA B 157 8.53 19.14 -31.40
CA ALA B 157 9.90 19.61 -31.19
C ALA B 157 10.47 19.05 -29.90
N ALA B 158 9.62 18.62 -28.96
CA ALA B 158 10.12 17.93 -27.78
C ALA B 158 10.84 16.64 -28.15
N PHE B 159 10.42 16.00 -29.24
CA PHE B 159 11.04 14.76 -29.68
C PHE B 159 12.14 15.01 -30.71
N GLU B 160 11.77 15.63 -31.83
CA GLU B 160 12.72 15.94 -32.91
C GLU B 160 12.62 17.43 -33.21
N GLY B 161 13.36 18.24 -32.48
CA GLY B 161 13.39 19.66 -32.74
C GLY B 161 14.25 20.00 -33.93
N GLN B 162 14.07 21.21 -34.44
CA GLN B 162 14.76 21.68 -35.61
C GLN B 162 15.85 22.67 -35.22
N VAL B 163 16.59 23.15 -36.23
CA VAL B 163 17.65 24.10 -36.00
C VAL B 163 17.07 25.39 -35.43
N GLY B 164 17.80 26.00 -34.50
CA GLY B 164 17.33 27.24 -33.91
C GLY B 164 16.03 27.09 -33.15
N GLN B 165 15.87 25.99 -32.44
CA GLN B 165 14.65 25.72 -31.67
C GLN B 165 15.02 25.14 -30.32
N ALA B 166 16.10 25.64 -29.72
CA ALA B 166 16.60 25.07 -28.48
C ALA B 166 15.66 25.37 -27.32
N ALA B 167 15.22 26.63 -27.19
CA ALA B 167 14.39 27.00 -26.05
C ALA B 167 13.01 26.35 -26.14
N TYR B 168 12.38 26.41 -27.31
CA TYR B 168 11.07 25.81 -27.49
C TYR B 168 11.13 24.31 -27.24
N SER B 169 12.15 23.65 -27.79
CA SER B 169 12.29 22.21 -27.58
C SER B 169 12.54 21.90 -26.11
N ALA B 170 13.33 22.72 -25.43
CA ALA B 170 13.57 22.50 -24.01
C ALA B 170 12.27 22.58 -23.22
N SER B 171 11.47 23.61 -23.49
CA SER B 171 10.21 23.76 -22.75
C SER B 171 9.29 22.58 -23.01
N LYS B 172 9.12 22.20 -24.28
CA LYS B 172 8.20 21.12 -24.58
C LYS B 172 8.71 19.77 -24.07
N GLY B 173 10.03 19.55 -24.13
CA GLY B 173 10.57 18.34 -23.55
C GLY B 173 10.37 18.29 -22.05
N GLY B 174 10.47 19.43 -21.38
CA GLY B 174 10.15 19.46 -19.97
C GLY B 174 8.70 19.12 -19.70
N ILE B 175 7.79 19.66 -20.51
CA ILE B 175 6.38 19.32 -20.35
C ILE B 175 6.18 17.83 -20.49
N VAL B 176 6.77 17.24 -21.53
CA VAL B 176 6.61 15.82 -21.77
C VAL B 176 7.19 15.00 -20.63
N GLY B 177 8.35 15.42 -20.12
CA GLY B 177 8.97 14.71 -19.03
C GLY B 177 8.13 14.74 -17.76
N MET B 178 7.55 15.89 -17.46
CA MET B 178 6.76 16.01 -16.23
C MET B 178 5.34 15.49 -16.39
N THR B 179 4.92 15.16 -17.62
CA THR B 179 3.61 14.56 -17.81
C THR B 179 3.37 13.39 -16.85
N LEU B 180 4.18 12.35 -16.97
CA LEU B 180 3.92 11.14 -16.20
C LEU B 180 4.04 11.33 -14.70
N PRO B 181 5.08 11.99 -14.17
CA PRO B 181 5.14 12.18 -12.71
C PRO B 181 3.93 12.88 -12.15
N ILE B 182 3.40 13.87 -12.86
CA ILE B 182 2.18 14.53 -12.39
C ILE B 182 1.01 13.55 -12.47
N ALA B 183 0.96 12.73 -13.52
CA ALA B 183 -0.11 11.75 -13.63
C ALA B 183 -0.09 10.81 -12.44
N ARG B 184 1.10 10.48 -11.93
CA ARG B 184 1.18 9.63 -10.75
C ARG B 184 0.86 10.41 -9.48
N ASP B 185 1.24 11.69 -9.42
CA ASP B 185 0.93 12.49 -8.25
C ASP B 185 -0.57 12.63 -8.06
N LEU B 186 -1.29 12.89 -9.14
CA LEU B 186 -2.72 13.16 -9.07
C LEU B 186 -3.57 11.91 -9.27
N ALA B 187 -2.95 10.75 -9.52
CA ALA B 187 -3.75 9.54 -9.68
C ALA B 187 -4.57 9.22 -8.45
N PRO B 188 -4.02 9.27 -7.22
CA PRO B 188 -4.87 9.01 -6.06
C PRO B 188 -6.04 9.97 -5.96
N ILE B 189 -5.83 11.23 -6.32
CA ILE B 189 -6.91 12.21 -6.28
C ILE B 189 -7.98 11.85 -7.30
N GLY B 190 -7.58 11.31 -8.44
CA GLY B 190 -8.51 10.94 -9.48
C GLY B 190 -8.55 11.95 -10.62
N ILE B 191 -7.38 12.44 -11.01
CA ILE B 191 -7.25 13.39 -12.11
C ILE B 191 -6.35 12.77 -13.16
N ARG B 192 -6.81 12.77 -14.41
CA ARG B 192 -6.08 12.18 -15.53
C ARG B 192 -5.31 13.28 -16.25
N VAL B 193 -4.00 13.10 -16.37
CA VAL B 193 -3.13 14.05 -17.06
C VAL B 193 -2.74 13.45 -18.40
N MET B 194 -2.93 14.21 -19.47
CA MET B 194 -2.62 13.78 -20.82
C MET B 194 -1.88 14.89 -21.55
N THR B 195 -1.13 14.51 -22.58
CA THR B 195 -0.35 15.45 -23.36
C THR B 195 -0.57 15.19 -24.84
N ILE B 196 -0.70 16.28 -25.59
CA ILE B 196 -0.87 16.23 -27.05
C ILE B 196 0.31 16.96 -27.67
N ALA B 197 0.97 16.31 -28.62
CA ALA B 197 2.13 16.88 -29.27
C ALA B 197 1.83 17.20 -30.72
N PRO B 198 1.11 18.29 -31.01
CA PRO B 198 0.78 18.61 -32.40
C PRO B 198 2.02 18.91 -33.21
N GLY B 199 1.90 18.70 -34.52
CA GLY B 199 3.00 18.95 -35.43
C GLY B 199 2.89 20.32 -36.07
N LEU B 200 2.47 20.38 -37.32
CA LEU B 200 2.31 21.64 -38.06
C LEU B 200 0.82 21.91 -38.21
N PHE B 201 0.33 22.91 -37.47
CA PHE B 201 -1.08 23.27 -37.47
C PHE B 201 -1.22 24.71 -37.97
N GLY B 202 -2.10 24.90 -38.94
CA GLY B 202 -2.34 26.25 -39.45
C GLY B 202 -2.97 27.12 -38.38
N THR B 203 -2.18 28.07 -37.86
CA THR B 203 -2.62 28.93 -36.77
C THR B 203 -1.88 30.24 -36.89
N PRO B 204 -2.28 31.26 -36.13
CA PRO B 204 -1.57 32.55 -36.20
C PRO B 204 -0.09 32.41 -35.94
N LEU B 205 0.33 31.40 -35.18
CA LEU B 205 1.76 31.18 -34.96
C LEU B 205 2.48 30.91 -36.28
N LEU B 206 1.90 30.06 -37.12
CA LEU B 206 2.56 29.69 -38.37
C LEU B 206 2.45 30.79 -39.43
N THR B 207 1.33 31.50 -39.47
CA THR B 207 1.12 32.49 -40.53
C THR B 207 2.23 33.53 -40.56
N SER B 208 2.81 33.85 -39.40
CA SER B 208 3.91 34.81 -39.38
C SER B 208 5.12 34.30 -40.15
N LEU B 209 5.27 32.99 -40.29
CA LEU B 209 6.39 32.43 -41.02
C LEU B 209 6.20 32.62 -42.53
N PRO B 210 7.29 32.53 -43.30
CA PRO B 210 7.19 32.80 -44.74
C PRO B 210 6.19 31.86 -45.42
N GLU B 211 5.51 32.40 -46.44
CA GLU B 211 4.53 31.60 -47.18
C GLU B 211 5.19 30.40 -47.84
N LYS B 212 6.40 30.59 -48.40
CA LYS B 212 7.13 29.45 -48.94
C LYS B 212 7.35 28.39 -47.89
N VAL B 213 7.69 28.81 -46.67
CA VAL B 213 7.88 27.85 -45.58
C VAL B 213 6.58 27.12 -45.28
N CYS B 214 5.46 27.85 -45.26
CA CYS B 214 4.17 27.20 -44.97
C CYS B 214 3.83 26.17 -46.04
N ASN B 215 4.02 26.51 -47.31
CA ASN B 215 3.69 25.57 -48.37
C ASN B 215 4.63 24.37 -48.35
N PHE B 216 5.91 24.60 -48.09
CA PHE B 216 6.86 23.49 -48.00
C PHE B 216 6.50 22.56 -46.85
N LEU B 217 6.09 23.13 -45.71
CA LEU B 217 5.69 22.30 -44.58
C LEU B 217 4.43 21.52 -44.91
N ALA B 218 3.46 22.16 -45.57
CA ALA B 218 2.24 21.46 -45.94
C ALA B 218 2.55 20.29 -46.87
N SER B 219 3.48 20.48 -47.80
CA SER B 219 3.89 19.38 -48.67
C SER B 219 4.77 18.37 -47.96
N GLN B 220 5.37 18.74 -46.83
CA GLN B 220 6.29 17.86 -46.13
C GLN B 220 5.56 16.76 -45.36
N VAL B 221 4.34 17.02 -44.91
CA VAL B 221 3.61 16.02 -44.14
C VAL B 221 3.33 14.81 -45.02
N PRO B 222 3.60 13.58 -44.59
CA PRO B 222 3.28 12.42 -45.42
C PRO B 222 1.80 12.36 -45.76
N PHE B 223 0.95 12.34 -44.74
CA PHE B 223 -0.49 12.37 -44.97
C PHE B 223 -1.23 12.74 -43.69
N PRO B 224 -2.19 13.67 -43.73
CA PRO B 224 -2.60 14.47 -44.89
C PRO B 224 -1.53 15.49 -45.25
N SER B 225 -1.26 15.69 -46.54
CA SER B 225 -0.20 16.60 -46.97
C SER B 225 -0.68 18.05 -46.88
N ARG B 226 -0.98 18.47 -45.66
CA ARG B 226 -1.46 19.81 -45.41
C ARG B 226 -1.15 20.16 -43.95
N LEU B 227 -1.50 21.38 -43.56
CA LEU B 227 -1.36 21.83 -42.19
C LEU B 227 -2.62 21.48 -41.42
N GLY B 228 -2.46 20.82 -40.29
CA GLY B 228 -3.60 20.34 -39.52
C GLY B 228 -4.54 21.46 -39.10
N ASP B 229 -5.81 21.33 -39.45
CA ASP B 229 -6.80 22.29 -39.00
C ASP B 229 -6.93 22.18 -37.47
N PRO B 230 -7.05 23.32 -36.77
CA PRO B 230 -7.18 23.23 -35.31
C PRO B 230 -8.36 22.39 -34.86
N ALA B 231 -9.40 22.26 -35.69
CA ALA B 231 -10.53 21.43 -35.34
C ALA B 231 -10.09 19.99 -35.05
N GLU B 232 -9.04 19.52 -35.71
CA GLU B 232 -8.52 18.19 -35.41
C GLU B 232 -7.98 18.13 -33.99
N TYR B 233 -7.25 19.15 -33.56
CA TYR B 233 -6.80 19.18 -32.15
C TYR B 233 -8.05 19.13 -31.29
N ALA B 234 -8.98 20.05 -31.54
CA ALA B 234 -10.15 20.10 -30.67
C ALA B 234 -10.81 18.74 -30.56
N HIS B 235 -10.92 18.02 -31.67
CA HIS B 235 -11.52 16.69 -31.63
C HIS B 235 -10.69 15.73 -30.81
N LEU B 236 -9.37 15.79 -30.94
CA LEU B 236 -8.52 14.92 -30.13
C LEU B 236 -8.67 15.25 -28.64
N VAL B 237 -8.78 16.53 -28.32
CA VAL B 237 -8.98 16.92 -26.92
C VAL B 237 -10.30 16.35 -26.41
N GLN B 238 -11.36 16.45 -27.21
CA GLN B 238 -12.64 15.89 -26.80
C GLN B 238 -12.54 14.39 -26.60
N ALA B 239 -11.83 13.70 -27.50
CA ALA B 239 -11.69 12.25 -27.36
C ALA B 239 -10.93 11.90 -26.09
N ILE B 240 -9.90 12.66 -25.76
CA ILE B 240 -9.18 12.41 -24.52
C ILE B 240 -10.10 12.62 -23.32
N ILE B 241 -10.91 13.69 -23.37
CA ILE B 241 -11.82 13.96 -22.26
C ILE B 241 -12.79 12.80 -22.08
N GLU B 242 -13.44 12.38 -23.16
CA GLU B 242 -14.47 11.35 -23.06
C GLU B 242 -13.90 10.04 -22.57
N ASN B 243 -12.76 9.63 -23.10
CA ASN B 243 -12.21 8.32 -22.78
C ASN B 243 -11.71 8.30 -21.34
N PRO B 244 -12.22 7.42 -20.48
CA PRO B 244 -11.81 7.43 -19.07
C PRO B 244 -10.54 6.66 -18.77
N PHE B 245 -9.87 6.09 -19.78
CA PHE B 245 -8.69 5.26 -19.53
C PHE B 245 -7.41 5.87 -20.06
N LEU B 246 -7.48 6.85 -20.95
CA LEU B 246 -6.28 7.52 -21.40
C LEU B 246 -5.70 8.37 -20.27
N ASN B 247 -4.41 8.19 -19.98
CA ASN B 247 -3.80 8.89 -18.86
C ASN B 247 -2.29 8.71 -18.93
N GLY B 248 -1.57 9.75 -18.54
CA GLY B 248 -0.12 9.67 -18.47
C GLY B 248 0.52 9.29 -19.79
N GLU B 249 0.06 9.87 -20.89
CA GLU B 249 0.54 9.51 -22.21
C GLU B 249 0.73 10.77 -23.04
N VAL B 250 1.63 10.67 -24.02
CA VAL B 250 1.87 11.73 -24.99
C VAL B 250 1.36 11.24 -26.34
N ILE B 251 0.52 12.04 -26.99
CA ILE B 251 -0.06 11.70 -28.28
C ILE B 251 0.47 12.67 -29.32
N ARG B 252 0.98 12.12 -30.42
CA ARG B 252 1.55 12.93 -31.50
C ARG B 252 0.47 13.12 -32.56
N LEU B 253 -0.21 14.26 -32.50
CA LEU B 253 -1.16 14.65 -33.53
C LEU B 253 -0.47 15.36 -34.67
N ASP B 254 0.57 14.71 -35.22
CA ASP B 254 1.45 15.34 -36.18
C ASP B 254 1.14 14.98 -37.63
N GLY B 255 0.62 13.78 -37.87
CA GLY B 255 0.36 13.35 -39.23
C GLY B 255 1.50 12.57 -39.85
N ALA B 256 2.27 11.83 -39.05
CA ALA B 256 3.39 11.02 -39.49
C ALA B 256 4.58 11.85 -39.94
N ILE B 257 4.58 13.15 -39.66
CA ILE B 257 5.70 14.00 -40.04
C ILE B 257 6.77 13.93 -38.98
N ARG B 258 8.01 13.70 -39.41
CA ARG B 258 9.17 13.81 -38.55
C ARG B 258 9.98 15.03 -38.97
N MET B 259 10.26 15.91 -38.02
CA MET B 259 10.82 17.21 -38.34
C MET B 259 12.10 17.08 -39.15
N GLN B 260 12.26 17.96 -40.12
CA GLN B 260 13.42 17.91 -41.00
C GLN B 260 14.70 18.12 -40.18
N PRO B 261 15.80 17.46 -40.57
CA PRO B 261 17.06 17.62 -39.84
C PRO B 261 17.49 19.07 -39.68
N SER C 7 -19.61 10.92 -38.07
CA SER C 7 -19.72 9.60 -37.45
C SER C 7 -19.00 8.56 -38.29
N VAL C 8 -19.34 7.29 -38.09
CA VAL C 8 -18.76 6.17 -38.82
C VAL C 8 -19.80 5.38 -39.59
N LYS C 9 -21.01 5.92 -39.73
CA LYS C 9 -22.07 5.19 -40.40
C LYS C 9 -21.70 4.93 -41.86
N GLY C 10 -22.09 3.77 -42.36
CA GLY C 10 -21.87 3.42 -43.75
C GLY C 10 -20.50 2.87 -44.06
N LEU C 11 -19.60 2.83 -43.10
CA LEU C 11 -18.27 2.30 -43.35
C LEU C 11 -18.30 0.78 -43.39
N VAL C 12 -17.17 0.20 -43.79
CA VAL C 12 -16.96 -1.24 -43.74
C VAL C 12 -15.65 -1.47 -43.00
N ALA C 13 -15.71 -2.26 -41.93
CA ALA C 13 -14.55 -2.52 -41.09
C ALA C 13 -14.24 -4.01 -41.11
N VAL C 14 -12.97 -4.34 -41.28
CA VAL C 14 -12.49 -5.72 -41.20
C VAL C 14 -11.72 -5.83 -39.90
N ILE C 15 -12.26 -6.58 -38.95
CA ILE C 15 -11.68 -6.69 -37.62
C ILE C 15 -11.14 -8.10 -37.46
N THR C 16 -9.82 -8.23 -37.39
CA THR C 16 -9.21 -9.54 -37.20
C THR C 16 -9.30 -9.92 -35.72
N GLY C 17 -9.57 -11.20 -35.48
CA GLY C 17 -9.80 -11.63 -34.12
C GLY C 17 -10.97 -10.91 -33.49
N GLY C 18 -12.01 -10.64 -34.29
CA GLY C 18 -13.16 -9.92 -33.81
C GLY C 18 -14.17 -10.76 -33.07
N ALA C 19 -13.93 -12.05 -32.91
CA ALA C 19 -14.86 -12.94 -32.25
C ALA C 19 -14.67 -12.97 -30.73
N SER C 20 -13.72 -12.21 -30.20
CA SER C 20 -13.50 -12.23 -28.75
C SER C 20 -12.73 -10.98 -28.34
N GLY C 21 -12.85 -10.66 -27.06
CA GLY C 21 -12.02 -9.63 -26.47
C GLY C 21 -12.15 -8.30 -27.17
N LEU C 22 -11.01 -7.64 -27.39
CA LEU C 22 -11.00 -6.28 -27.90
C LEU C 22 -11.66 -6.21 -29.27
N GLY C 23 -11.38 -7.18 -30.14
CA GLY C 23 -11.97 -7.16 -31.47
C GLY C 23 -13.49 -7.18 -31.41
N LEU C 24 -14.05 -8.02 -30.54
CA LEU C 24 -15.50 -8.07 -30.43
C LEU C 24 -16.06 -6.77 -29.90
N ALA C 25 -15.38 -6.14 -28.94
CA ALA C 25 -15.85 -4.86 -28.43
C ALA C 25 -15.84 -3.79 -29.52
N THR C 26 -14.77 -3.74 -30.30
CA THR C 26 -14.71 -2.78 -31.40
C THR C 26 -15.82 -3.04 -32.41
N ALA C 27 -16.05 -4.31 -32.74
CA ALA C 27 -17.11 -4.65 -33.67
C ALA C 27 -18.46 -4.21 -33.13
N GLU C 28 -18.70 -4.45 -31.84
CA GLU C 28 -19.97 -4.06 -31.23
C GLU C 28 -20.18 -2.57 -31.33
N ARG C 29 -19.14 -1.79 -30.98
CA ARG C 29 -19.28 -0.34 -31.03
C ARG C 29 -19.54 0.14 -32.44
N LEU C 30 -18.73 -0.32 -33.40
CA LEU C 30 -18.89 0.15 -34.77
C LEU C 30 -20.25 -0.22 -35.34
N VAL C 31 -20.71 -1.44 -35.07
CA VAL C 31 -22.02 -1.84 -35.56
C VAL C 31 -23.12 -1.01 -34.92
N GLY C 32 -23.01 -0.76 -33.61
CA GLY C 32 -23.97 0.11 -32.96
C GLY C 32 -24.01 1.48 -33.61
N GLN C 33 -22.85 2.00 -34.01
CA GLN C 33 -22.81 3.29 -34.67
C GLN C 33 -23.39 3.24 -36.08
N GLY C 34 -23.67 2.05 -36.61
CA GLY C 34 -24.27 1.90 -37.92
C GLY C 34 -23.34 1.35 -38.98
N ALA C 35 -22.05 1.23 -38.69
CA ALA C 35 -21.12 0.72 -39.67
C ALA C 35 -21.38 -0.76 -39.94
N SER C 36 -20.59 -1.34 -40.83
CA SER C 36 -20.61 -2.77 -41.11
C SER C 36 -19.25 -3.34 -40.79
N ALA C 37 -19.22 -4.56 -40.27
CA ALA C 37 -17.99 -5.18 -39.79
C ALA C 37 -17.81 -6.54 -40.45
N VAL C 38 -16.61 -7.08 -40.30
CA VAL C 38 -16.29 -8.44 -40.76
C VAL C 38 -15.35 -9.04 -39.73
N LEU C 39 -15.83 -10.01 -38.96
CA LEU C 39 -15.02 -10.65 -37.94
C LEU C 39 -14.14 -11.70 -38.61
N LEU C 40 -12.84 -11.42 -38.71
CA LEU C 40 -11.89 -12.31 -39.36
C LEU C 40 -11.12 -13.06 -38.28
N ASP C 41 -11.76 -14.10 -37.76
CA ASP C 41 -11.13 -14.89 -36.68
C ASP C 41 -11.13 -16.35 -37.07
N LEU C 42 -10.52 -17.20 -36.26
CA LEU C 42 -10.35 -18.60 -36.57
C LEU C 42 -11.73 -19.28 -36.66
N PRO C 43 -11.85 -20.31 -37.49
CA PRO C 43 -13.16 -20.98 -37.63
C PRO C 43 -13.69 -21.53 -36.32
N ASN C 44 -12.81 -22.03 -35.46
CA ASN C 44 -13.23 -22.66 -34.21
C ASN C 44 -13.31 -21.69 -33.05
N SER C 45 -13.00 -20.40 -33.26
CA SER C 45 -13.09 -19.44 -32.16
C SER C 45 -14.53 -19.30 -31.67
N GLY C 46 -15.48 -19.28 -32.59
CA GLY C 46 -16.88 -19.10 -32.23
C GLY C 46 -17.39 -17.74 -32.65
N GLY C 47 -16.82 -17.19 -33.73
CA GLY C 47 -17.22 -15.89 -34.20
C GLY C 47 -18.55 -15.86 -34.91
N GLU C 48 -19.00 -16.99 -35.44
CA GLU C 48 -20.26 -17.00 -36.17
C GLU C 48 -21.42 -16.61 -35.27
N ALA C 49 -21.41 -17.07 -34.01
CA ALA C 49 -22.48 -16.72 -33.10
C ALA C 49 -22.49 -15.21 -32.84
N GLN C 50 -21.32 -14.62 -32.62
CA GLN C 50 -21.27 -13.17 -32.39
C GLN C 50 -21.73 -12.41 -33.62
N ALA C 51 -21.30 -12.85 -34.81
CA ALA C 51 -21.70 -12.17 -36.03
C ALA C 51 -23.21 -12.23 -36.22
N LYS C 52 -23.82 -13.39 -35.94
CA LYS C 52 -25.27 -13.49 -36.02
C LYS C 52 -25.93 -12.58 -34.99
N LYS C 53 -25.39 -12.55 -33.78
CA LYS C 53 -25.99 -11.73 -32.73
C LYS C 53 -25.98 -10.26 -33.10
N LEU C 54 -24.87 -9.77 -33.66
CA LEU C 54 -24.75 -8.34 -33.93
C LEU C 54 -25.82 -7.88 -34.92
N GLY C 55 -26.06 -8.65 -35.97
CA GLY C 55 -27.10 -8.36 -36.92
C GLY C 55 -26.62 -8.57 -38.33
N ASN C 56 -27.43 -8.10 -39.29
CA ASN C 56 -27.08 -8.26 -40.69
C ASN C 56 -25.81 -7.49 -41.05
N ASN C 57 -25.52 -6.42 -40.32
CA ASN C 57 -24.34 -5.62 -40.62
C ASN C 57 -23.06 -6.44 -40.44
N CYS C 58 -22.97 -7.20 -39.36
CA CYS C 58 -21.77 -7.98 -39.06
C CYS C 58 -21.85 -9.34 -39.74
N VAL C 59 -20.74 -9.73 -40.37
CA VAL C 59 -20.64 -11.00 -41.07
C VAL C 59 -19.33 -11.67 -40.66
N PHE C 60 -19.39 -12.98 -40.44
CA PHE C 60 -18.24 -13.74 -39.97
C PHE C 60 -17.53 -14.38 -41.15
N ALA C 61 -16.22 -14.19 -41.22
CA ALA C 61 -15.38 -14.78 -42.27
C ALA C 61 -14.27 -15.59 -41.62
N PRO C 62 -14.32 -16.92 -41.66
CA PRO C 62 -13.28 -17.71 -40.98
C PRO C 62 -11.98 -17.68 -41.78
N ALA C 63 -10.91 -17.24 -41.14
CA ALA C 63 -9.62 -17.17 -41.79
C ALA C 63 -8.53 -17.14 -40.72
N ASP C 64 -7.32 -17.46 -41.13
CA ASP C 64 -6.14 -17.41 -40.28
C ASP C 64 -5.22 -16.33 -40.80
N VAL C 65 -4.86 -15.39 -39.94
CA VAL C 65 -4.07 -14.24 -40.38
C VAL C 65 -2.73 -14.70 -40.96
N THR C 66 -2.14 -15.74 -40.36
CA THR C 66 -0.87 -16.24 -40.87
C THR C 66 -0.99 -16.85 -42.26
N SER C 67 -2.19 -17.09 -42.74
CA SER C 67 -2.41 -17.71 -44.05
C SER C 67 -2.79 -16.62 -45.05
N GLU C 68 -1.97 -16.46 -46.09
CA GLU C 68 -2.24 -15.45 -47.12
C GLU C 68 -3.53 -15.77 -47.85
N LYS C 69 -3.71 -17.04 -48.23
CA LYS C 69 -4.91 -17.41 -48.99
C LYS C 69 -6.17 -17.17 -48.17
N ASP C 70 -6.14 -17.50 -46.88
CA ASP C 70 -7.32 -17.32 -46.06
C ASP C 70 -7.69 -15.85 -45.92
N VAL C 71 -6.69 -14.99 -45.73
CA VAL C 71 -6.98 -13.56 -45.63
C VAL C 71 -7.51 -13.03 -46.95
N GLN C 72 -6.96 -13.50 -48.07
CA GLN C 72 -7.48 -13.08 -49.36
C GLN C 72 -8.94 -13.50 -49.52
N THR C 73 -9.27 -14.73 -49.12
CA THR C 73 -10.64 -15.19 -49.20
C THR C 73 -11.56 -14.34 -48.33
N ALA C 74 -11.12 -14.05 -47.10
CA ALA C 74 -11.96 -13.26 -46.21
C ALA C 74 -12.19 -11.85 -46.76
N LEU C 75 -11.15 -11.22 -47.29
CA LEU C 75 -11.30 -9.88 -47.83
C LEU C 75 -12.17 -9.87 -49.07
N ALA C 76 -12.05 -10.91 -49.92
CA ALA C 76 -12.94 -11.02 -51.06
C ALA C 76 -14.38 -11.18 -50.63
N LEU C 77 -14.61 -11.99 -49.58
CA LEU C 77 -15.96 -12.14 -49.05
C LEU C 77 -16.50 -10.80 -48.54
N ALA C 78 -15.67 -10.06 -47.82
CA ALA C 78 -16.08 -8.76 -47.31
C ALA C 78 -16.44 -7.82 -48.45
N LYS C 79 -15.61 -7.77 -49.49
CA LYS C 79 -15.91 -6.92 -50.63
C LYS C 79 -17.22 -7.34 -51.30
N GLY C 80 -17.41 -8.64 -51.49
CA GLY C 80 -18.63 -9.10 -52.12
C GLY C 80 -19.87 -8.74 -51.32
N LYS C 81 -19.81 -8.90 -50.00
CA LYS C 81 -20.96 -8.64 -49.15
C LYS C 81 -21.19 -7.17 -48.88
N PHE C 82 -20.17 -6.31 -49.05
CA PHE C 82 -20.32 -4.90 -48.71
C PHE C 82 -19.85 -4.00 -49.84
N GLY C 83 -18.89 -4.44 -50.65
CA GLY C 83 -18.43 -3.69 -51.79
C GLY C 83 -17.26 -2.76 -51.54
N ARG C 84 -16.82 -2.62 -50.29
CA ARG C 84 -15.68 -1.75 -49.99
C ARG C 84 -15.11 -2.13 -48.64
N VAL C 85 -13.90 -1.66 -48.38
CA VAL C 85 -13.23 -1.83 -47.10
C VAL C 85 -12.67 -0.47 -46.70
N ASP C 86 -13.29 0.17 -45.71
CA ASP C 86 -12.89 1.49 -45.27
C ASP C 86 -11.97 1.47 -44.07
N VAL C 87 -12.08 0.47 -43.20
CA VAL C 87 -11.31 0.43 -41.96
C VAL C 87 -10.81 -1.00 -41.73
N ALA C 88 -9.62 -1.11 -41.19
CA ALA C 88 -9.05 -2.40 -40.81
C ALA C 88 -8.53 -2.31 -39.39
N VAL C 89 -8.81 -3.34 -38.60
CA VAL C 89 -8.34 -3.42 -37.22
C VAL C 89 -7.65 -4.76 -37.04
N ASN C 90 -6.44 -4.73 -36.51
CA ASN C 90 -5.65 -5.93 -36.25
C ASN C 90 -5.59 -6.09 -34.73
N CYS C 91 -6.59 -6.78 -34.20
CA CYS C 91 -6.67 -7.11 -32.78
C CYS C 91 -6.48 -8.59 -32.53
N ALA C 92 -5.99 -9.33 -33.52
CA ALA C 92 -5.82 -10.77 -33.40
C ALA C 92 -4.37 -11.08 -33.03
N GLY C 93 -4.20 -11.88 -32.00
CA GLY C 93 -2.87 -12.27 -31.58
C GLY C 93 -2.95 -13.24 -30.42
N ILE C 94 -1.78 -13.78 -30.06
CA ILE C 94 -1.66 -14.71 -28.96
C ILE C 94 -0.52 -14.25 -28.06
N ALA C 95 -0.48 -14.81 -26.86
CA ALA C 95 0.54 -14.48 -25.88
C ALA C 95 1.14 -15.76 -25.33
N VAL C 96 2.47 -15.79 -25.23
CA VAL C 96 3.19 -16.91 -24.64
C VAL C 96 4.18 -16.33 -23.64
N ALA C 97 4.17 -16.86 -22.42
CA ALA C 97 5.03 -16.39 -21.35
C ALA C 97 6.06 -17.47 -21.05
N SER C 98 7.34 -17.11 -21.11
CA SER C 98 8.41 -18.05 -20.83
C SER C 98 9.71 -17.30 -20.67
N LYS C 99 10.47 -17.64 -19.64
CA LYS C 99 11.76 -17.02 -19.43
C LYS C 99 12.74 -17.43 -20.52
N THR C 100 13.62 -16.50 -20.89
CA THR C 100 14.57 -16.80 -21.95
C THR C 100 15.46 -17.97 -21.58
N TYR C 101 15.93 -18.01 -20.34
CA TYR C 101 16.75 -19.12 -19.87
C TYR C 101 16.71 -19.15 -18.35
N ASN C 102 16.37 -20.31 -17.79
CA ASN C 102 16.29 -20.50 -16.35
C ASN C 102 17.50 -21.32 -15.91
N LEU C 103 18.38 -20.71 -15.12
CA LEU C 103 19.61 -21.38 -14.75
C LEU C 103 19.36 -22.53 -13.77
N LYS C 104 18.57 -22.28 -12.73
CA LYS C 104 18.39 -23.30 -11.70
C LYS C 104 17.78 -24.57 -12.28
N LYS C 105 16.78 -24.43 -13.13
CA LYS C 105 16.16 -25.58 -13.77
C LYS C 105 16.87 -25.99 -15.05
N GLY C 106 17.85 -25.22 -15.51
CA GLY C 106 18.53 -25.55 -16.75
C GLY C 106 17.60 -25.60 -17.93
N GLN C 107 16.61 -24.72 -17.97
CA GLN C 107 15.60 -24.71 -19.02
C GLN C 107 15.80 -23.51 -19.93
N THR C 108 15.68 -23.74 -21.23
CA THR C 108 15.88 -22.70 -22.23
C THR C 108 14.59 -22.46 -23.00
N HIS C 109 14.32 -21.20 -23.33
CA HIS C 109 13.13 -20.85 -24.08
C HIS C 109 13.09 -21.63 -25.39
N THR C 110 11.95 -22.24 -25.68
CA THR C 110 11.81 -23.01 -26.91
C THR C 110 11.74 -22.09 -28.11
N LEU C 111 12.38 -22.49 -29.20
CA LEU C 111 12.36 -21.66 -30.41
C LEU C 111 11.02 -21.75 -31.12
N GLU C 112 10.34 -22.89 -31.02
CA GLU C 112 9.05 -23.03 -31.69
C GLU C 112 8.04 -22.04 -31.13
N ASP C 113 8.05 -21.83 -29.82
CA ASP C 113 7.15 -20.86 -29.23
C ASP C 113 7.41 -19.46 -29.78
N PHE C 114 8.68 -19.07 -29.83
CA PHE C 114 9.03 -17.76 -30.36
C PHE C 114 8.57 -17.64 -31.80
N GLN C 115 8.84 -18.65 -32.62
CA GLN C 115 8.47 -18.59 -34.03
C GLN C 115 6.96 -18.49 -34.21
N ARG C 116 6.20 -19.29 -33.46
CA ARG C 116 4.76 -19.28 -33.64
C ARG C 116 4.15 -17.98 -33.15
N VAL C 117 4.67 -17.44 -32.04
CA VAL C 117 4.17 -16.14 -31.57
C VAL C 117 4.46 -15.06 -32.60
N LEU C 118 5.67 -15.07 -33.16
CA LEU C 118 5.99 -14.09 -34.19
C LEU C 118 5.05 -14.23 -35.38
N ASP C 119 4.86 -15.45 -35.87
CA ASP C 119 3.98 -15.66 -37.01
C ASP C 119 2.58 -15.13 -36.72
N VAL C 120 2.02 -15.47 -35.57
CA VAL C 120 0.63 -15.12 -35.30
C VAL C 120 0.49 -13.62 -35.14
N ASN C 121 1.38 -12.99 -34.36
CA ASN C 121 1.23 -11.56 -34.08
C ASN C 121 1.78 -10.71 -35.22
N LEU C 122 3.10 -10.74 -35.42
CA LEU C 122 3.73 -9.74 -36.28
C LEU C 122 3.52 -10.06 -37.75
N MET C 123 3.84 -11.30 -38.16
CA MET C 123 3.63 -11.67 -39.55
C MET C 123 2.16 -11.60 -39.92
N GLY C 124 1.28 -12.04 -39.02
CA GLY C 124 -0.14 -11.94 -39.30
C GLY C 124 -0.58 -10.50 -39.50
N THR C 125 -0.14 -9.61 -38.60
CA THR C 125 -0.52 -8.21 -38.73
C THR C 125 -0.02 -7.63 -40.04
N PHE C 126 1.23 -7.92 -40.42
CA PHE C 126 1.75 -7.36 -41.66
C PHE C 126 1.02 -7.92 -42.87
N ASN C 127 0.71 -9.21 -42.86
CA ASN C 127 0.00 -9.82 -43.97
C ASN C 127 -1.37 -9.17 -44.15
N VAL C 128 -2.12 -9.04 -43.05
CA VAL C 128 -3.41 -8.39 -43.13
C VAL C 128 -3.25 -6.96 -43.61
N ILE C 129 -2.21 -6.27 -43.13
CA ILE C 129 -1.99 -4.88 -43.51
C ILE C 129 -1.81 -4.76 -45.00
N ARG C 130 -0.93 -5.57 -45.59
CA ARG C 130 -0.67 -5.44 -47.01
C ARG C 130 -1.91 -5.78 -47.83
N LEU C 131 -2.59 -6.88 -47.50
CA LEU C 131 -3.75 -7.27 -48.30
C LEU C 131 -4.85 -6.21 -48.20
N VAL C 132 -5.15 -5.74 -46.99
CA VAL C 132 -6.22 -4.76 -46.87
C VAL C 132 -5.79 -3.41 -47.42
N ALA C 133 -4.48 -3.13 -47.45
CA ALA C 133 -4.02 -1.91 -48.09
C ALA C 133 -4.29 -1.96 -49.58
N GLY C 134 -4.04 -3.11 -50.21
CA GLY C 134 -4.44 -3.26 -51.59
C GLY C 134 -5.93 -3.03 -51.78
N GLU C 135 -6.73 -3.68 -50.92
CA GLU C 135 -8.18 -3.55 -51.03
C GLU C 135 -8.61 -2.09 -50.91
N MET C 136 -8.07 -1.37 -49.92
CA MET C 136 -8.42 0.02 -49.74
C MET C 136 -7.97 0.87 -50.93
N GLY C 137 -6.73 0.68 -51.37
CA GLY C 137 -6.25 1.43 -52.51
C GLY C 137 -7.13 1.23 -53.74
N GLN C 138 -7.81 0.10 -53.81
CA GLN C 138 -8.81 -0.06 -54.87
C GLN C 138 -9.99 0.88 -54.71
N ASN C 139 -10.17 1.53 -53.55
CA ASN C 139 -11.30 2.41 -53.32
C ASN C 139 -11.09 3.73 -54.05
N GLU C 140 -11.98 4.69 -53.79
CA GLU C 140 -11.87 6.05 -54.29
C GLU C 140 -11.56 7.00 -53.15
N PRO C 141 -10.80 8.06 -53.39
CA PRO C 141 -10.44 8.97 -52.30
C PRO C 141 -11.64 9.76 -51.79
N ASP C 142 -11.54 10.18 -50.54
CA ASP C 142 -12.55 11.02 -49.93
C ASP C 142 -12.17 12.49 -50.15
N GLN C 143 -12.86 13.40 -49.46
CA GLN C 143 -12.56 14.83 -49.63
C GLN C 143 -11.13 15.14 -49.26
N GLY C 144 -10.65 14.60 -48.13
CA GLY C 144 -9.29 14.81 -47.71
C GLY C 144 -8.28 13.87 -48.33
N GLY C 145 -8.73 12.96 -49.18
CA GLY C 145 -7.84 11.99 -49.79
C GLY C 145 -7.66 10.71 -49.01
N GLN C 146 -8.25 10.61 -47.81
CA GLN C 146 -8.10 9.41 -46.99
C GLN C 146 -8.87 8.27 -47.62
N ARG C 147 -8.15 7.29 -48.18
CA ARG C 147 -8.81 6.12 -48.74
C ARG C 147 -9.28 5.16 -47.65
N GLY C 148 -8.53 5.04 -46.58
CA GLY C 148 -8.91 4.12 -45.51
C GLY C 148 -8.01 4.30 -44.30
N VAL C 149 -8.30 3.50 -43.28
CA VAL C 149 -7.57 3.53 -42.02
C VAL C 149 -7.18 2.11 -41.64
N ILE C 150 -5.98 1.96 -41.10
CA ILE C 150 -5.51 0.68 -40.57
C ILE C 150 -5.03 0.91 -39.15
N ILE C 151 -5.48 0.07 -38.24
CA ILE C 151 -5.16 0.19 -36.82
C ILE C 151 -4.59 -1.13 -36.35
N ASN C 152 -3.51 -1.09 -35.59
CA ASN C 152 -2.83 -2.28 -35.10
C ASN C 152 -2.80 -2.25 -33.57
N THR C 153 -3.07 -3.39 -32.95
CA THR C 153 -3.09 -3.49 -31.49
C THR C 153 -1.73 -4.02 -31.03
N ALA C 154 -0.86 -3.12 -30.60
CA ALA C 154 0.39 -3.47 -29.96
C ALA C 154 0.15 -3.66 -28.47
N SER C 155 1.21 -3.69 -27.67
CA SER C 155 1.09 -3.82 -26.23
C SER C 155 2.08 -2.90 -25.56
N VAL C 156 1.79 -2.57 -24.30
CA VAL C 156 2.77 -1.84 -23.49
C VAL C 156 4.03 -2.66 -23.32
N ALA C 157 3.91 -3.99 -23.40
CA ALA C 157 5.09 -4.84 -23.35
C ALA C 157 6.08 -4.49 -24.45
N ALA C 158 5.61 -3.91 -25.55
CA ALA C 158 6.52 -3.46 -26.59
C ALA C 158 7.45 -2.36 -26.10
N PHE C 159 7.10 -1.69 -25.01
CA PHE C 159 7.92 -0.63 -24.44
C PHE C 159 8.63 -1.02 -23.17
N GLU C 160 7.97 -1.74 -22.26
CA GLU C 160 8.58 -2.25 -21.04
C GLU C 160 8.03 -3.65 -20.77
N GLY C 161 8.71 -4.65 -21.30
CA GLY C 161 8.29 -6.02 -21.08
C GLY C 161 8.59 -6.49 -19.68
N GLN C 162 7.89 -7.53 -19.27
CA GLN C 162 8.10 -8.17 -17.98
C GLN C 162 8.94 -9.42 -18.16
N VAL C 163 9.37 -10.00 -17.04
CA VAL C 163 10.15 -11.22 -17.08
C VAL C 163 9.31 -12.31 -17.74
N GLY C 164 9.92 -13.02 -18.69
CA GLY C 164 9.22 -14.06 -19.41
C GLY C 164 8.34 -13.59 -20.54
N GLN C 165 8.51 -12.35 -21.00
CA GLN C 165 7.74 -11.80 -22.11
C GLN C 165 8.66 -11.46 -23.27
N ALA C 166 9.63 -12.33 -23.54
CA ALA C 166 10.57 -12.06 -24.63
C ALA C 166 9.87 -12.10 -25.99
N ALA C 167 9.13 -13.17 -26.26
CA ALA C 167 8.50 -13.32 -27.57
C ALA C 167 7.37 -12.33 -27.78
N TYR C 168 6.53 -12.16 -26.77
CA TYR C 168 5.41 -11.21 -26.90
C TYR C 168 6.02 -9.85 -27.16
N SER C 169 6.95 -9.44 -26.32
CA SER C 169 7.55 -8.12 -26.46
C SER C 169 8.17 -7.96 -27.83
N ALA C 170 8.84 -9.01 -28.33
CA ALA C 170 9.44 -8.92 -29.66
C ALA C 170 8.39 -8.67 -30.72
N SER C 171 7.27 -9.41 -30.67
CA SER C 171 6.24 -9.24 -31.69
C SER C 171 5.61 -7.85 -31.63
N LYS C 172 5.23 -7.42 -30.43
CA LYS C 172 4.58 -6.12 -30.32
C LYS C 172 5.55 -4.98 -30.62
N GLY C 173 6.82 -5.13 -30.25
CA GLY C 173 7.81 -4.13 -30.64
C GLY C 173 8.01 -4.09 -32.13
N GLY C 174 7.92 -5.24 -32.79
CA GLY C 174 7.96 -5.24 -34.25
C GLY C 174 6.80 -4.45 -34.84
N ILE C 175 5.60 -4.66 -34.31
CA ILE C 175 4.46 -3.88 -34.78
C ILE C 175 4.72 -2.40 -34.57
N VAL C 176 5.20 -2.04 -33.39
CA VAL C 176 5.46 -0.63 -33.09
C VAL C 176 6.47 -0.06 -34.08
N GLY C 177 7.55 -0.78 -34.31
CA GLY C 177 8.59 -0.28 -35.20
C GLY C 177 8.10 -0.11 -36.61
N MET C 178 7.34 -1.08 -37.12
CA MET C 178 6.89 -1.01 -38.50
C MET C 178 5.69 -0.10 -38.68
N THR C 179 5.07 0.37 -37.59
CA THR C 179 3.98 1.33 -37.72
C THR C 179 4.35 2.48 -38.65
N LEU C 180 5.37 3.24 -38.28
CA LEU C 180 5.70 4.44 -39.06
C LEU C 180 6.16 4.12 -40.47
N PRO C 181 7.06 3.18 -40.71
CA PRO C 181 7.47 2.90 -42.09
C PRO C 181 6.30 2.58 -43.01
N ILE C 182 5.34 1.78 -42.52
CA ILE C 182 4.16 1.50 -43.33
C ILE C 182 3.32 2.76 -43.51
N ALA C 183 3.20 3.56 -42.45
CA ALA C 183 2.46 4.81 -42.58
C ALA C 183 3.02 5.67 -43.69
N ARG C 184 4.34 5.58 -43.88
CA ARG C 184 4.97 6.40 -44.94
C ARG C 184 4.82 5.66 -46.28
N ASP C 185 4.75 4.34 -46.26
CA ASP C 185 4.56 3.60 -47.51
C ASP C 185 3.24 3.96 -48.16
N LEU C 186 2.17 4.03 -47.37
CA LEU C 186 0.83 4.23 -47.88
C LEU C 186 0.41 5.69 -47.93
N ALA C 187 1.31 6.61 -47.58
CA ALA C 187 0.95 8.03 -47.66
C ALA C 187 0.50 8.43 -49.05
N PRO C 188 1.21 8.07 -50.12
CA PRO C 188 0.69 8.41 -51.47
C PRO C 188 -0.68 7.84 -51.74
N ILE C 189 -0.95 6.62 -51.28
CA ILE C 189 -2.26 6.02 -51.48
C ILE C 189 -3.32 6.81 -50.74
N GLY C 190 -3.04 7.23 -49.52
CA GLY C 190 -3.98 7.91 -48.69
C GLY C 190 -4.51 7.11 -47.52
N ILE C 191 -3.76 6.11 -47.06
CA ILE C 191 -4.17 5.25 -45.96
C ILE C 191 -3.38 5.63 -44.72
N ARG C 192 -4.07 5.80 -43.59
CA ARG C 192 -3.44 6.18 -42.34
C ARG C 192 -3.27 4.96 -41.46
N VAL C 193 -2.04 4.71 -41.04
CA VAL C 193 -1.70 3.58 -40.18
C VAL C 193 -1.48 4.09 -38.77
N MET C 194 -2.16 3.49 -37.80
CA MET C 194 -2.06 3.90 -36.41
C MET C 194 -1.93 2.66 -35.54
N THR C 195 -1.40 2.85 -34.35
CA THR C 195 -1.21 1.77 -33.40
C THR C 195 -1.80 2.17 -32.05
N ILE C 196 -2.44 1.20 -31.40
CA ILE C 196 -2.96 1.36 -30.05
C ILE C 196 -2.27 0.34 -29.16
N ALA C 197 -1.69 0.81 -28.07
CA ALA C 197 -0.95 -0.06 -27.17
C ALA C 197 -1.71 -0.22 -25.86
N PRO C 198 -2.75 -1.06 -25.83
CA PRO C 198 -3.50 -1.24 -24.59
C PRO C 198 -2.64 -1.82 -23.48
N GLY C 199 -3.02 -1.51 -22.25
CA GLY C 199 -2.29 -1.99 -21.09
C GLY C 199 -2.90 -3.26 -20.56
N LEU C 200 -3.64 -3.17 -19.46
CA LEU C 200 -4.36 -4.30 -18.91
C LEU C 200 -5.86 -4.07 -19.07
N PHE C 201 -6.53 -5.00 -19.75
CA PHE C 201 -7.94 -4.86 -20.08
C PHE C 201 -8.67 -6.14 -19.69
N GLY C 202 -9.83 -5.98 -19.07
CA GLY C 202 -10.64 -7.14 -18.75
C GLY C 202 -11.06 -7.86 -20.01
N THR C 203 -10.45 -9.01 -20.26
CA THR C 203 -10.72 -9.78 -21.46
C THR C 203 -10.46 -11.25 -21.12
N PRO C 204 -10.82 -12.16 -22.03
CA PRO C 204 -10.53 -13.57 -21.74
C PRO C 204 -9.06 -13.84 -21.47
N LEU C 205 -8.17 -13.02 -22.01
CA LEU C 205 -6.75 -13.20 -21.76
C LEU C 205 -6.41 -12.98 -20.29
N LEU C 206 -7.04 -11.99 -19.65
CA LEU C 206 -6.77 -11.65 -18.26
C LEU C 206 -7.84 -12.15 -17.30
N THR C 207 -9.11 -12.08 -17.68
CA THR C 207 -10.18 -12.50 -16.77
C THR C 207 -10.02 -13.95 -16.35
N SER C 208 -9.38 -14.77 -17.18
CA SER C 208 -9.20 -16.19 -16.86
C SER C 208 -8.25 -16.41 -15.70
N LEU C 209 -7.51 -15.39 -15.28
CA LEU C 209 -6.60 -15.54 -14.17
C LEU C 209 -7.37 -15.62 -12.85
N PRO C 210 -6.73 -16.11 -11.78
CA PRO C 210 -7.42 -16.18 -10.48
C PRO C 210 -8.00 -14.86 -10.05
N GLU C 211 -8.91 -14.89 -9.08
CA GLU C 211 -9.52 -13.66 -8.59
C GLU C 211 -8.47 -12.74 -7.95
N LYS C 212 -7.59 -13.32 -7.13
CA LYS C 212 -6.57 -12.51 -6.47
C LYS C 212 -5.65 -11.84 -7.49
N VAL C 213 -5.28 -12.57 -8.53
CA VAL C 213 -4.40 -12.00 -9.55
C VAL C 213 -5.08 -10.83 -10.23
N CYS C 214 -6.36 -10.97 -10.57
CA CYS C 214 -7.07 -9.87 -11.20
C CYS C 214 -7.17 -8.67 -10.27
N ASN C 215 -7.44 -8.90 -8.99
CA ASN C 215 -7.49 -7.79 -8.04
C ASN C 215 -6.15 -7.08 -7.97
N PHE C 216 -5.06 -7.84 -7.90
CA PHE C 216 -3.74 -7.23 -7.81
C PHE C 216 -3.45 -6.41 -9.06
N LEU C 217 -3.70 -6.99 -10.24
CA LEU C 217 -3.44 -6.26 -11.48
C LEU C 217 -4.27 -4.99 -11.55
N ALA C 218 -5.54 -5.05 -11.14
CA ALA C 218 -6.35 -3.85 -11.12
C ALA C 218 -5.75 -2.82 -10.17
N SER C 219 -5.25 -3.26 -9.02
CA SER C 219 -4.64 -2.32 -8.09
C SER C 219 -3.39 -1.68 -8.69
N GLN C 220 -2.70 -2.40 -9.59
CA GLN C 220 -1.47 -1.86 -10.16
C GLN C 220 -1.72 -0.57 -10.92
N VAL C 221 -2.80 -0.50 -11.68
CA VAL C 221 -3.00 0.65 -12.57
C VAL C 221 -3.12 1.92 -11.72
N PRO C 222 -2.32 2.97 -11.98
CA PRO C 222 -2.41 4.18 -11.16
C PRO C 222 -3.82 4.76 -11.12
N PHE C 223 -4.37 5.10 -12.27
CA PHE C 223 -5.74 5.57 -12.34
C PHE C 223 -6.30 5.40 -13.75
N PRO C 224 -7.46 4.74 -13.92
CA PRO C 224 -8.30 4.12 -12.89
C PRO C 224 -7.64 2.87 -12.32
N SER C 225 -8.05 2.42 -11.14
CA SER C 225 -7.49 1.22 -10.53
C SER C 225 -8.24 -0.04 -10.95
N ARG C 226 -8.84 -0.03 -12.14
CA ARG C 226 -9.59 -1.16 -12.66
C ARG C 226 -9.04 -1.55 -14.03
N LEU C 227 -9.13 -2.83 -14.34
CA LEU C 227 -8.75 -3.29 -15.67
C LEU C 227 -9.58 -2.56 -16.72
N GLY C 228 -8.90 -2.03 -17.73
CA GLY C 228 -9.58 -1.23 -18.74
C GLY C 228 -10.70 -1.99 -19.43
N ASP C 229 -11.87 -1.38 -19.51
CA ASP C 229 -12.97 -2.02 -20.21
C ASP C 229 -12.70 -2.05 -21.71
N PRO C 230 -13.04 -3.13 -22.39
CA PRO C 230 -12.84 -3.15 -23.86
C PRO C 230 -13.59 -2.04 -24.56
N ALA C 231 -14.72 -1.60 -24.01
CA ALA C 231 -15.45 -0.50 -24.63
C ALA C 231 -14.59 0.75 -24.73
N GLU C 232 -13.70 0.97 -23.77
CA GLU C 232 -12.79 2.11 -23.86
C GLU C 232 -11.86 1.96 -25.07
N TYR C 233 -11.35 0.76 -25.30
CA TYR C 233 -10.51 0.52 -26.47
C TYR C 233 -11.30 0.75 -27.75
N ALA C 234 -12.54 0.28 -27.80
CA ALA C 234 -13.37 0.51 -28.98
C ALA C 234 -13.59 2.00 -29.20
N HIS C 235 -13.83 2.75 -28.13
CA HIS C 235 -14.04 4.19 -28.26
C HIS C 235 -12.78 4.86 -28.79
N LEU C 236 -11.61 4.44 -28.30
CA LEU C 236 -10.37 5.02 -28.81
C LEU C 236 -10.19 4.71 -30.28
N VAL C 237 -10.54 3.49 -30.69
CA VAL C 237 -10.47 3.14 -32.11
C VAL C 237 -11.39 4.04 -32.93
N GLN C 238 -12.60 4.26 -32.43
CA GLN C 238 -13.52 5.16 -33.13
C GLN C 238 -12.93 6.56 -33.24
N ALA C 239 -12.31 7.04 -32.15
CA ALA C 239 -11.71 8.37 -32.17
C ALA C 239 -10.61 8.44 -33.22
N ILE C 240 -9.77 7.40 -33.29
CA ILE C 240 -8.70 7.39 -34.29
C ILE C 240 -9.28 7.41 -35.69
N ILE C 241 -10.35 6.65 -35.91
CA ILE C 241 -10.99 6.62 -37.22
C ILE C 241 -11.50 8.02 -37.58
N GLU C 242 -12.16 8.67 -36.64
CA GLU C 242 -12.80 9.95 -36.94
C GLU C 242 -11.77 11.03 -37.23
N ASN C 243 -10.71 11.10 -36.44
CA ASN C 243 -9.73 12.17 -36.60
C ASN C 243 -8.94 11.99 -37.88
N PRO C 244 -8.98 12.92 -38.84
CA PRO C 244 -8.23 12.74 -40.09
C PRO C 244 -6.77 13.16 -40.03
N PHE C 245 -6.19 13.37 -38.86
CA PHE C 245 -4.80 13.78 -38.75
C PHE C 245 -3.92 12.80 -38.02
N LEU C 246 -4.46 11.99 -37.11
CA LEU C 246 -3.67 10.97 -36.45
C LEU C 246 -3.13 9.99 -37.49
N ASN C 247 -1.84 9.72 -37.43
CA ASN C 247 -1.22 8.84 -38.42
C ASN C 247 0.20 8.50 -37.96
N GLY C 248 0.55 7.23 -38.08
CA GLY C 248 1.89 6.80 -37.73
C GLY C 248 2.26 7.11 -36.29
N GLU C 249 1.34 6.90 -35.36
CA GLU C 249 1.57 7.19 -33.96
C GLU C 249 1.10 6.02 -33.12
N VAL C 250 1.80 5.80 -32.01
CA VAL C 250 1.46 4.74 -31.06
C VAL C 250 0.82 5.39 -29.85
N ILE C 251 -0.45 5.08 -29.61
CA ILE C 251 -1.18 5.60 -28.46
C ILE C 251 -1.18 4.54 -27.37
N ARG C 252 -0.73 4.91 -26.18
CA ARG C 252 -0.68 3.98 -25.06
C ARG C 252 -1.96 4.13 -24.25
N LEU C 253 -2.93 3.27 -24.51
CA LEU C 253 -4.17 3.23 -23.73
C LEU C 253 -3.97 2.34 -22.50
N ASP C 254 -3.05 2.79 -21.65
CA ASP C 254 -2.56 1.97 -20.55
C ASP C 254 -3.11 2.37 -19.20
N GLY C 255 -3.57 3.61 -19.04
CA GLY C 255 -3.98 4.08 -17.74
C GLY C 255 -2.85 4.52 -16.85
N ALA C 256 -1.71 4.90 -17.43
CA ALA C 256 -0.52 5.39 -16.73
C ALA C 256 0.29 4.28 -16.10
N ILE C 257 -0.03 3.02 -16.37
CA ILE C 257 0.68 1.91 -15.76
C ILE C 257 1.98 1.67 -16.51
N ARG C 258 3.07 1.54 -15.77
CA ARG C 258 4.35 1.08 -16.31
C ARG C 258 4.62 -0.30 -15.72
N MET C 259 4.72 -1.31 -16.58
CA MET C 259 4.79 -2.68 -16.11
C MET C 259 5.97 -2.87 -15.17
N GLN C 260 5.73 -3.60 -14.08
CA GLN C 260 6.76 -3.82 -13.08
C GLN C 260 7.86 -4.73 -13.62
N PRO C 261 9.05 -4.68 -13.01
CA PRO C 261 10.15 -5.56 -13.43
C PRO C 261 9.78 -7.03 -13.33
N SER D 7 41.00 -3.27 -19.07
CA SER D 7 41.20 -3.87 -20.38
C SER D 7 40.25 -5.03 -20.60
N VAL D 8 40.22 -5.54 -21.82
CA VAL D 8 39.35 -6.65 -22.19
C VAL D 8 40.16 -7.92 -22.49
N LYS D 9 41.41 -7.96 -22.05
CA LYS D 9 42.24 -9.13 -22.31
C LYS D 9 41.65 -10.36 -21.68
N GLY D 10 41.67 -11.47 -22.42
CA GLY D 10 41.22 -12.75 -21.91
C GLY D 10 39.76 -13.06 -22.14
N LEU D 11 38.97 -12.09 -22.59
CA LEU D 11 37.56 -12.34 -22.86
C LEU D 11 37.39 -13.12 -24.15
N VAL D 12 36.40 -14.01 -24.17
CA VAL D 12 36.08 -14.81 -25.34
C VAL D 12 34.79 -14.27 -25.93
N ALA D 13 34.83 -13.88 -27.20
CA ALA D 13 33.72 -13.23 -27.87
C ALA D 13 33.19 -14.11 -28.99
N VAL D 14 31.87 -14.28 -29.03
CA VAL D 14 31.19 -14.95 -30.12
C VAL D 14 30.45 -13.88 -30.90
N ILE D 15 30.87 -13.64 -32.14
CA ILE D 15 30.36 -12.56 -32.95
C ILE D 15 29.63 -13.18 -34.13
N THR D 16 28.32 -13.00 -34.19
CA THR D 16 27.55 -13.48 -35.33
C THR D 16 27.78 -12.57 -36.51
N GLY D 17 27.84 -13.16 -37.70
CA GLY D 17 28.12 -12.38 -38.89
C GLY D 17 29.42 -11.63 -38.79
N GLY D 18 30.45 -12.26 -38.26
CA GLY D 18 31.73 -11.63 -38.09
C GLY D 18 32.62 -11.64 -39.31
N ALA D 19 32.14 -12.14 -40.44
CA ALA D 19 32.94 -12.22 -41.64
C ALA D 19 32.88 -10.96 -42.49
N SER D 20 32.15 -9.93 -42.07
CA SER D 20 32.05 -8.72 -42.86
C SER D 20 31.48 -7.59 -42.02
N GLY D 21 31.69 -6.38 -42.51
CA GLY D 21 31.01 -5.21 -41.96
C GLY D 21 31.26 -5.02 -40.47
N LEU D 22 30.19 -4.66 -39.76
CA LEU D 22 30.33 -4.29 -38.36
C LEU D 22 30.84 -5.46 -37.52
N GLY D 23 30.39 -6.67 -37.82
CA GLY D 23 30.87 -7.83 -37.09
C GLY D 23 32.37 -8.03 -37.27
N LEU D 24 32.85 -7.89 -38.51
CA LEU D 24 34.28 -8.02 -38.75
C LEU D 24 35.06 -6.92 -38.04
N ALA D 25 34.54 -5.70 -38.04
CA ALA D 25 35.22 -4.62 -37.35
C ALA D 25 35.31 -4.89 -35.86
N THR D 26 34.21 -5.37 -35.26
CA THR D 26 34.23 -5.69 -33.84
C THR D 26 35.22 -6.81 -33.56
N ALA D 27 35.24 -7.85 -34.40
CA ALA D 27 36.20 -8.92 -34.20
C ALA D 27 37.63 -8.40 -34.27
N GLU D 28 37.91 -7.56 -35.27
CA GLU D 28 39.24 -7.00 -35.40
C GLU D 28 39.64 -6.24 -34.14
N ARG D 29 38.78 -5.35 -33.68
CA ARG D 29 39.13 -4.54 -32.51
C ARG D 29 39.34 -5.41 -31.29
N LEU D 30 38.42 -6.35 -31.03
CA LEU D 30 38.52 -7.16 -29.83
C LEU D 30 39.77 -8.05 -29.86
N VAL D 31 40.10 -8.60 -31.04
CA VAL D 31 41.30 -9.41 -31.13
C VAL D 31 42.54 -8.55 -30.93
N GLY D 32 42.57 -7.37 -31.54
CA GLY D 32 43.71 -6.49 -31.35
C GLY D 32 43.90 -6.11 -29.89
N GLN D 33 42.80 -5.91 -29.17
CA GLN D 33 42.88 -5.63 -27.74
C GLN D 33 43.37 -6.81 -26.94
N GLY D 34 43.45 -8.00 -27.54
CA GLY D 34 43.92 -9.18 -26.86
C GLY D 34 42.84 -10.18 -26.47
N ALA D 35 41.60 -9.97 -26.90
CA ALA D 35 40.52 -10.90 -26.61
C ALA D 35 40.62 -12.10 -27.54
N SER D 36 39.61 -12.96 -27.51
CA SER D 36 39.52 -14.11 -28.39
C SER D 36 38.14 -14.15 -29.01
N ALA D 37 38.07 -14.21 -30.33
CA ALA D 37 36.82 -14.08 -31.06
C ALA D 37 36.46 -15.39 -31.75
N VAL D 38 35.18 -15.52 -32.07
CA VAL D 38 34.68 -16.67 -32.83
C VAL D 38 33.71 -16.16 -33.88
N LEU D 39 34.18 -16.02 -35.12
CA LEU D 39 33.33 -15.51 -36.19
C LEU D 39 32.28 -16.55 -36.54
N LEU D 40 31.04 -16.29 -36.13
CA LEU D 40 29.92 -17.19 -36.41
C LEU D 40 29.18 -16.64 -37.62
N ASP D 41 29.39 -17.25 -38.78
CA ASP D 41 28.81 -16.75 -40.01
C ASP D 41 28.45 -17.92 -40.92
N LEU D 42 27.82 -17.59 -42.05
CA LEU D 42 27.40 -18.60 -43.01
C LEU D 42 28.61 -19.27 -43.65
N PRO D 43 28.44 -20.50 -44.14
CA PRO D 43 29.58 -21.22 -44.71
C PRO D 43 30.24 -20.48 -45.86
N ASN D 44 29.48 -20.16 -46.89
CA ASN D 44 30.03 -19.47 -48.07
C ASN D 44 30.05 -17.96 -47.87
N SER D 45 30.65 -17.52 -46.77
CA SER D 45 30.71 -16.11 -46.41
C SER D 45 32.10 -15.52 -46.49
N GLY D 46 33.13 -16.35 -46.65
CA GLY D 46 34.49 -15.86 -46.63
C GLY D 46 35.05 -15.63 -45.25
N GLY D 47 34.28 -15.92 -44.20
CA GLY D 47 34.77 -15.74 -42.85
C GLY D 47 36.01 -16.55 -42.54
N GLU D 48 36.23 -17.64 -43.27
CA GLU D 48 37.43 -18.44 -43.05
C GLU D 48 38.69 -17.62 -43.31
N ALA D 49 38.69 -16.83 -44.39
CA ALA D 49 39.86 -16.01 -44.70
C ALA D 49 40.12 -15.01 -43.58
N GLN D 50 39.07 -14.35 -43.11
CA GLN D 50 39.25 -13.37 -42.04
C GLN D 50 39.76 -14.03 -40.77
N ALA D 51 39.18 -15.18 -40.41
CA ALA D 51 39.62 -15.87 -39.20
C ALA D 51 41.09 -16.27 -39.30
N LYS D 52 41.51 -16.75 -40.47
CA LYS D 52 42.93 -17.07 -40.66
C LYS D 52 43.77 -15.80 -40.55
N LYS D 53 43.29 -14.70 -41.12
CA LYS D 53 44.06 -13.46 -41.09
C LYS D 53 44.28 -12.98 -39.68
N LEU D 54 43.25 -13.03 -38.84
CA LEU D 54 43.33 -12.43 -37.51
C LEU D 54 44.18 -13.24 -36.54
N GLY D 55 44.58 -14.45 -36.90
CA GLY D 55 45.52 -15.20 -36.10
C GLY D 55 44.86 -16.31 -35.29
N ASN D 56 45.57 -16.68 -34.21
CA ASN D 56 45.09 -17.77 -33.37
C ASN D 56 43.82 -17.39 -32.62
N ASN D 57 43.70 -16.12 -32.22
CA ASN D 57 42.60 -15.70 -31.36
C ASN D 57 41.24 -15.82 -32.05
N CYS D 58 41.20 -15.99 -33.36
CA CYS D 58 39.95 -16.18 -34.08
C CYS D 58 39.83 -17.63 -34.55
N VAL D 59 38.58 -18.11 -34.59
CA VAL D 59 38.27 -19.43 -35.12
C VAL D 59 36.91 -19.32 -35.81
N PHE D 60 36.91 -19.41 -37.13
CA PHE D 60 35.66 -19.35 -37.88
C PHE D 60 34.79 -20.55 -37.53
N ALA D 61 33.50 -20.29 -37.33
CA ALA D 61 32.53 -21.31 -36.95
C ALA D 61 31.36 -21.26 -37.93
N PRO D 62 31.41 -22.03 -39.02
CA PRO D 62 30.33 -21.96 -40.00
C PRO D 62 29.00 -22.34 -39.37
N ALA D 63 28.05 -21.41 -39.41
CA ALA D 63 26.75 -21.64 -38.79
C ALA D 63 25.72 -20.72 -39.42
N ASP D 64 24.45 -21.08 -39.22
CA ASP D 64 23.31 -20.26 -39.62
C ASP D 64 22.51 -19.93 -38.37
N VAL D 65 22.36 -18.64 -38.08
CA VAL D 65 21.70 -18.24 -36.84
C VAL D 65 20.27 -18.75 -36.79
N THR D 66 19.59 -18.75 -37.94
CA THR D 66 18.21 -19.23 -37.98
C THR D 66 18.10 -20.71 -37.67
N SER D 67 19.20 -21.46 -37.67
CA SER D 67 19.19 -22.89 -37.41
C SER D 67 19.68 -23.14 -36.00
N GLU D 68 18.86 -23.85 -35.21
CA GLU D 68 19.25 -24.15 -33.84
C GLU D 68 20.46 -25.08 -33.81
N LYS D 69 20.45 -26.11 -34.64
CA LYS D 69 21.55 -27.08 -34.63
C LYS D 69 22.88 -26.41 -34.96
N ASP D 70 22.88 -25.54 -35.97
CA ASP D 70 24.13 -24.91 -36.38
C ASP D 70 24.69 -24.03 -35.27
N VAL D 71 23.83 -23.25 -34.60
CA VAL D 71 24.31 -22.40 -33.51
C VAL D 71 24.81 -23.26 -32.36
N GLN D 72 24.12 -24.36 -32.06
CA GLN D 72 24.60 -25.23 -30.99
C GLN D 72 25.96 -25.80 -31.34
N THR D 73 26.16 -26.21 -32.60
CA THR D 73 27.46 -26.72 -33.02
C THR D 73 28.53 -25.64 -32.90
N ALA D 74 28.22 -24.42 -33.32
CA ALA D 74 29.20 -23.35 -33.24
C ALA D 74 29.56 -23.05 -31.79
N LEU D 75 28.57 -23.03 -30.90
CA LEU D 75 28.86 -22.78 -29.49
C LEU D 75 29.71 -23.91 -28.91
N ALA D 76 29.43 -25.15 -29.29
CA ALA D 76 30.25 -26.25 -28.84
C ALA D 76 31.69 -26.10 -29.33
N LEU D 77 31.86 -25.69 -30.58
CA LEU D 77 33.21 -25.46 -31.10
C LEU D 77 33.92 -24.38 -30.32
N ALA D 78 33.23 -23.28 -30.05
CA ALA D 78 33.84 -22.18 -29.31
C ALA D 78 34.24 -22.62 -27.91
N LYS D 79 33.36 -23.37 -27.23
CA LYS D 79 33.69 -23.84 -25.90
C LYS D 79 34.89 -24.78 -25.94
N GLY D 80 34.93 -25.68 -26.90
CA GLY D 80 36.06 -26.58 -27.01
C GLY D 80 37.36 -25.85 -27.25
N LYS D 81 37.34 -24.85 -28.14
CA LYS D 81 38.56 -24.15 -28.48
C LYS D 81 39.05 -23.29 -27.32
N PHE D 82 38.16 -22.49 -26.73
CA PHE D 82 38.56 -21.50 -25.74
C PHE D 82 38.12 -21.83 -24.32
N GLY D 83 37.21 -22.79 -24.14
CA GLY D 83 36.83 -23.23 -22.82
C GLY D 83 35.79 -22.39 -22.12
N ARG D 84 35.35 -21.30 -22.73
CA ARG D 84 34.31 -20.46 -22.12
C ARG D 84 33.83 -19.46 -23.15
N VAL D 85 32.72 -18.81 -22.83
CA VAL D 85 32.17 -17.72 -23.63
C VAL D 85 31.80 -16.60 -22.68
N ASP D 86 32.31 -15.40 -22.96
CA ASP D 86 32.11 -14.25 -22.08
C ASP D 86 31.36 -13.12 -22.72
N VAL D 87 31.42 -12.96 -24.04
CA VAL D 87 30.78 -11.87 -24.74
C VAL D 87 30.10 -12.42 -25.99
N ALA D 88 28.94 -11.87 -26.32
CA ALA D 88 28.22 -12.23 -27.53
C ALA D 88 27.81 -10.95 -28.25
N VAL D 89 27.96 -10.94 -29.56
CA VAL D 89 27.64 -9.76 -30.37
C VAL D 89 26.83 -10.22 -31.57
N ASN D 90 25.54 -9.89 -31.58
CA ASN D 90 24.64 -10.23 -32.68
C ASN D 90 24.71 -9.11 -33.71
N CYS D 91 25.61 -9.28 -34.68
CA CYS D 91 25.77 -8.35 -35.78
C CYS D 91 25.35 -8.97 -37.12
N ALA D 92 24.73 -10.15 -37.09
CA ALA D 92 24.32 -10.82 -38.31
C ALA D 92 22.90 -10.39 -38.70
N GLY D 93 22.72 -10.09 -39.97
CA GLY D 93 21.41 -9.70 -40.45
C GLY D 93 21.47 -9.39 -41.93
N ILE D 94 20.28 -9.16 -42.49
CA ILE D 94 20.12 -8.80 -43.89
C ILE D 94 19.17 -7.62 -43.98
N ALA D 95 19.02 -7.10 -45.19
CA ALA D 95 18.12 -6.00 -45.47
C ALA D 95 17.31 -6.29 -46.72
N VAL D 96 16.11 -5.72 -46.78
CA VAL D 96 15.24 -5.87 -47.94
C VAL D 96 14.59 -4.52 -48.21
N ALA D 97 14.49 -4.17 -49.49
CA ALA D 97 13.88 -2.91 -49.92
C ALA D 97 12.68 -3.25 -50.79
N SER D 98 11.48 -3.14 -50.21
CA SER D 98 10.26 -3.43 -50.95
C SER D 98 9.11 -2.69 -50.29
N LYS D 99 8.37 -1.91 -51.07
CA LYS D 99 7.25 -1.17 -50.54
C LYS D 99 6.14 -2.11 -50.11
N THR D 100 5.39 -1.69 -49.08
CA THR D 100 4.26 -2.49 -48.62
C THR D 100 3.23 -2.65 -49.73
N TYR D 101 2.92 -1.56 -50.43
CA TYR D 101 2.01 -1.61 -51.57
C TYR D 101 2.34 -0.43 -52.48
N ASN D 102 2.24 -0.67 -53.79
CA ASN D 102 2.54 0.34 -54.79
C ASN D 102 1.33 0.45 -55.72
N LEU D 103 0.50 1.48 -55.50
CA LEU D 103 -0.74 1.60 -56.24
C LEU D 103 -0.49 1.73 -57.74
N LYS D 104 0.50 2.55 -58.12
CA LYS D 104 0.77 2.74 -59.54
C LYS D 104 1.14 1.43 -60.22
N LYS D 105 2.00 0.65 -59.60
CA LYS D 105 2.45 -0.62 -60.16
C LYS D 105 1.54 -1.78 -59.79
N GLY D 106 0.59 -1.58 -58.88
CA GLY D 106 -0.25 -2.69 -58.44
C GLY D 106 0.57 -3.82 -57.86
N GLN D 107 1.60 -3.50 -57.09
CA GLN D 107 2.52 -4.48 -56.54
C GLN D 107 2.38 -4.51 -55.03
N THR D 108 2.25 -5.71 -54.48
CA THR D 108 2.11 -5.92 -53.04
C THR D 108 3.35 -6.62 -52.50
N HIS D 109 3.79 -6.21 -51.31
CA HIS D 109 4.94 -6.83 -50.68
C HIS D 109 4.74 -8.33 -50.58
N THR D 110 5.75 -9.08 -51.00
CA THR D 110 5.68 -10.53 -50.86
C THR D 110 5.82 -10.93 -49.41
N LEU D 111 5.01 -11.91 -48.99
CA LEU D 111 5.12 -12.41 -47.63
C LEU D 111 6.44 -13.13 -47.39
N GLU D 112 7.00 -13.73 -48.45
CA GLU D 112 8.22 -14.51 -48.28
C GLU D 112 9.38 -13.63 -47.84
N ASP D 113 9.51 -12.46 -48.44
CA ASP D 113 10.61 -11.56 -48.06
C ASP D 113 10.48 -11.14 -46.60
N PHE D 114 9.28 -10.77 -46.18
CA PHE D 114 9.07 -10.39 -44.80
C PHE D 114 9.39 -11.53 -43.85
N GLN D 115 8.92 -12.74 -44.18
CA GLN D 115 9.18 -13.89 -43.33
C GLN D 115 10.67 -14.18 -43.23
N ARG D 116 11.37 -14.12 -44.36
CA ARG D 116 12.81 -14.40 -44.34
C ARG D 116 13.56 -13.36 -43.54
N VAL D 117 13.19 -12.08 -43.69
CA VAL D 117 13.88 -11.03 -42.95
C VAL D 117 13.63 -11.20 -41.45
N LEU D 118 12.40 -11.54 -41.06
CA LEU D 118 12.15 -11.82 -39.65
C LEU D 118 12.97 -13.02 -39.17
N ASP D 119 13.05 -14.07 -39.99
CA ASP D 119 13.77 -15.26 -39.57
C ASP D 119 15.24 -14.94 -39.32
N VAL D 120 15.86 -14.18 -40.21
CA VAL D 120 17.29 -13.91 -40.07
C VAL D 120 17.54 -12.85 -38.99
N ASN D 121 16.94 -11.67 -39.15
CA ASN D 121 17.24 -10.56 -38.26
C ASN D 121 16.74 -10.82 -36.84
N LEU D 122 15.49 -11.23 -36.70
CA LEU D 122 14.83 -11.28 -35.40
C LEU D 122 14.88 -12.68 -34.80
N MET D 123 14.34 -13.67 -35.50
CA MET D 123 14.33 -15.02 -34.95
C MET D 123 15.74 -15.54 -34.74
N GLY D 124 16.64 -15.28 -35.69
CA GLY D 124 18.02 -15.71 -35.52
C GLY D 124 18.69 -15.05 -34.32
N THR D 125 18.45 -13.75 -34.13
CA THR D 125 19.03 -13.06 -32.99
C THR D 125 18.53 -13.66 -31.68
N PHE D 126 17.24 -13.94 -31.58
CA PHE D 126 16.71 -14.54 -30.36
C PHE D 126 17.29 -15.93 -30.14
N ASN D 127 17.39 -16.72 -31.20
CA ASN D 127 17.95 -18.05 -31.06
C ASN D 127 19.38 -17.99 -30.53
N VAL D 128 20.19 -17.12 -31.12
CA VAL D 128 21.56 -16.97 -30.65
C VAL D 128 21.58 -16.50 -29.22
N ILE D 129 20.70 -15.56 -28.87
CA ILE D 129 20.70 -15.01 -27.52
C ILE D 129 20.41 -16.10 -26.51
N ARG D 130 19.37 -16.89 -26.74
CA ARG D 130 19.00 -17.92 -25.78
C ARG D 130 20.09 -18.99 -25.68
N LEU D 131 20.63 -19.45 -26.81
CA LEU D 131 21.64 -20.48 -26.75
C LEU D 131 22.91 -19.96 -26.06
N VAL D 132 23.28 -18.72 -26.34
CA VAL D 132 24.48 -18.16 -25.73
C VAL D 132 24.28 -17.94 -24.24
N ALA D 133 23.07 -17.54 -23.84
CA ALA D 133 22.79 -17.44 -22.41
C ALA D 133 22.95 -18.79 -21.73
N GLY D 134 22.43 -19.84 -22.37
CA GLY D 134 22.64 -21.18 -21.82
C GLY D 134 24.12 -21.52 -21.71
N GLU D 135 24.90 -21.15 -22.73
CA GLU D 135 26.33 -21.42 -22.70
C GLU D 135 27.02 -20.66 -21.58
N MET D 136 26.68 -19.38 -21.41
CA MET D 136 27.35 -18.54 -20.43
C MET D 136 26.89 -18.81 -19.01
N GLY D 137 25.76 -19.50 -18.83
CA GLY D 137 25.33 -19.82 -17.48
C GLY D 137 26.38 -20.54 -16.67
N GLN D 138 27.23 -21.34 -17.33
CA GLN D 138 28.25 -22.09 -16.62
C GLN D 138 29.40 -21.22 -16.12
N ASN D 139 29.52 -20.00 -16.65
CA ASN D 139 30.63 -19.14 -16.22
C ASN D 139 30.53 -18.84 -14.74
N GLU D 140 31.67 -18.86 -14.07
CA GLU D 140 31.70 -18.47 -12.67
C GLU D 140 31.53 -16.96 -12.57
N PRO D 141 30.69 -16.46 -11.66
CA PRO D 141 30.50 -15.00 -11.57
C PRO D 141 31.80 -14.30 -11.27
N ASP D 142 31.98 -13.13 -11.87
CA ASP D 142 33.15 -12.31 -11.62
C ASP D 142 32.94 -11.53 -10.32
N GLN D 143 33.80 -10.54 -10.06
CA GLN D 143 33.72 -9.78 -8.82
C GLN D 143 32.33 -9.14 -8.67
N GLY D 144 31.85 -8.52 -9.73
CA GLY D 144 30.54 -7.90 -9.71
C GLY D 144 29.38 -8.85 -9.95
N GLY D 145 29.66 -10.13 -10.16
CA GLY D 145 28.62 -11.08 -10.46
C GLY D 145 28.23 -11.16 -11.91
N GLN D 146 28.98 -10.54 -12.81
CA GLN D 146 28.65 -10.54 -14.23
C GLN D 146 29.17 -11.83 -14.86
N ARG D 147 28.25 -12.69 -15.30
CA ARG D 147 28.65 -13.90 -15.99
C ARG D 147 29.06 -13.62 -17.42
N GLY D 148 28.36 -12.72 -18.10
CA GLY D 148 28.67 -12.42 -19.49
C GLY D 148 27.92 -11.20 -19.96
N VAL D 149 28.10 -10.88 -21.24
CA VAL D 149 27.48 -9.72 -21.87
C VAL D 149 26.95 -10.13 -23.23
N ILE D 150 25.79 -9.60 -23.58
CA ILE D 150 25.18 -9.83 -24.89
C ILE D 150 24.85 -8.46 -25.49
N ILE D 151 25.22 -8.26 -26.74
CA ILE D 151 24.97 -7.02 -27.46
C ILE D 151 24.27 -7.36 -28.76
N ASN D 152 23.32 -6.52 -29.17
CA ASN D 152 22.58 -6.75 -30.40
C ASN D 152 22.59 -5.50 -31.26
N THR D 153 22.71 -5.68 -32.57
CA THR D 153 22.64 -4.56 -33.51
C THR D 153 21.22 -4.46 -34.07
N ALA D 154 20.67 -3.24 -34.03
CA ALA D 154 19.30 -3.02 -34.50
C ALA D 154 19.24 -1.60 -35.06
N SER D 155 19.08 -1.48 -36.38
CA SER D 155 19.20 -0.20 -37.06
C SER D 155 18.32 0.87 -36.45
N VAL D 156 18.62 2.14 -36.75
CA VAL D 156 17.75 3.24 -36.36
C VAL D 156 16.41 3.17 -37.06
N ALA D 157 16.27 2.30 -38.07
CA ALA D 157 14.98 2.11 -38.70
C ALA D 157 13.94 1.60 -37.72
N ALA D 158 14.37 1.03 -36.59
CA ALA D 158 13.41 0.61 -35.58
C ALA D 158 12.65 1.80 -35.01
N PHE D 159 13.24 2.99 -35.06
CA PHE D 159 12.61 4.19 -34.53
C PHE D 159 12.00 5.06 -35.62
N GLU D 160 12.80 5.41 -36.64
CA GLU D 160 12.36 6.27 -37.73
C GLU D 160 12.70 5.57 -39.04
N GLY D 161 11.81 4.70 -39.51
CA GLY D 161 12.05 3.98 -40.73
C GLY D 161 11.68 4.78 -41.96
N GLN D 162 12.10 4.27 -43.11
CA GLN D 162 11.89 4.91 -44.40
C GLN D 162 10.94 4.07 -45.24
N VAL D 163 10.62 4.60 -46.42
CA VAL D 163 9.76 3.87 -47.34
C VAL D 163 10.47 2.60 -47.80
N GLY D 164 9.69 1.55 -48.02
CA GLY D 164 10.25 0.28 -48.44
C GLY D 164 11.11 -0.39 -47.40
N GLN D 165 10.91 -0.06 -46.13
CA GLN D 165 11.71 -0.60 -45.03
C GLN D 165 10.81 -1.25 -43.98
N ALA D 166 9.67 -1.80 -44.41
CA ALA D 166 8.72 -2.35 -43.46
C ALA D 166 9.28 -3.57 -42.75
N ALA D 167 9.83 -4.53 -43.50
CA ALA D 167 10.33 -5.75 -42.87
C ALA D 167 11.55 -5.47 -42.01
N TYR D 168 12.52 -4.73 -42.54
CA TYR D 168 13.67 -4.39 -41.69
C TYR D 168 13.12 -3.74 -40.44
N SER D 169 12.42 -2.63 -40.56
CA SER D 169 11.99 -1.89 -39.39
C SER D 169 11.26 -2.81 -38.42
N ALA D 170 10.46 -3.74 -38.93
CA ALA D 170 9.74 -4.65 -38.06
C ALA D 170 10.72 -5.50 -37.26
N SER D 171 11.70 -6.10 -37.93
CA SER D 171 12.66 -6.95 -37.22
C SER D 171 13.46 -6.14 -36.21
N LYS D 172 13.92 -4.95 -36.59
CA LYS D 172 14.75 -4.17 -35.68
C LYS D 172 13.91 -3.66 -34.50
N GLY D 173 12.66 -3.30 -34.73
CA GLY D 173 11.79 -2.94 -33.63
C GLY D 173 11.54 -4.10 -32.71
N GLY D 174 11.44 -5.30 -33.27
CA GLY D 174 11.33 -6.48 -32.43
C GLY D 174 12.54 -6.65 -31.54
N ILE D 175 13.73 -6.45 -32.10
CA ILE D 175 14.95 -6.54 -31.29
C ILE D 175 14.93 -5.51 -30.17
N VAL D 176 14.55 -4.27 -30.53
CA VAL D 176 14.52 -3.20 -29.53
C VAL D 176 13.52 -3.54 -28.42
N GLY D 177 12.35 -4.04 -28.79
CA GLY D 177 11.36 -4.38 -27.79
C GLY D 177 11.81 -5.50 -26.89
N MET D 178 12.42 -6.54 -27.45
CA MET D 178 12.85 -7.68 -26.65
C MET D 178 14.11 -7.41 -25.86
N THR D 179 14.81 -6.31 -26.14
CA THR D 179 16.07 -6.05 -25.41
C THR D 179 15.83 -5.97 -23.90
N LEU D 180 14.73 -5.34 -23.48
CA LEU D 180 14.50 -5.11 -22.06
C LEU D 180 14.03 -6.36 -21.34
N PRO D 181 12.96 -7.02 -21.80
CA PRO D 181 12.50 -8.22 -21.07
C PRO D 181 13.56 -9.29 -20.97
N ILE D 182 14.41 -9.43 -21.99
CA ILE D 182 15.53 -10.36 -21.86
C ILE D 182 16.51 -9.88 -20.80
N ALA D 183 16.77 -8.57 -20.77
CA ALA D 183 17.65 -8.01 -19.75
C ALA D 183 17.15 -8.35 -18.37
N ARG D 184 15.83 -8.36 -18.19
CA ARG D 184 15.26 -8.74 -16.90
C ARG D 184 15.31 -10.24 -16.67
N ASP D 185 15.11 -11.03 -17.73
CA ASP D 185 15.16 -12.48 -17.59
C ASP D 185 16.52 -12.93 -17.12
N LEU D 186 17.58 -12.39 -17.70
CA LEU D 186 18.94 -12.82 -17.43
C LEU D 186 19.58 -12.08 -16.27
N ALA D 187 18.88 -11.13 -15.65
CA ALA D 187 19.45 -10.43 -14.50
C ALA D 187 19.83 -11.37 -13.38
N PRO D 188 18.96 -12.29 -12.93
CA PRO D 188 19.40 -13.22 -11.88
C PRO D 188 20.61 -14.04 -12.28
N ILE D 189 20.70 -14.44 -13.55
CA ILE D 189 21.88 -15.15 -14.01
C ILE D 189 23.11 -14.26 -13.92
N GLY D 190 22.96 -13.00 -14.31
CA GLY D 190 24.06 -12.05 -14.24
C GLY D 190 24.62 -11.70 -15.60
N ILE D 191 23.75 -11.59 -16.59
CA ILE D 191 24.14 -11.27 -17.96
C ILE D 191 23.53 -9.93 -18.33
N ARG D 192 24.35 -9.02 -18.84
CA ARG D 192 23.89 -7.70 -19.24
C ARG D 192 23.59 -7.72 -20.73
N VAL D 193 22.36 -7.33 -21.10
CA VAL D 193 21.92 -7.30 -22.48
C VAL D 193 21.81 -5.85 -22.92
N MET D 194 22.43 -5.53 -24.05
CA MET D 194 22.45 -4.16 -24.55
C MET D 194 22.20 -4.18 -26.05
N THR D 195 21.77 -3.05 -26.58
CA THR D 195 21.48 -2.92 -28.00
C THR D 195 22.12 -1.64 -28.52
N ILE D 196 22.85 -1.77 -29.62
CA ILE D 196 23.43 -0.63 -30.33
C ILE D 196 22.58 -0.40 -31.58
N ALA D 197 22.11 0.82 -31.75
CA ALA D 197 21.29 1.13 -32.91
C ALA D 197 22.07 1.98 -33.89
N PRO D 198 22.88 1.37 -34.76
CA PRO D 198 23.69 2.15 -35.68
C PRO D 198 22.84 2.89 -36.70
N GLY D 199 23.42 3.94 -37.26
CA GLY D 199 22.74 4.74 -38.25
C GLY D 199 23.09 4.25 -39.64
N LEU D 200 23.95 5.00 -40.33
CA LEU D 200 24.44 4.61 -41.65
C LEU D 200 25.95 4.45 -41.59
N PHE D 201 26.44 3.36 -42.18
CA PHE D 201 27.84 3.00 -42.09
C PHE D 201 28.32 2.52 -43.46
N GLY D 202 29.64 2.54 -43.64
CA GLY D 202 30.23 2.03 -44.86
C GLY D 202 30.46 0.54 -44.78
N THR D 203 29.56 -0.24 -45.34
CA THR D 203 29.62 -1.69 -45.26
C THR D 203 28.93 -2.27 -46.49
N PRO D 204 29.16 -3.55 -46.78
CA PRO D 204 28.54 -4.15 -47.99
C PRO D 204 27.02 -4.07 -48.00
N LEU D 205 26.38 -4.21 -46.84
CA LEU D 205 24.92 -4.15 -46.80
C LEU D 205 24.42 -2.84 -47.39
N LEU D 206 24.96 -1.72 -46.91
CA LEU D 206 24.60 -0.43 -47.49
C LEU D 206 25.05 -0.32 -48.94
N THR D 207 26.27 -0.80 -49.23
CA THR D 207 26.82 -0.67 -50.57
C THR D 207 25.98 -1.38 -51.62
N SER D 208 25.19 -2.38 -51.22
CA SER D 208 24.35 -3.07 -52.18
C SER D 208 23.36 -2.11 -52.85
N LEU D 209 22.95 -1.06 -52.15
CA LEU D 209 22.03 -0.08 -52.68
C LEU D 209 22.76 0.89 -53.59
N PRO D 210 22.03 1.71 -54.36
CA PRO D 210 22.69 2.64 -55.27
C PRO D 210 23.66 3.55 -54.53
N GLU D 211 24.78 3.86 -55.20
CA GLU D 211 25.84 4.62 -54.54
C GLU D 211 25.50 6.10 -54.42
N LYS D 212 24.77 6.66 -55.39
CA LYS D 212 24.45 8.08 -55.32
C LYS D 212 23.56 8.39 -54.13
N VAL D 213 22.53 7.58 -53.88
CA VAL D 213 21.67 7.80 -52.73
C VAL D 213 22.46 7.58 -51.44
N CYS D 214 23.39 6.62 -51.45
CA CYS D 214 24.25 6.44 -50.28
C CYS D 214 25.07 7.70 -50.01
N ASN D 215 25.63 8.30 -51.05
CA ASN D 215 26.39 9.53 -50.87
C ASN D 215 25.51 10.65 -50.34
N PHE D 216 24.30 10.78 -50.87
CA PHE D 216 23.40 11.82 -50.37
C PHE D 216 23.09 11.61 -48.91
N LEU D 217 22.78 10.36 -48.51
CA LEU D 217 22.48 10.09 -47.12
C LEU D 217 23.69 10.38 -46.24
N ALA D 218 24.89 10.02 -46.70
CA ALA D 218 26.09 10.35 -45.95
C ALA D 218 26.21 11.86 -45.75
N SER D 219 25.93 12.63 -46.81
CA SER D 219 25.95 14.07 -46.68
C SER D 219 24.85 14.59 -45.76
N GLN D 220 23.79 13.82 -45.55
CA GLN D 220 22.66 14.27 -44.75
C GLN D 220 22.91 14.19 -43.25
N VAL D 221 23.94 13.49 -42.80
CA VAL D 221 24.20 13.38 -41.36
C VAL D 221 24.65 14.75 -40.83
N PRO D 222 24.04 15.28 -39.76
CA PRO D 222 24.45 16.59 -39.25
C PRO D 222 25.94 16.68 -38.95
N PHE D 223 26.44 15.81 -38.08
CA PHE D 223 27.87 15.77 -37.80
C PHE D 223 28.25 14.50 -37.06
N PRO D 224 29.30 13.78 -37.50
CA PRO D 224 30.09 14.00 -38.71
C PRO D 224 29.26 13.72 -39.95
N SER D 225 29.54 14.42 -41.07
CA SER D 225 28.73 14.29 -42.27
C SER D 225 29.22 13.17 -43.18
N ARG D 226 29.84 12.15 -42.62
CA ARG D 226 30.33 11.01 -43.35
C ARG D 226 29.66 9.74 -42.84
N LEU D 227 29.64 8.71 -43.68
CA LEU D 227 29.15 7.42 -43.23
C LEU D 227 29.99 6.93 -42.06
N GLY D 228 29.32 6.46 -41.02
CA GLY D 228 30.01 5.98 -39.84
C GLY D 228 31.00 4.88 -40.17
N ASP D 229 32.20 5.00 -39.65
CA ASP D 229 33.19 3.95 -39.83
C ASP D 229 32.89 2.79 -38.88
N PRO D 230 32.98 1.54 -39.34
CA PRO D 230 32.73 0.41 -38.44
C PRO D 230 33.65 0.40 -37.23
N ALA D 231 34.84 1.01 -37.34
CA ALA D 231 35.71 1.11 -36.17
C ALA D 231 35.01 1.81 -35.02
N GLU D 232 34.18 2.80 -35.33
CA GLU D 232 33.41 3.47 -34.29
C GLU D 232 32.45 2.50 -33.60
N TYR D 233 31.80 1.65 -34.39
CA TYR D 233 30.91 0.65 -33.81
C TYR D 233 31.69 -0.31 -32.91
N ALA D 234 32.87 -0.75 -33.36
CA ALA D 234 33.67 -1.64 -32.54
C ALA D 234 34.08 -0.96 -31.24
N HIS D 235 34.46 0.31 -31.32
CA HIS D 235 34.83 1.04 -30.11
C HIS D 235 33.66 1.14 -29.15
N LEU D 236 32.47 1.40 -29.68
CA LEU D 236 31.29 1.47 -28.81
C LEU D 236 31.01 0.12 -28.16
N VAL D 237 31.18 -0.97 -28.92
CA VAL D 237 30.99 -2.29 -28.34
C VAL D 237 31.98 -2.53 -27.22
N GLN D 238 33.23 -2.15 -27.43
CA GLN D 238 34.23 -2.31 -26.38
C GLN D 238 33.85 -1.50 -25.15
N ALA D 239 33.36 -0.27 -25.36
CA ALA D 239 32.94 0.55 -24.24
C ALA D 239 31.79 -0.11 -23.48
N ILE D 240 30.83 -0.67 -24.19
CA ILE D 240 29.72 -1.36 -23.52
C ILE D 240 30.24 -2.53 -22.71
N ILE D 241 31.16 -3.30 -23.28
CA ILE D 241 31.72 -4.44 -22.54
C ILE D 241 32.41 -3.96 -21.28
N GLU D 242 33.23 -2.91 -21.39
CA GLU D 242 33.99 -2.44 -20.24
C GLU D 242 33.07 -1.90 -19.15
N ASN D 243 32.08 -1.12 -19.51
CA ASN D 243 31.24 -0.46 -18.51
C ASN D 243 30.41 -1.50 -17.78
N PRO D 244 30.55 -1.63 -16.46
CA PRO D 244 29.84 -2.71 -15.76
C PRO D 244 28.45 -2.32 -15.30
N PHE D 245 27.90 -1.22 -15.82
CA PHE D 245 26.60 -0.74 -15.37
C PHE D 245 25.60 -0.51 -16.50
N LEU D 246 26.05 -0.45 -17.75
CA LEU D 246 25.11 -0.36 -18.86
C LEU D 246 24.32 -1.66 -18.97
N ASN D 247 23.01 -1.54 -19.17
CA ASN D 247 22.18 -2.73 -19.28
C ASN D 247 20.78 -2.32 -19.73
N GLY D 248 20.18 -3.15 -20.56
CA GLY D 248 18.79 -2.95 -20.96
C GLY D 248 18.53 -1.62 -21.62
N GLU D 249 19.43 -1.17 -22.48
CA GLU D 249 19.31 0.14 -23.11
C GLU D 249 19.63 0.02 -24.60
N VAL D 250 19.04 0.93 -25.38
CA VAL D 250 19.32 1.05 -26.80
C VAL D 250 20.11 2.33 -27.00
N ILE D 251 21.31 2.19 -27.57
CA ILE D 251 22.19 3.32 -27.83
C ILE D 251 22.19 3.58 -29.32
N ARG D 252 21.90 4.83 -29.72
CA ARG D 252 21.82 5.19 -31.12
C ARG D 252 23.17 5.72 -31.56
N LEU D 253 23.98 4.86 -32.18
CA LEU D 253 25.24 5.29 -32.79
C LEU D 253 24.95 5.79 -34.20
N ASP D 254 24.19 6.89 -34.25
CA ASP D 254 23.60 7.38 -35.49
C ASP D 254 24.36 8.55 -36.11
N GLY D 255 24.97 9.40 -35.30
CA GLY D 255 25.55 10.62 -35.80
C GLY D 255 24.60 11.78 -35.87
N ALA D 256 23.49 11.73 -35.12
CA ALA D 256 22.47 12.76 -35.02
C ALA D 256 21.55 12.79 -36.23
N ILE D 257 21.60 11.78 -37.10
CA ILE D 257 20.74 11.75 -38.27
C ILE D 257 19.36 11.24 -37.88
N ARG D 258 18.33 11.94 -38.33
CA ARG D 258 16.95 11.50 -38.19
C ARG D 258 16.43 11.20 -39.59
N MET D 259 16.20 9.93 -39.88
CA MET D 259 15.83 9.51 -41.22
C MET D 259 14.62 10.28 -41.72
N GLN D 260 14.83 11.06 -42.78
CA GLN D 260 13.76 11.80 -43.39
C GLN D 260 12.77 10.83 -44.05
N PRO D 261 11.53 11.29 -44.30
CA PRO D 261 10.48 10.44 -44.88
C PRO D 261 10.94 9.68 -46.12
N THR E 1 -15.15 4.87 78.58
CA THR E 1 -13.99 4.25 77.94
C THR E 1 -13.02 5.31 77.44
N GLU E 2 -11.77 4.89 77.19
CA GLU E 2 -10.76 5.84 76.73
C GLU E 2 -11.17 6.48 75.41
N GLY E 3 -11.67 5.68 74.47
CA GLY E 3 -12.16 6.25 73.22
C GLY E 3 -13.29 7.22 73.44
N LEU E 4 -14.19 6.90 74.38
CA LEU E 4 -15.27 7.83 74.70
C LEU E 4 -14.72 9.15 75.21
N LYS E 5 -13.72 9.10 76.09
CA LYS E 5 -13.14 10.33 76.62
C LYS E 5 -12.45 11.12 75.51
N SER E 6 -11.74 10.44 74.61
CA SER E 6 -11.10 11.13 73.50
C SER E 6 -12.15 11.82 72.62
N LEU E 7 -13.26 11.13 72.35
CA LEU E 7 -14.32 11.74 71.55
C LEU E 7 -14.93 12.94 72.26
N THR E 8 -15.14 12.83 73.57
CA THR E 8 -15.65 13.96 74.32
C THR E 8 -14.71 15.15 74.24
N GLU E 9 -13.41 14.89 74.37
CA GLU E 9 -12.43 15.98 74.27
C GLU E 9 -12.48 16.63 72.89
N LEU E 10 -12.54 15.80 71.83
CA LEU E 10 -12.56 16.34 70.48
C LEU E 10 -13.81 17.19 70.25
N PHE E 11 -14.96 16.73 70.71
CA PHE E 11 -16.19 17.48 70.46
C PHE E 11 -16.30 18.71 71.35
N VAL E 12 -15.72 18.66 72.55
CA VAL E 12 -15.63 19.87 73.37
C VAL E 12 -14.74 20.89 72.69
N LYS E 13 -13.65 20.43 72.06
CA LYS E 13 -12.85 21.32 71.23
C LYS E 13 -13.71 21.93 70.12
N GLU E 14 -14.50 21.10 69.45
CA GLU E 14 -15.44 21.62 68.46
C GLU E 14 -16.50 22.48 69.12
N ASN E 15 -16.84 22.21 70.38
CA ASN E 15 -17.82 22.93 71.19
C ASN E 15 -19.25 22.55 70.84
N HIS E 16 -19.47 21.66 69.86
CA HIS E 16 -20.82 21.25 69.48
C HIS E 16 -21.22 20.03 70.29
N GLU E 17 -22.40 20.09 70.90
CA GLU E 17 -22.83 19.03 71.80
C GLU E 17 -22.97 17.71 71.06
N LEU E 18 -22.61 16.63 71.73
CA LEU E 18 -22.71 15.29 71.19
C LEU E 18 -23.31 14.36 72.22
N ARG E 19 -24.08 13.38 71.75
CA ARG E 19 -24.66 12.38 72.66
C ARG E 19 -24.81 11.06 71.93
N ILE E 20 -24.49 9.97 72.63
CA ILE E 20 -24.76 8.66 72.06
C ILE E 20 -26.26 8.56 71.78
N ALA E 21 -26.61 7.85 70.72
CA ALA E 21 -28.00 7.78 70.28
C ALA E 21 -28.35 6.40 69.77
N GLY E 22 -29.52 5.92 70.16
CA GLY E 22 -30.11 4.75 69.53
C GLY E 22 -29.80 3.47 70.28
N GLY E 23 -29.39 2.44 69.53
CA GLY E 23 -29.15 1.14 70.14
C GLY E 23 -28.08 1.19 71.22
N ALA E 24 -27.07 2.03 71.01
CA ALA E 24 -26.03 2.17 72.03
C ALA E 24 -26.61 2.69 73.33
N VAL E 25 -27.47 3.71 73.25
CA VAL E 25 -28.10 4.25 74.44
C VAL E 25 -28.99 3.21 75.09
N ARG E 26 -29.73 2.45 74.27
CA ARG E 26 -30.60 1.41 74.82
C ARG E 26 -29.78 0.36 75.57
N ASP E 27 -28.67 -0.07 74.99
CA ASP E 27 -27.83 -1.06 75.65
C ASP E 27 -27.25 -0.51 76.95
N LEU E 28 -26.79 0.75 76.92
CA LEU E 28 -26.25 1.34 78.14
C LEU E 28 -27.31 1.40 79.23
N LEU E 29 -28.53 1.79 78.87
CA LEU E 29 -29.62 1.80 79.84
C LEU E 29 -29.92 0.40 80.36
N ASN E 30 -29.77 -0.61 79.50
CA ASN E 30 -29.93 -1.99 79.92
C ASN E 30 -28.83 -2.44 80.87
N GLY E 31 -27.77 -1.65 81.03
CA GLY E 31 -26.64 -2.02 81.86
C GLY E 31 -25.58 -2.84 81.14
N VAL E 32 -25.72 -3.05 79.84
CA VAL E 32 -24.76 -3.81 79.04
C VAL E 32 -24.00 -2.83 78.17
N LYS E 33 -22.68 -3.01 78.11
CA LYS E 33 -21.87 -2.16 77.26
C LYS E 33 -22.34 -2.30 75.81
N PRO E 34 -22.61 -1.20 75.10
CA PRO E 34 -23.22 -1.32 73.78
C PRO E 34 -22.29 -2.00 72.78
N GLN E 35 -22.82 -3.00 72.09
CA GLN E 35 -22.04 -3.67 71.05
C GLN E 35 -21.75 -2.73 69.88
N ASP E 36 -22.73 -1.89 69.54
CA ASP E 36 -22.54 -0.90 68.47
C ASP E 36 -22.70 0.49 69.09
N ILE E 37 -21.84 1.43 68.71
CA ILE E 37 -21.91 2.77 69.38
C ILE E 37 -22.26 3.84 68.35
N ASP E 38 -23.38 4.53 68.54
CA ASP E 38 -23.83 5.53 67.55
C ASP E 38 -23.93 6.92 68.19
N PHE E 39 -23.37 7.94 67.54
CA PHE E 39 -23.34 9.30 68.15
C PHE E 39 -24.11 10.31 67.28
N ALA E 40 -24.79 11.24 67.94
CA ALA E 40 -25.50 12.30 67.25
C ALA E 40 -24.95 13.64 67.73
N THR E 41 -24.64 14.51 66.79
CA THR E 41 -23.97 15.77 67.06
C THR E 41 -24.83 16.95 66.60
N THR E 42 -24.76 18.04 67.35
CA THR E 42 -25.42 19.27 66.94
C THR E 42 -24.72 19.92 65.75
N ALA E 43 -23.46 19.56 65.50
CA ALA E 43 -22.69 20.23 64.47
C ALA E 43 -23.23 19.88 63.08
N THR E 44 -23.17 20.86 62.18
CA THR E 44 -23.51 20.63 60.79
C THR E 44 -22.35 19.96 60.06
N PRO E 45 -22.60 19.35 58.90
CA PRO E 45 -21.51 18.67 58.19
C PRO E 45 -20.33 19.58 57.90
N THR E 46 -20.59 20.85 57.58
CA THR E 46 -19.49 21.78 57.36
C THR E 46 -18.65 21.96 58.62
N GLN E 47 -19.31 22.09 59.78
CA GLN E 47 -18.59 22.20 61.04
C GLN E 47 -17.80 20.93 61.31
N MET E 48 -18.38 19.77 60.99
CA MET E 48 -17.66 18.51 61.16
C MET E 48 -16.40 18.48 60.30
N LYS E 49 -16.52 18.91 59.04
CA LYS E 49 -15.35 18.95 58.18
C LYS E 49 -14.30 19.90 58.74
N GLU E 50 -14.72 21.08 59.20
CA GLU E 50 -13.76 22.06 59.72
C GLU E 50 -13.04 21.51 60.94
N MET E 51 -13.78 20.93 61.88
CA MET E 51 -13.15 20.45 63.12
C MET E 51 -12.27 19.24 62.84
N PHE E 52 -12.69 18.35 61.93
CA PHE E 52 -11.83 17.23 61.58
C PHE E 52 -10.55 17.69 60.91
N GLN E 53 -10.64 18.69 60.02
CA GLN E 53 -9.44 19.23 59.40
C GLN E 53 -8.54 19.87 60.45
N SER E 54 -9.11 20.59 61.40
CA SER E 54 -8.32 21.23 62.46
C SER E 54 -7.81 20.23 63.49
N ALA E 55 -8.33 19.00 63.51
CA ALA E 55 -7.93 17.99 64.48
C ALA E 55 -6.85 17.05 63.97
N GLY E 56 -6.89 16.70 62.68
CA GLY E 56 -5.95 15.76 62.11
C GLY E 56 -6.35 14.30 62.26
N ILE E 57 -7.44 14.02 62.98
CA ILE E 57 -7.91 12.64 63.10
C ILE E 57 -8.33 12.14 61.73
N ARG E 58 -7.88 10.95 61.37
CA ARG E 58 -8.15 10.43 60.02
C ARG E 58 -9.64 10.20 59.83
N MET E 59 -10.10 10.51 58.62
CA MET E 59 -11.50 10.65 58.28
C MET E 59 -11.97 9.47 57.44
N ILE E 60 -13.25 9.12 57.58
CA ILE E 60 -13.88 8.09 56.78
C ILE E 60 -15.27 8.59 56.38
N ASN E 61 -15.52 8.69 55.08
CA ASN E 61 -16.81 9.06 54.53
C ASN E 61 -17.44 7.81 53.93
N ASN E 62 -18.34 7.17 54.68
CA ASN E 62 -18.98 5.94 54.24
C ASN E 62 -20.21 6.20 53.39
N ARG E 63 -20.30 7.36 52.75
CA ARG E 63 -21.39 7.81 51.90
C ARG E 63 -22.60 8.24 52.72
N GLY E 64 -22.57 8.11 54.05
CA GLY E 64 -23.67 8.52 54.89
C GLY E 64 -23.73 10.00 55.19
N GLU E 65 -22.78 10.78 54.66
CA GLU E 65 -22.79 12.22 54.93
C GLU E 65 -24.03 12.89 54.36
N LYS E 66 -24.76 12.22 53.46
CA LYS E 66 -26.04 12.75 53.01
C LYS E 66 -26.93 13.05 54.21
N HIS E 67 -26.84 12.22 55.24
CA HIS E 67 -27.55 12.43 56.50
C HIS E 67 -26.64 12.97 57.59
N GLY E 68 -25.45 13.43 57.24
CA GLY E 68 -24.49 13.92 58.22
C GLY E 68 -23.64 12.84 58.87
N THR E 69 -23.67 11.62 58.35
CA THR E 69 -22.93 10.52 58.98
C THR E 69 -21.48 10.52 58.51
N ILE E 70 -20.56 10.47 59.47
CA ILE E 70 -19.13 10.49 59.22
C ILE E 70 -18.47 9.58 60.25
N THR E 71 -17.25 9.14 59.97
CA THR E 71 -16.47 8.35 60.93
C THR E 71 -15.10 8.96 61.09
N ALA E 72 -14.58 8.92 62.32
CA ALA E 72 -13.25 9.42 62.62
C ALA E 72 -12.50 8.38 63.43
N ARG E 73 -11.24 8.13 63.08
CA ARG E 73 -10.45 7.10 63.75
C ARG E 73 -9.54 7.77 64.79
N LEU E 74 -9.98 7.74 66.05
CA LEU E 74 -9.19 8.22 67.17
C LEU E 74 -8.61 7.02 67.91
N HIS E 75 -7.29 7.00 68.07
CA HIS E 75 -6.60 5.92 68.77
C HIS E 75 -6.93 4.57 68.13
N GLU E 76 -6.97 4.54 66.80
CA GLU E 76 -7.26 3.34 66.03
C GLU E 76 -8.67 2.82 66.31
N GLU E 77 -9.55 3.67 66.83
CA GLU E 77 -10.94 3.32 67.09
C GLU E 77 -11.82 4.21 66.24
N ASN E 78 -12.71 3.60 65.47
CA ASN E 78 -13.60 4.34 64.58
C ASN E 78 -14.85 4.76 65.35
N PHE E 79 -15.11 6.06 65.39
CA PHE E 79 -16.29 6.62 66.02
C PHE E 79 -17.18 7.21 64.93
N GLU E 80 -18.43 6.73 64.92
CA GLU E 80 -19.42 7.17 63.90
C GLU E 80 -20.35 8.22 64.50
N ILE E 81 -20.40 9.38 63.87
CA ILE E 81 -21.22 10.49 64.33
C ILE E 81 -22.08 10.99 63.19
N THR E 82 -23.36 11.18 63.45
CA THR E 82 -24.29 11.74 62.48
C THR E 82 -24.80 13.08 62.98
N THR E 83 -24.96 14.02 62.06
CA THR E 83 -25.47 15.33 62.44
C THR E 83 -26.93 15.23 62.87
N LEU E 84 -27.25 15.85 64.00
CA LEU E 84 -28.62 15.92 64.45
C LEU E 84 -29.47 16.61 63.39
N ARG E 85 -30.62 16.00 63.06
CA ARG E 85 -31.44 16.49 61.96
C ARG E 85 -32.91 16.21 62.24
N ILE E 86 -33.77 16.79 61.42
CA ILE E 86 -35.21 16.60 61.49
C ILE E 86 -35.70 16.16 60.12
N ASP E 87 -36.87 15.54 60.11
CA ASP E 87 -37.49 15.09 58.87
C ASP E 87 -38.56 16.06 58.41
N VAL E 97 -32.89 16.45 54.29
CA VAL E 97 -32.15 16.37 55.54
C VAL E 97 -31.87 17.77 56.08
N GLU E 98 -32.58 18.12 57.15
CA GLU E 98 -32.43 19.42 57.80
C GLU E 98 -31.76 19.19 59.16
N PHE E 99 -30.61 19.82 59.35
CA PHE E 99 -29.85 19.65 60.59
C PHE E 99 -30.43 20.52 61.70
N THR E 100 -30.58 19.92 62.88
CA THR E 100 -31.07 20.63 64.05
C THR E 100 -30.09 20.43 65.20
N THR E 101 -29.73 21.53 65.86
CA THR E 101 -28.90 21.41 67.05
C THR E 101 -29.70 20.94 68.25
N ASP E 102 -30.99 21.29 68.30
CA ASP E 102 -31.83 20.88 69.43
C ASP E 102 -31.94 19.36 69.50
N TRP E 103 -31.74 18.82 70.70
CA TRP E 103 -31.86 17.38 70.89
C TRP E 103 -33.32 16.93 70.94
N GLN E 104 -34.21 17.77 71.47
CA GLN E 104 -35.62 17.40 71.54
C GLN E 104 -36.21 17.21 70.14
N LYS E 105 -35.90 18.12 69.22
CA LYS E 105 -36.44 17.99 67.87
C LYS E 105 -35.90 16.75 67.17
N ASP E 106 -34.61 16.46 67.34
CA ASP E 106 -34.05 15.25 66.75
C ASP E 106 -34.71 14.01 67.34
N ALA E 107 -34.92 13.98 68.65
CA ALA E 107 -35.61 12.85 69.27
C ALA E 107 -37.02 12.72 68.73
N GLU E 108 -37.70 13.84 68.51
CA GLU E 108 -39.00 13.81 67.86
C GLU E 108 -38.90 13.19 66.47
N ARG E 109 -37.82 13.51 65.75
CA ARG E 109 -37.58 12.89 64.46
C ARG E 109 -37.33 11.39 64.57
N ARG E 110 -36.95 10.91 65.74
CA ARG E 110 -36.69 9.47 65.91
C ARG E 110 -37.97 8.69 65.68
N ASP E 111 -37.80 7.40 65.36
CA ASP E 111 -38.93 6.52 65.08
C ASP E 111 -39.53 5.95 66.37
N LEU E 112 -38.73 5.32 67.21
CA LEU E 112 -39.19 4.68 68.43
C LEU E 112 -38.61 5.37 69.66
N THR E 113 -39.44 5.49 70.70
CA THR E 113 -39.00 6.14 71.92
C THR E 113 -37.81 5.41 72.55
N ILE E 114 -37.74 4.09 72.38
CA ILE E 114 -36.69 3.28 72.98
C ILE E 114 -35.32 3.78 72.52
N ASN E 115 -35.30 4.49 71.39
CA ASN E 115 -34.07 5.06 70.85
C ASN E 115 -34.10 6.59 70.82
N SER E 116 -35.21 7.22 71.21
CA SER E 116 -35.29 8.67 71.16
C SER E 116 -34.31 9.32 72.12
N MET E 117 -34.15 8.75 73.32
CA MET E 117 -33.33 9.37 74.34
C MET E 117 -31.88 9.48 73.88
N PHE E 118 -31.22 10.55 74.29
CA PHE E 118 -29.81 10.79 74.03
C PHE E 118 -29.08 10.93 75.36
N LEU E 119 -28.02 10.13 75.53
CA LEU E 119 -27.30 10.07 76.80
C LEU E 119 -26.16 11.09 76.81
N GLY E 120 -26.08 11.86 77.89
CA GLY E 120 -24.93 12.71 78.08
C GLY E 120 -23.70 11.90 78.46
N PHE E 121 -22.54 12.38 78.04
CA PHE E 121 -21.29 11.66 78.28
C PHE E 121 -21.01 11.49 79.76
N ASP E 122 -21.62 12.32 80.62
CA ASP E 122 -21.48 12.15 82.05
C ASP E 122 -22.20 10.90 82.57
N GLY E 123 -23.01 10.26 81.74
CA GLY E 123 -23.82 9.14 82.18
C GLY E 123 -25.26 9.47 82.49
N THR E 124 -25.71 10.69 82.19
CA THR E 124 -27.07 11.12 82.48
C THR E 124 -27.88 11.14 81.19
N LEU E 125 -29.06 10.52 81.23
CA LEU E 125 -29.92 10.41 80.07
C LEU E 125 -30.80 11.65 79.94
N PHE E 126 -31.13 11.99 78.69
CA PHE E 126 -32.02 13.10 78.37
C PHE E 126 -33.11 12.55 77.46
N ASP E 127 -34.17 12.01 78.06
CA ASP E 127 -35.27 11.41 77.32
C ASP E 127 -36.40 12.42 77.20
N TYR E 128 -36.91 12.58 75.98
CA TYR E 128 -37.95 13.56 75.69
C TYR E 128 -39.31 12.93 75.45
N PHE E 129 -39.40 11.59 75.42
CA PHE E 129 -40.66 10.93 75.15
C PHE E 129 -40.86 9.70 76.04
N ASN E 130 -40.21 9.67 77.20
CA ASN E 130 -40.37 8.58 78.16
C ASN E 130 -39.91 7.25 77.58
N GLY E 131 -38.97 7.29 76.62
CA GLY E 131 -38.49 6.07 76.02
C GLY E 131 -37.79 5.15 77.00
N TYR E 132 -37.07 5.75 77.96
CA TYR E 132 -36.33 4.92 78.93
C TYR E 132 -37.28 4.08 79.76
N GLU E 133 -38.42 4.65 80.18
CA GLU E 133 -39.40 3.85 80.91
C GLU E 133 -40.02 2.80 80.01
N ASP E 134 -40.18 3.09 78.72
CA ASP E 134 -40.63 2.07 77.78
C ASP E 134 -39.67 0.89 77.77
N LEU E 135 -38.37 1.18 77.71
CA LEU E 135 -37.37 0.12 77.75
C LEU E 135 -37.42 -0.63 79.08
N LYS E 136 -37.54 0.09 80.19
CA LYS E 136 -37.58 -0.55 81.49
C LYS E 136 -38.76 -1.49 81.61
N ASN E 137 -39.91 -1.10 81.07
CA ASN E 137 -41.11 -1.91 81.11
C ASN E 137 -41.16 -2.94 79.98
N LYS E 138 -40.17 -2.96 79.09
CA LYS E 138 -40.13 -3.82 77.91
C LYS E 138 -41.21 -3.48 76.90
N LYS E 139 -41.99 -2.43 77.14
CA LYS E 139 -43.03 -2.03 76.20
C LYS E 139 -42.42 -1.26 75.03
N VAL E 140 -43.19 -1.14 73.96
CA VAL E 140 -42.78 -0.46 72.74
C VAL E 140 -43.67 0.75 72.53
N ARG E 141 -43.05 1.93 72.41
CA ARG E 141 -43.78 3.16 72.19
C ARG E 141 -43.15 3.90 71.02
N PHE E 142 -44.01 4.41 70.13
CA PHE E 142 -43.57 5.13 68.96
C PHE E 142 -43.36 6.61 69.30
N VAL E 143 -42.41 7.23 68.59
CA VAL E 143 -42.18 8.65 68.77
C VAL E 143 -43.38 9.41 68.23
N GLY E 144 -43.95 10.29 69.05
CA GLY E 144 -45.10 11.05 68.61
C GLY E 144 -46.25 10.13 68.21
N HIS E 145 -46.83 10.43 67.05
CA HIS E 145 -47.98 9.68 66.55
C HIS E 145 -47.49 8.43 65.84
N ALA E 146 -47.79 7.27 66.41
CA ALA E 146 -47.31 6.00 65.84
C ALA E 146 -47.72 5.88 64.38
N LYS E 147 -48.99 6.15 64.08
CA LYS E 147 -49.45 6.06 62.70
C LYS E 147 -48.69 7.02 61.81
N GLN E 148 -48.41 8.23 62.30
CA GLN E 148 -47.60 9.17 61.53
C GLN E 148 -46.21 8.61 61.26
N ARG E 149 -45.60 8.00 62.27
CA ARG E 149 -44.28 7.41 62.07
C ARG E 149 -44.33 6.32 61.01
N ILE E 150 -45.36 5.48 61.04
CA ILE E 150 -45.52 4.47 60.01
C ILE E 150 -45.64 5.12 58.65
N GLN E 151 -46.43 6.19 58.55
CA GLN E 151 -46.57 6.91 57.29
C GLN E 151 -45.22 7.40 56.80
N GLU E 152 -44.41 7.86 57.76
CA GLU E 152 -43.07 8.38 57.40
C GLU E 152 -42.32 7.32 56.61
N ASP E 153 -42.23 6.11 57.15
CA ASP E 153 -41.43 5.02 56.52
C ASP E 153 -42.13 3.69 56.77
N TYR E 154 -42.17 2.84 55.75
CA TYR E 154 -42.81 1.54 55.87
C TYR E 154 -41.88 0.48 56.43
N LEU E 155 -40.63 0.51 55.99
CA LEU E 155 -39.68 -0.53 56.45
C LEU E 155 -39.70 -0.51 57.97
N ARG E 156 -40.11 0.63 58.52
CA ARG E 156 -40.10 0.73 60.00
C ARG E 156 -40.96 -0.38 60.59
N ILE E 157 -42.10 -0.68 59.96
CA ILE E 157 -42.90 -1.85 60.42
C ILE E 157 -41.93 -2.97 60.82
N LEU E 158 -41.05 -3.33 59.90
CA LEU E 158 -40.11 -4.41 60.19
C LEU E 158 -39.16 -4.04 61.32
N ARG E 159 -38.77 -2.76 61.41
CA ARG E 159 -37.94 -2.34 62.54
C ARG E 159 -38.66 -2.57 63.86
N TYR E 160 -39.95 -2.22 63.91
CA TYR E 160 -40.75 -2.44 65.11
C TYR E 160 -40.86 -3.92 65.42
N PHE E 161 -41.07 -4.74 64.39
CA PHE E 161 -41.13 -6.18 64.61
C PHE E 161 -39.83 -6.71 65.20
N ARG E 162 -38.70 -6.27 64.64
CA ARG E 162 -37.41 -6.71 65.15
C ARG E 162 -37.21 -6.27 66.59
N PHE E 163 -37.54 -5.02 66.90
CA PHE E 163 -37.38 -4.53 68.26
C PHE E 163 -38.26 -5.30 69.22
N TYR E 164 -39.49 -5.60 68.81
CA TYR E 164 -40.38 -6.40 69.66
C TYR E 164 -39.77 -7.76 69.93
N GLY E 165 -39.34 -8.46 68.88
CA GLY E 165 -38.78 -9.78 69.06
C GLY E 165 -37.53 -9.76 69.93
N ARG E 166 -36.72 -8.71 69.79
CA ARG E 166 -35.46 -8.63 70.53
C ARG E 166 -35.67 -8.24 71.98
N ILE E 167 -36.69 -7.43 72.28
CA ILE E 167 -36.84 -6.80 73.58
C ILE E 167 -37.98 -7.42 74.37
N VAL E 168 -39.18 -7.51 73.78
CA VAL E 168 -40.34 -8.00 74.51
C VAL E 168 -40.05 -9.40 75.02
N ASP E 169 -40.37 -9.64 76.30
CA ASP E 169 -40.04 -10.90 76.94
C ASP E 169 -40.96 -12.03 76.52
N LYS E 170 -42.20 -11.73 76.16
CA LYS E 170 -43.20 -12.74 75.84
C LYS E 170 -43.88 -12.41 74.52
N PRO E 171 -44.33 -13.42 73.79
CA PRO E 171 -45.06 -13.17 72.55
C PRO E 171 -46.48 -12.70 72.82
N GLY E 172 -47.06 -12.03 71.83
CA GLY E 172 -48.42 -11.57 71.89
C GLY E 172 -48.62 -10.25 72.60
N ASP E 173 -47.55 -9.63 73.10
CA ASP E 173 -47.66 -8.35 73.78
C ASP E 173 -47.69 -7.22 72.78
N HIS E 174 -48.61 -7.29 71.81
CA HIS E 174 -48.67 -6.35 70.71
C HIS E 174 -49.81 -5.35 70.90
N ASP E 175 -49.53 -4.10 70.57
CA ASP E 175 -50.54 -3.06 70.65
C ASP E 175 -51.55 -3.21 69.52
N PRO E 176 -52.84 -3.40 69.79
CA PRO E 176 -53.80 -3.53 68.69
C PRO E 176 -53.78 -2.33 67.75
N GLU E 177 -53.59 -1.13 68.29
CA GLU E 177 -53.49 0.04 67.44
C GLU E 177 -52.31 -0.09 66.48
N THR E 178 -51.16 -0.52 66.99
CA THR E 178 -49.99 -0.70 66.13
C THR E 178 -50.28 -1.76 65.06
N LEU E 179 -50.91 -2.87 65.46
CA LEU E 179 -51.18 -3.94 64.50
C LEU E 179 -52.11 -3.46 63.39
N GLU E 180 -53.19 -2.78 63.75
CA GLU E 180 -54.13 -2.31 62.74
C GLU E 180 -53.50 -1.26 61.85
N ALA E 181 -52.69 -0.36 62.42
CA ALA E 181 -51.99 0.62 61.60
C ALA E 181 -51.05 -0.06 60.62
N ILE E 182 -50.34 -1.10 61.08
CA ILE E 182 -49.43 -1.83 60.19
C ILE E 182 -50.22 -2.48 59.07
N ALA E 183 -51.35 -3.11 59.42
CA ALA E 183 -52.16 -3.75 58.39
C ALA E 183 -52.63 -2.74 57.36
N GLU E 184 -53.06 -1.57 57.81
CA GLU E 184 -53.52 -0.53 56.89
C GLU E 184 -52.39 -0.05 55.99
N ASN E 185 -51.20 0.14 56.56
CA ASN E 185 -50.08 0.70 55.81
C ASN E 185 -49.31 -0.35 55.00
N ALA E 186 -49.67 -1.63 55.14
CA ALA E 186 -48.98 -2.68 54.39
C ALA E 186 -48.81 -2.36 52.92
N LYS E 187 -49.67 -1.50 52.36
CA LYS E 187 -49.56 -1.19 50.93
C LYS E 187 -48.21 -0.54 50.63
N GLY E 188 -47.76 0.39 51.48
CA GLY E 188 -46.51 1.08 51.23
C GLY E 188 -45.29 0.17 51.31
N LEU E 189 -45.37 -0.89 52.13
CA LEU E 189 -44.20 -1.73 52.34
C LEU E 189 -43.69 -2.33 51.04
N ALA E 190 -44.56 -2.50 50.04
CA ALA E 190 -44.12 -3.08 48.78
C ALA E 190 -43.08 -2.19 48.10
N GLY E 191 -43.26 -0.86 48.16
CA GLY E 191 -42.37 0.04 47.46
C GLY E 191 -40.94 0.01 47.98
N ILE E 192 -40.76 -0.17 49.29
CA ILE E 192 -39.44 -0.05 49.89
C ILE E 192 -38.48 -1.03 49.22
N SER E 193 -37.19 -0.68 49.24
CA SER E 193 -36.17 -1.50 48.60
C SER E 193 -36.09 -2.87 49.25
N GLY E 194 -35.81 -3.89 48.45
CA GLY E 194 -35.81 -5.26 48.92
C GLY E 194 -34.62 -5.60 49.80
N GLU E 195 -33.52 -4.88 49.67
CA GLU E 195 -32.40 -5.23 50.56
C GLU E 195 -32.89 -5.03 51.99
N ARG E 196 -33.21 -3.79 52.33
CA ARG E 196 -33.57 -3.53 53.71
C ARG E 196 -34.61 -4.53 54.19
N ILE E 197 -35.57 -4.87 53.31
CA ILE E 197 -36.56 -5.89 53.65
C ILE E 197 -35.87 -7.19 54.04
N TRP E 198 -34.93 -7.63 53.21
CA TRP E 198 -34.25 -8.89 53.47
C TRP E 198 -33.46 -8.84 54.76
N VAL E 199 -32.76 -7.73 55.00
CA VAL E 199 -31.94 -7.61 56.21
C VAL E 199 -32.83 -7.67 57.44
N GLU E 200 -33.93 -6.90 57.43
CA GLU E 200 -34.83 -6.91 58.58
C GLU E 200 -35.48 -8.27 58.76
N LEU E 201 -35.82 -8.94 57.67
CA LEU E 201 -36.40 -10.28 57.78
C LEU E 201 -35.42 -11.25 58.41
N LYS E 202 -34.16 -11.21 57.99
CA LYS E 202 -33.15 -12.06 58.61
C LYS E 202 -33.06 -11.76 60.10
N LYS E 203 -32.97 -10.48 60.45
CA LYS E 203 -32.82 -10.11 61.86
C LYS E 203 -34.00 -10.60 62.68
N ILE E 204 -35.21 -10.44 62.15
CA ILE E 204 -36.40 -10.91 62.87
C ILE E 204 -36.36 -12.43 63.01
N LEU E 205 -35.98 -13.13 61.94
CA LEU E 205 -35.96 -14.59 62.00
C LEU E 205 -34.99 -15.09 63.05
N VAL E 206 -33.82 -14.46 63.17
CA VAL E 206 -32.82 -14.90 64.12
C VAL E 206 -33.20 -14.46 65.53
N GLY E 207 -34.32 -13.76 65.67
CA GLY E 207 -34.75 -13.24 66.95
C GLY E 207 -35.66 -14.20 67.70
N ASN E 208 -36.05 -13.78 68.90
CA ASN E 208 -36.94 -14.54 69.75
C ASN E 208 -38.39 -14.34 69.33
N HIS E 209 -39.27 -15.19 69.85
CA HIS E 209 -40.68 -15.19 69.46
C HIS E 209 -40.85 -15.32 67.95
N VAL E 210 -39.85 -15.90 67.29
CA VAL E 210 -39.84 -15.91 65.83
C VAL E 210 -41.08 -16.59 65.29
N ASN E 211 -41.51 -17.68 65.93
CA ASN E 211 -42.71 -18.37 65.48
C ASN E 211 -43.94 -17.46 65.60
N HIS E 212 -44.13 -16.86 66.77
CA HIS E 212 -45.27 -15.97 66.95
C HIS E 212 -45.19 -14.77 66.02
N LEU E 213 -44.00 -14.20 65.87
CA LEU E 213 -43.84 -13.05 64.99
C LEU E 213 -44.17 -13.41 63.55
N ILE E 214 -43.71 -14.58 63.10
CA ILE E 214 -43.98 -15.01 61.73
C ILE E 214 -45.48 -15.22 61.55
N HIS E 215 -46.13 -15.86 62.51
CA HIS E 215 -47.58 -16.07 62.41
C HIS E 215 -48.30 -14.73 62.34
N LEU E 216 -47.90 -13.77 63.17
CA LEU E 216 -48.53 -12.46 63.14
C LEU E 216 -48.30 -11.78 61.80
N ILE E 217 -47.10 -11.89 61.25
CA ILE E 217 -46.80 -11.27 59.96
C ILE E 217 -47.69 -11.88 58.88
N TYR E 218 -47.81 -13.20 58.88
CA TYR E 218 -48.69 -13.84 57.91
C TYR E 218 -50.13 -13.39 58.08
N ASP E 219 -50.57 -13.24 59.33
CA ASP E 219 -51.91 -12.72 59.57
C ASP E 219 -52.06 -11.32 58.98
N LEU E 220 -51.03 -10.50 59.12
CA LEU E 220 -51.06 -9.14 58.58
C LEU E 220 -51.06 -9.12 57.06
N ASP E 221 -50.79 -10.26 56.42
CA ASP E 221 -50.80 -10.36 54.96
C ASP E 221 -49.68 -9.52 54.34
N VAL E 222 -48.55 -9.39 55.06
CA VAL E 222 -47.40 -8.68 54.52
C VAL E 222 -46.73 -9.46 53.41
N ALA E 223 -46.94 -10.79 53.37
CA ALA E 223 -46.29 -11.63 52.39
C ALA E 223 -46.51 -11.18 50.95
N PRO E 224 -47.75 -10.93 50.50
CA PRO E 224 -47.93 -10.49 49.11
C PRO E 224 -47.13 -9.25 48.77
N TYR E 225 -47.07 -8.27 49.68
CA TYR E 225 -46.27 -7.08 49.43
C TYR E 225 -44.78 -7.40 49.39
N ILE E 226 -44.34 -8.29 50.28
CA ILE E 226 -42.93 -8.71 50.28
C ILE E 226 -42.66 -9.81 49.29
N GLY E 227 -43.68 -10.46 48.75
CA GLY E 227 -43.51 -11.53 47.80
C GLY E 227 -43.50 -12.92 48.40
N LEU E 228 -43.63 -13.04 49.72
CA LEU E 228 -43.70 -14.35 50.34
C LEU E 228 -44.96 -15.08 49.86
N PRO E 229 -44.93 -16.40 49.76
CA PRO E 229 -46.12 -17.13 49.33
C PRO E 229 -47.28 -16.89 50.28
N ALA E 230 -48.48 -16.80 49.71
CA ALA E 230 -49.67 -16.56 50.53
C ALA E 230 -49.90 -17.70 51.52
N ASN E 231 -49.72 -18.94 51.07
CA ASN E 231 -49.90 -20.12 51.89
C ASN E 231 -48.54 -20.71 52.22
N ALA E 232 -48.32 -21.03 53.50
CA ALA E 232 -47.07 -21.61 53.95
C ALA E 232 -47.36 -22.75 54.92
N SER E 233 -46.41 -23.68 55.01
CA SER E 233 -46.52 -24.81 55.92
C SER E 233 -46.06 -24.35 57.32
N LEU E 234 -46.89 -23.51 57.93
CA LEU E 234 -46.58 -22.99 59.25
C LEU E 234 -46.28 -24.13 60.22
N GLU E 235 -47.17 -25.13 60.26
CA GLU E 235 -46.96 -26.29 61.12
C GLU E 235 -45.57 -26.89 60.90
N GLU E 236 -45.18 -27.07 59.64
CA GLU E 236 -43.83 -27.54 59.36
C GLU E 236 -42.80 -26.52 59.84
N PHE E 237 -43.08 -25.23 59.60
CA PHE E 237 -42.19 -24.19 60.09
C PHE E 237 -42.13 -24.22 61.61
N ASP E 238 -43.26 -24.44 62.28
CA ASP E 238 -43.26 -24.51 63.73
C ASP E 238 -42.40 -25.68 64.22
N LYS E 239 -42.56 -26.85 63.60
CA LYS E 239 -41.74 -27.99 63.97
C LYS E 239 -40.27 -27.70 63.76
N VAL E 240 -39.93 -27.08 62.63
CA VAL E 240 -38.53 -26.78 62.33
C VAL E 240 -37.97 -25.81 63.36
N SER E 241 -38.75 -24.78 63.71
CA SER E 241 -38.30 -23.83 64.72
C SER E 241 -38.08 -24.52 66.05
N LYS E 242 -39.00 -25.41 66.44
CA LYS E 242 -38.84 -26.15 67.69
C LYS E 242 -37.57 -26.98 67.66
N ASN E 243 -37.34 -27.69 66.56
CA ASN E 243 -36.17 -28.55 66.45
C ASN E 243 -34.89 -27.73 66.52
N VAL E 244 -34.84 -26.60 65.80
CA VAL E 244 -33.66 -25.76 65.75
C VAL E 244 -33.63 -24.74 66.87
N ASP E 245 -34.66 -24.70 67.72
CA ASP E 245 -34.67 -23.77 68.84
C ASP E 245 -33.41 -23.93 69.66
N GLY E 246 -32.58 -22.89 69.69
CA GLY E 246 -31.30 -22.97 70.36
C GLY E 246 -30.20 -23.63 69.56
N PHE E 247 -30.40 -23.87 68.27
CA PHE E 247 -29.42 -24.51 67.41
C PHE E 247 -28.86 -23.56 66.36
N SER E 248 -28.95 -22.26 66.58
CA SER E 248 -28.44 -21.26 65.65
C SER E 248 -28.99 -21.48 64.24
N PRO E 249 -30.31 -21.49 64.09
CA PRO E 249 -30.89 -21.67 62.75
C PRO E 249 -30.57 -20.49 61.83
N LYS E 250 -30.45 -20.80 60.55
CA LYS E 250 -30.29 -19.70 59.59
C LYS E 250 -31.65 -19.25 59.09
N PRO E 251 -31.84 -17.94 58.87
CA PRO E 251 -33.17 -17.47 58.46
C PRO E 251 -33.68 -18.14 57.20
N VAL E 252 -32.80 -18.40 56.25
CA VAL E 252 -33.22 -19.07 55.01
C VAL E 252 -33.77 -20.45 55.32
N THR E 253 -33.24 -21.11 56.35
CA THR E 253 -33.76 -22.41 56.74
C THR E 253 -35.23 -22.32 57.11
N LEU E 254 -35.57 -21.37 57.98
CA LEU E 254 -36.96 -21.20 58.39
C LEU E 254 -37.82 -20.79 57.21
N LEU E 255 -37.31 -19.90 56.35
CA LEU E 255 -38.08 -19.48 55.19
C LEU E 255 -38.39 -20.66 54.28
N ALA E 256 -37.40 -21.52 54.04
CA ALA E 256 -37.63 -22.71 53.25
C ALA E 256 -38.65 -23.61 53.92
N SER E 257 -38.54 -23.79 55.23
CA SER E 257 -39.57 -24.54 55.95
C SER E 257 -40.95 -23.99 55.66
N LEU E 258 -41.08 -22.68 55.65
CA LEU E 258 -42.34 -22.06 55.24
C LEU E 258 -42.61 -22.29 53.76
N PHE E 259 -41.57 -22.24 52.93
CA PHE E 259 -41.75 -22.42 51.49
C PHE E 259 -42.15 -23.86 51.18
N LYS E 260 -42.72 -24.05 50.00
CA LYS E 260 -43.22 -25.35 49.57
C LYS E 260 -42.60 -25.78 48.25
N VAL E 261 -42.24 -24.81 47.41
CA VAL E 261 -41.68 -25.09 46.09
C VAL E 261 -40.43 -24.23 45.89
N GLN E 262 -39.42 -24.81 45.23
CA GLN E 262 -38.15 -24.10 45.04
C GLN E 262 -38.33 -22.84 44.20
N ASP E 263 -39.15 -22.92 43.15
CA ASP E 263 -39.23 -21.81 42.20
C ASP E 263 -39.85 -20.57 42.83
N ASP E 264 -40.77 -20.74 43.77
CA ASP E 264 -41.27 -19.59 44.52
C ASP E 264 -40.15 -18.93 45.29
N VAL E 265 -39.27 -19.73 45.90
CA VAL E 265 -38.11 -19.17 46.58
C VAL E 265 -37.22 -18.43 45.59
N THR E 266 -37.09 -18.97 44.38
CA THR E 266 -36.30 -18.30 43.36
C THR E 266 -36.87 -16.93 43.03
N LYS E 267 -38.19 -16.86 42.84
CA LYS E 267 -38.82 -15.57 42.55
C LYS E 267 -38.64 -14.62 43.74
N LEU E 268 -38.77 -15.13 44.95
CA LEU E 268 -38.58 -14.28 46.12
C LEU E 268 -37.17 -13.71 46.17
N ASP E 269 -36.17 -14.55 45.86
CA ASP E 269 -34.79 -14.06 45.80
C ASP E 269 -34.67 -12.98 44.72
N LEU E 270 -35.24 -13.23 43.55
CA LEU E 270 -35.16 -12.25 42.48
C LEU E 270 -35.76 -10.92 42.92
N ARG E 271 -36.86 -10.97 43.66
CA ARG E 271 -37.44 -9.74 44.20
C ARG E 271 -36.49 -9.09 45.19
N LEU E 272 -35.99 -9.85 46.16
CA LEU E 272 -35.09 -9.29 47.16
C LEU E 272 -33.67 -9.11 46.62
N LYS E 273 -33.26 -9.94 45.66
CA LYS E 273 -31.91 -9.89 45.10
C LYS E 273 -30.87 -10.25 46.15
N ILE E 274 -31.13 -11.31 46.92
CA ILE E 274 -30.22 -11.74 47.97
C ILE E 274 -29.10 -12.58 47.37
N ALA E 275 -28.07 -12.85 48.17
CA ALA E 275 -26.91 -13.58 47.66
C ALA E 275 -27.30 -14.95 47.13
N LYS E 276 -26.65 -15.36 46.05
CA LYS E 276 -26.93 -16.66 45.45
C LYS E 276 -26.68 -17.80 46.42
N GLU E 277 -25.83 -17.59 47.43
CA GLU E 277 -25.63 -18.63 48.43
C GLU E 277 -26.93 -18.97 49.12
N GLU E 278 -27.71 -17.96 49.50
CA GLU E 278 -29.01 -18.20 50.10
C GLU E 278 -29.99 -18.80 49.08
N LYS E 279 -29.84 -18.43 47.81
CA LYS E 279 -30.65 -19.05 46.77
C LYS E 279 -30.44 -20.55 46.76
N ASN E 280 -29.19 -20.99 46.70
CA ASN E 280 -28.91 -22.42 46.76
C ASN E 280 -29.41 -23.00 48.08
N LEU E 281 -29.17 -22.30 49.18
CA LEU E 281 -29.68 -22.72 50.48
C LEU E 281 -31.14 -23.17 50.35
N GLY E 282 -32.01 -22.23 49.96
CA GLY E 282 -33.41 -22.56 49.83
C GLY E 282 -33.67 -23.67 48.84
N LEU E 283 -32.98 -23.62 47.69
CA LEU E 283 -33.24 -24.59 46.63
C LEU E 283 -33.01 -26.01 47.13
N PHE E 284 -31.79 -26.33 47.53
CA PHE E 284 -31.53 -27.71 47.92
C PHE E 284 -32.24 -28.05 49.23
N ILE E 285 -32.53 -27.06 50.08
CA ILE E 285 -33.29 -27.36 51.30
C ILE E 285 -34.66 -27.91 50.93
N VAL E 286 -35.35 -27.19 50.04
CA VAL E 286 -36.67 -27.65 49.59
C VAL E 286 -36.55 -29.01 48.92
N LYS E 287 -35.52 -29.18 48.09
CA LYS E 287 -35.35 -30.46 47.39
C LYS E 287 -35.16 -31.60 48.38
N ASN E 288 -34.21 -31.45 49.31
CA ASN E 288 -33.78 -32.56 50.15
C ASN E 288 -34.78 -32.87 51.26
N ARG E 289 -35.44 -31.85 51.83
CA ARG E 289 -36.43 -32.12 52.87
C ARG E 289 -37.48 -33.09 52.37
N LYS E 290 -37.77 -33.07 51.07
CA LYS E 290 -38.69 -34.02 50.46
C LYS E 290 -37.98 -35.28 49.99
N ASP E 291 -36.75 -35.14 49.48
CA ASP E 291 -36.06 -36.27 48.87
C ASP E 291 -35.13 -36.96 49.86
N LEU E 292 -34.14 -36.24 50.39
CA LEU E 292 -33.12 -36.85 51.23
C LEU E 292 -33.61 -36.94 52.67
N ILE E 293 -33.48 -38.13 53.26
CA ILE E 293 -33.84 -38.37 54.65
C ILE E 293 -32.89 -39.41 55.22
N LYS E 294 -32.84 -39.46 56.55
CA LYS E 294 -31.97 -40.42 57.22
C LYS E 294 -32.46 -41.84 56.97
N ALA E 295 -31.51 -42.78 56.94
CA ALA E 295 -31.79 -44.19 56.67
C ALA E 295 -31.66 -44.95 57.98
N THR E 296 -32.76 -45.02 58.73
CA THR E 296 -32.77 -45.79 59.96
C THR E 296 -32.53 -47.27 59.68
N ASP E 297 -33.03 -47.78 58.55
CA ASP E 297 -32.75 -49.15 58.17
C ASP E 297 -31.25 -49.37 58.01
N SER E 298 -30.56 -48.42 57.37
CA SER E 298 -29.11 -48.46 57.33
C SER E 298 -28.55 -48.36 58.75
N SER E 299 -27.46 -49.08 59.00
CA SER E 299 -26.85 -49.05 60.31
C SER E 299 -26.60 -47.63 60.77
N ASP E 300 -26.15 -46.77 59.86
CA ASP E 300 -25.95 -45.36 60.15
C ASP E 300 -27.02 -44.53 59.45
N PRO E 301 -28.00 -43.96 60.17
CA PRO E 301 -28.93 -43.04 59.51
C PRO E 301 -28.26 -41.82 58.90
N LEU E 302 -27.03 -41.51 59.34
CA LEU E 302 -26.26 -40.43 58.74
C LEU E 302 -25.52 -40.86 57.48
N LYS E 303 -25.50 -42.15 57.17
CA LYS E 303 -24.78 -42.62 55.99
C LYS E 303 -25.34 -42.04 54.69
N PRO E 304 -26.66 -41.97 54.47
CA PRO E 304 -27.13 -41.33 53.23
C PRO E 304 -26.63 -39.90 53.08
N TYR E 305 -26.63 -39.14 54.17
CA TYR E 305 -26.14 -37.76 54.11
C TYR E 305 -24.64 -37.74 53.82
N GLN E 306 -23.89 -38.64 54.46
CA GLN E 306 -22.45 -38.69 54.20
C GLN E 306 -22.17 -39.00 52.75
N ASP E 307 -22.88 -39.97 52.18
CA ASP E 307 -22.71 -40.32 50.78
C ASP E 307 -23.08 -39.16 49.88
N PHE E 308 -24.19 -38.47 50.20
CA PHE E 308 -24.58 -37.32 49.40
C PHE E 308 -23.51 -36.24 49.43
N ILE E 309 -22.94 -35.98 50.61
CA ILE E 309 -21.87 -34.99 50.71
C ILE E 309 -20.68 -35.43 49.86
N ILE E 310 -20.32 -36.71 49.94
CA ILE E 310 -19.21 -37.21 49.13
C ILE E 310 -19.50 -36.99 47.65
N ASP E 311 -20.75 -37.15 47.25
CA ASP E 311 -21.12 -36.91 45.86
C ASP E 311 -20.83 -35.47 45.46
N SER E 312 -21.14 -34.52 46.36
CA SER E 312 -20.88 -33.13 46.06
C SER E 312 -19.38 -32.85 46.02
N ARG E 313 -19.03 -31.62 45.61
CA ARG E 313 -17.64 -31.24 45.39
C ARG E 313 -17.03 -30.54 46.60
N GLU E 314 -17.60 -29.43 47.04
CA GLU E 314 -16.95 -28.54 47.98
C GLU E 314 -17.53 -28.70 49.38
N PRO E 315 -16.75 -28.34 50.42
CA PRO E 315 -17.28 -28.44 51.79
C PRO E 315 -18.48 -27.55 52.04
N ASP E 316 -18.71 -26.56 51.16
CA ASP E 316 -19.96 -25.83 51.22
C ASP E 316 -21.14 -26.79 51.26
N ALA E 317 -21.07 -27.88 50.49
CA ALA E 317 -22.10 -28.90 50.57
C ALA E 317 -22.14 -29.55 51.94
N THR E 318 -20.98 -29.69 52.60
CA THR E 318 -20.98 -30.21 53.96
C THR E 318 -21.79 -29.31 54.89
N THR E 319 -21.53 -28.00 54.83
CA THR E 319 -22.30 -27.07 55.64
C THR E 319 -23.77 -27.10 55.25
N ARG E 320 -24.04 -27.26 53.95
CA ARG E 320 -25.41 -27.31 53.46
C ARG E 320 -26.16 -28.50 54.06
N VAL E 321 -25.51 -29.67 54.07
CA VAL E 321 -26.13 -30.85 54.65
C VAL E 321 -26.28 -30.71 56.16
N CYS E 322 -25.32 -30.04 56.81
CA CYS E 322 -25.48 -29.77 58.23
C CYS E 322 -26.71 -28.92 58.49
N GLU E 323 -26.93 -27.90 57.66
CA GLU E 323 -28.13 -27.07 57.79
C GLU E 323 -29.39 -27.89 57.51
N LEU E 324 -29.32 -28.80 56.54
CA LEU E 324 -30.45 -29.67 56.29
C LEU E 324 -30.78 -30.53 57.50
N LEU E 325 -29.75 -31.07 58.14
CA LEU E 325 -29.95 -31.83 59.37
C LEU E 325 -30.59 -30.97 60.45
N LYS E 326 -30.09 -29.75 60.60
CA LYS E 326 -30.72 -28.81 61.53
C LYS E 326 -32.21 -28.67 61.22
N TYR E 327 -32.54 -28.52 59.93
CA TYR E 327 -33.94 -28.40 59.53
C TYR E 327 -34.72 -29.64 59.96
N GLN E 328 -34.16 -30.83 59.72
CA GLN E 328 -34.85 -32.06 60.07
C GLN E 328 -34.91 -32.27 61.57
N GLY E 329 -34.07 -31.58 62.35
CA GLY E 329 -34.08 -31.72 63.78
C GLY E 329 -33.33 -32.93 64.31
N GLU E 330 -32.54 -33.60 63.48
CA GLU E 330 -31.78 -34.77 63.90
C GLU E 330 -30.55 -34.28 64.67
N HIS E 331 -30.80 -33.88 65.92
CA HIS E 331 -29.72 -33.30 66.72
C HIS E 331 -28.58 -34.28 66.93
N CYS E 332 -28.92 -35.54 67.24
CA CYS E 332 -27.86 -36.54 67.37
C CYS E 332 -27.12 -36.74 66.06
N LEU E 333 -27.87 -36.83 64.95
CA LEU E 333 -27.24 -36.99 63.65
C LEU E 333 -26.46 -35.73 63.28
N LEU E 334 -26.98 -34.56 63.64
CA LEU E 334 -26.24 -33.32 63.38
C LEU E 334 -24.91 -33.33 64.12
N LYS E 335 -24.92 -33.74 65.39
CA LYS E 335 -23.67 -33.84 66.13
C LYS E 335 -22.72 -34.83 65.47
N GLU E 336 -23.20 -36.03 65.16
CA GLU E 336 -22.36 -37.03 64.52
C GLU E 336 -21.73 -36.48 63.24
N MET E 337 -22.52 -35.75 62.46
CA MET E 337 -21.98 -35.10 61.27
C MET E 337 -20.89 -34.11 61.65
N GLN E 338 -21.11 -33.34 62.71
CA GLN E 338 -20.08 -32.39 63.15
C GLN E 338 -18.78 -33.10 63.46
N GLN E 339 -18.83 -34.17 64.26
CA GLN E 339 -17.62 -34.94 64.52
C GLN E 339 -17.19 -35.71 63.27
N TRP E 340 -18.14 -36.23 62.51
CA TRP E 340 -17.80 -37.00 61.33
C TRP E 340 -17.10 -36.11 60.30
N SER E 341 -16.06 -36.66 59.67
CA SER E 341 -15.31 -35.97 58.64
C SER E 341 -15.35 -36.79 57.36
N ILE E 342 -15.55 -36.10 56.24
CA ILE E 342 -15.60 -36.76 54.93
C ILE E 342 -14.27 -37.46 54.70
N PRO E 343 -14.22 -38.80 54.74
CA PRO E 343 -12.96 -39.47 54.45
C PRO E 343 -12.55 -39.24 53.02
N PRO E 344 -11.24 -39.18 52.74
CA PRO E 344 -10.79 -38.98 51.36
C PRO E 344 -10.81 -40.28 50.58
N PHE E 345 -11.32 -40.23 49.37
CA PHE E 345 -11.28 -41.39 48.49
C PHE E 345 -9.84 -41.58 48.02
N PRO E 346 -9.22 -42.73 48.29
CA PRO E 346 -7.77 -42.82 48.07
C PRO E 346 -7.36 -42.89 46.61
N VAL E 347 -8.07 -43.68 45.80
CA VAL E 347 -7.62 -43.93 44.44
C VAL E 347 -7.64 -42.64 43.63
N SER E 348 -6.55 -42.38 42.93
CA SER E 348 -6.44 -41.29 41.97
C SER E 348 -6.46 -41.88 40.56
N GLY E 349 -6.63 -40.98 39.58
CA GLY E 349 -6.66 -41.43 38.21
C GLY E 349 -5.38 -42.13 37.78
N HIS E 350 -4.28 -41.81 38.46
CA HIS E 350 -2.98 -42.41 38.09
C HIS E 350 -3.01 -43.90 38.44
N ASP E 351 -3.60 -44.26 39.59
CA ASP E 351 -3.72 -45.67 39.92
C ASP E 351 -4.41 -46.42 38.79
N ILE E 352 -5.48 -45.84 38.25
CA ILE E 352 -6.19 -46.45 37.14
C ILE E 352 -5.30 -46.52 35.90
N ARG E 353 -4.54 -45.46 35.65
CA ARG E 353 -3.63 -45.47 34.51
C ARG E 353 -2.58 -46.57 34.67
N LYS E 354 -2.05 -46.75 35.88
CA LYS E 354 -1.13 -47.85 36.13
C LYS E 354 -1.80 -49.19 35.88
N VAL E 355 -3.06 -49.32 36.26
CA VAL E 355 -3.78 -50.56 36.02
C VAL E 355 -3.83 -50.87 34.52
N GLY E 356 -3.75 -49.84 33.68
CA GLY E 356 -3.68 -50.05 32.24
C GLY E 356 -4.84 -49.42 31.49
N ILE E 357 -5.39 -48.32 32.00
CA ILE E 357 -6.51 -47.62 31.38
C ILE E 357 -6.01 -46.24 30.97
N SER E 358 -6.18 -45.91 29.69
CA SER E 358 -5.76 -44.63 29.14
C SER E 358 -6.93 -43.71 28.79
N SER E 359 -8.01 -44.25 28.24
CA SER E 359 -9.16 -43.44 27.88
C SER E 359 -9.65 -42.66 29.09
N GLY E 360 -9.60 -41.33 28.98
CA GLY E 360 -9.96 -40.49 30.11
C GLY E 360 -11.36 -40.76 30.61
N LYS E 361 -12.32 -40.85 29.69
CA LYS E 361 -13.71 -41.07 30.08
C LYS E 361 -13.86 -42.38 30.86
N GLU E 362 -13.16 -43.42 30.42
CA GLU E 362 -13.14 -44.67 31.18
C GLU E 362 -12.54 -44.43 32.56
N ILE E 363 -11.50 -43.58 32.65
CA ILE E 363 -10.89 -43.31 33.95
C ILE E 363 -11.92 -42.66 34.88
N GLY E 364 -12.67 -41.69 34.38
CA GLY E 364 -13.68 -41.04 35.21
C GLY E 364 -14.79 -41.99 35.63
N ALA E 365 -15.26 -42.81 34.69
CA ALA E 365 -16.31 -43.77 35.02
C ALA E 365 -15.83 -44.76 36.07
N LEU E 366 -14.59 -45.25 35.91
CA LEU E 366 -14.04 -46.18 36.89
C LEU E 366 -13.86 -45.51 38.24
N LEU E 367 -13.43 -44.24 38.26
CA LEU E 367 -13.31 -43.53 39.52
C LEU E 367 -14.66 -43.41 40.20
N GLN E 368 -15.71 -43.09 39.44
CA GLN E 368 -17.04 -43.01 40.03
C GLN E 368 -17.48 -44.35 40.59
N GLN E 369 -17.29 -45.42 39.81
CA GLN E 369 -17.67 -46.76 40.25
C GLN E 369 -16.94 -47.13 41.53
N LEU E 370 -15.64 -46.87 41.57
CA LEU E 370 -14.87 -47.12 42.78
C LEU E 370 -15.36 -46.28 43.93
N ARG E 371 -15.85 -45.07 43.65
CA ARG E 371 -16.42 -44.25 44.72
C ARG E 371 -17.65 -44.92 45.31
N GLU E 372 -18.55 -45.42 44.46
CA GLU E 372 -19.73 -46.10 44.98
C GLU E 372 -19.34 -47.36 45.75
N GLN E 373 -18.37 -48.11 45.24
CA GLN E 373 -17.94 -49.32 45.95
C GLN E 373 -17.32 -48.96 47.29
N TRP E 374 -16.53 -47.90 47.33
CA TRP E 374 -15.93 -47.44 48.58
C TRP E 374 -17.00 -47.01 49.58
N LYS E 375 -18.03 -46.32 49.10
CA LYS E 375 -19.15 -45.97 49.98
C LYS E 375 -19.84 -47.22 50.50
N LYS E 376 -20.06 -48.20 49.62
CA LYS E 376 -20.72 -49.43 50.04
C LYS E 376 -19.91 -50.16 51.10
N SER E 377 -18.58 -50.19 50.94
CA SER E 377 -17.70 -50.82 51.91
C SER E 377 -17.61 -50.05 53.22
N GLY E 378 -18.39 -48.98 53.38
CA GLY E 378 -18.28 -48.18 54.58
C GLY E 378 -17.04 -47.33 54.63
N TYR E 379 -16.39 -47.10 53.49
CA TYR E 379 -15.14 -46.36 53.36
C TYR E 379 -13.96 -47.12 53.93
N GLN E 380 -14.14 -48.36 54.38
CA GLN E 380 -13.04 -49.14 54.93
C GLN E 380 -12.16 -49.76 53.86
N MET E 381 -12.62 -49.79 52.61
CA MET E 381 -11.85 -50.40 51.54
C MET E 381 -10.60 -49.56 51.23
N GLU E 382 -9.50 -50.25 50.96
CA GLU E 382 -8.21 -49.61 50.74
C GLU E 382 -7.98 -49.34 49.26
N LYS E 383 -6.93 -48.56 48.99
CA LYS E 383 -6.58 -48.24 47.60
C LYS E 383 -6.23 -49.51 46.83
N ASP E 384 -5.45 -50.40 47.44
CA ASP E 384 -5.12 -51.66 46.79
C ASP E 384 -6.36 -52.53 46.65
N GLU E 385 -7.25 -52.49 47.64
CA GLU E 385 -8.52 -53.19 47.50
C GLU E 385 -9.31 -52.65 46.31
N LEU E 386 -9.31 -51.34 46.14
CA LEU E 386 -9.97 -50.76 44.96
C LEU E 386 -9.30 -51.22 43.68
N LEU E 387 -7.96 -51.23 43.66
CA LEU E 387 -7.25 -51.66 42.46
C LEU E 387 -7.62 -53.10 42.10
N SER E 388 -7.70 -53.97 43.11
CA SER E 388 -8.21 -55.32 42.85
C SER E 388 -9.64 -55.26 42.34
N TYR E 389 -10.45 -54.37 42.91
CA TYR E 389 -11.81 -54.17 42.39
C TYR E 389 -11.77 -53.64 40.97
N ILE E 390 -10.83 -52.74 40.67
CA ILE E 390 -10.70 -52.22 39.32
C ILE E 390 -10.50 -53.38 38.36
N LYS E 391 -11.29 -53.40 37.30
CA LYS E 391 -11.25 -54.46 36.30
C LYS E 391 -10.38 -53.99 35.14
N LYS E 392 -9.29 -54.72 34.90
CA LYS E 392 -8.35 -54.33 33.85
C LYS E 392 -9.06 -54.30 32.50
N THR E 393 -8.84 -53.22 31.76
CA THR E 393 -9.49 -53.04 30.47
C THR E 393 -8.67 -52.13 29.58
N ALA F 75 19.21 -32.37 35.27
CA ALA F 75 18.99 -33.76 35.68
C ALA F 75 17.81 -33.85 36.64
N ALA F 76 17.93 -33.14 37.78
CA ALA F 76 16.81 -33.10 38.72
C ALA F 76 15.53 -32.65 38.03
N THR F 77 15.66 -31.72 37.07
CA THR F 77 14.52 -31.34 36.26
C THR F 77 14.01 -32.52 35.44
N ARG F 78 14.91 -33.36 34.93
CA ARG F 78 14.49 -34.54 34.18
C ARG F 78 13.69 -35.49 35.05
N GLU F 79 14.16 -35.73 36.28
CA GLU F 79 13.43 -36.60 37.18
C GLU F 79 12.09 -35.99 37.56
N PHE F 80 12.05 -34.68 37.76
CA PHE F 80 10.78 -34.02 38.06
C PHE F 80 9.80 -34.15 36.90
N ILE F 81 10.31 -34.04 35.66
CA ILE F 81 9.45 -34.21 34.49
C ILE F 81 8.95 -35.65 34.40
N GLU F 82 9.81 -36.62 34.71
CA GLU F 82 9.36 -38.01 34.74
C GLU F 82 8.28 -38.22 35.79
N MET F 83 8.44 -37.59 36.96
CA MET F 83 7.41 -37.67 37.98
C MET F 83 6.12 -37.02 37.50
N TRP F 84 6.23 -35.95 36.71
CA TRP F 84 5.04 -35.35 36.11
C TRP F 84 4.37 -36.33 35.15
N ARG F 85 5.17 -37.01 34.32
CA ARG F 85 4.62 -38.00 33.39
C ARG F 85 3.87 -39.08 34.16
N LEU F 86 4.46 -39.58 35.24
CA LEU F 86 3.77 -40.55 36.08
C LEU F 86 2.49 -39.95 36.65
N LEU F 87 2.56 -38.70 37.10
CA LEU F 87 1.39 -37.96 37.56
C LEU F 87 0.58 -37.40 36.40
N GLY F 88 1.11 -37.43 35.17
CA GLY F 88 0.32 -37.13 34.01
C GLY F 88 -0.24 -35.73 33.94
N ARG F 89 0.26 -34.82 34.79
CA ARG F 89 -0.11 -33.42 34.69
C ARG F 89 0.84 -32.77 33.68
N GLU F 90 0.26 -32.16 32.64
CA GLU F 90 1.00 -31.60 31.52
C GLU F 90 1.57 -32.70 30.63
N VAL F 91 1.39 -33.96 31.03
CA VAL F 91 1.83 -35.15 30.30
C VAL F 91 3.06 -34.85 29.45
N PRO F 92 4.20 -34.48 30.05
CA PRO F 92 5.39 -34.25 29.22
C PRO F 92 5.76 -35.50 28.44
N GLU F 93 6.25 -35.29 27.22
CA GLU F 93 6.57 -36.40 26.34
C GLU F 93 7.99 -36.34 25.79
N HIS F 94 8.51 -35.15 25.51
CA HIS F 94 9.84 -34.99 24.95
C HIS F 94 10.63 -33.99 25.79
N ILE F 95 11.95 -34.16 25.79
CA ILE F 95 12.86 -33.36 26.60
C ILE F 95 13.70 -32.50 25.67
N THR F 96 13.78 -31.21 25.99
CA THR F 96 14.59 -30.26 25.24
C THR F 96 15.45 -29.46 26.21
N GLU F 97 16.63 -29.06 25.73
CA GLU F 97 17.59 -28.38 26.60
C GLU F 97 17.09 -27.00 27.01
N GLU F 98 16.58 -26.22 26.06
CA GLU F 98 16.17 -24.86 26.37
C GLU F 98 15.02 -24.85 27.39
N GLU F 99 14.03 -25.72 27.19
CA GLU F 99 12.91 -25.76 28.13
C GLU F 99 13.33 -26.37 29.46
N LEU F 100 14.28 -27.31 29.44
CA LEU F 100 14.78 -27.86 30.70
C LEU F 100 15.49 -26.79 31.53
N LYS F 101 16.33 -25.98 30.89
CA LYS F 101 16.98 -24.89 31.61
C LYS F 101 15.99 -23.82 32.00
N THR F 102 14.91 -23.65 31.24
CA THR F 102 13.83 -22.78 31.68
C THR F 102 13.19 -23.31 32.97
N LEU F 103 12.97 -24.61 33.04
CA LEU F 103 12.43 -25.21 34.25
C LEU F 103 13.37 -24.99 35.42
N MET F 104 14.66 -25.21 35.20
CA MET F 104 15.64 -24.94 36.25
C MET F 104 15.58 -23.49 36.68
N GLU F 105 15.45 -22.58 35.72
CA GLU F 105 15.36 -21.16 36.04
C GLU F 105 14.00 -20.81 36.64
N CYS F 106 12.93 -21.41 36.11
CA CYS F 106 11.57 -21.12 36.59
C CYS F 106 11.40 -21.72 37.97
N VAL F 107 11.55 -20.88 39.00
CA VAL F 107 11.47 -21.37 40.37
C VAL F 107 10.07 -21.87 40.69
N SER F 108 9.05 -21.13 40.27
CA SER F 108 7.67 -21.42 40.66
C SER F 108 7.15 -22.59 39.83
N ASN F 109 7.01 -23.76 40.46
CA ASN F 109 6.40 -24.90 39.78
C ASN F 109 4.89 -24.72 39.67
N THR F 110 4.27 -24.04 40.63
CA THR F 110 2.84 -23.77 40.54
C THR F 110 2.52 -22.96 39.29
N ALA F 111 3.32 -21.95 38.99
CA ALA F 111 3.19 -21.24 37.72
C ALA F 111 3.70 -22.08 36.55
N LYS F 112 4.69 -22.93 36.79
CA LYS F 112 5.25 -23.76 35.72
C LYS F 112 4.27 -24.81 35.22
N LYS F 113 3.21 -25.10 35.98
CA LYS F 113 2.25 -26.10 35.55
C LYS F 113 1.69 -25.75 34.17
N LYS F 114 1.26 -24.50 33.99
CA LYS F 114 0.73 -24.09 32.69
C LYS F 114 1.80 -24.09 31.62
N TYR F 115 3.03 -23.71 31.98
CA TYR F 115 4.12 -23.71 31.00
C TYR F 115 4.31 -25.12 30.46
N LEU F 116 4.43 -26.11 31.35
CA LEU F 116 4.58 -27.49 30.92
C LEU F 116 3.36 -27.97 30.15
N LYS F 117 2.16 -27.55 30.57
CA LYS F 117 0.95 -27.98 29.89
C LYS F 117 0.98 -27.55 28.43
N TYR F 118 1.22 -26.27 28.17
CA TYR F 118 1.22 -25.83 26.79
C TYR F 118 2.52 -26.19 26.07
N LEU F 119 3.58 -26.55 26.79
CA LEU F 119 4.73 -27.16 26.14
C LEU F 119 4.37 -28.53 25.55
N TYR F 120 3.76 -29.38 26.36
CA TYR F 120 3.34 -30.68 25.85
C TYR F 120 2.29 -30.50 24.77
N THR F 121 1.44 -29.49 24.91
CA THR F 121 0.51 -29.17 23.84
C THR F 121 1.25 -28.79 22.57
N LYS F 122 2.37 -28.07 22.71
CA LYS F 122 3.18 -27.71 21.54
C LYS F 122 3.76 -28.95 20.87
N GLU F 123 4.27 -29.88 21.66
CA GLU F 123 4.83 -31.10 21.06
C GLU F 123 3.75 -31.95 20.42
N LYS F 124 2.60 -32.07 21.09
CA LYS F 124 1.50 -32.79 20.41
C LYS F 124 1.25 -32.08 19.09
N VAL F 125 1.08 -30.76 19.15
CA VAL F 125 0.76 -30.01 17.94
C VAL F 125 1.81 -30.28 16.86
N LYS F 126 3.06 -30.47 17.25
CA LYS F 126 4.08 -30.84 16.27
C LYS F 126 3.79 -32.21 15.68
N LYS F 127 3.39 -33.16 16.52
CA LYS F 127 3.03 -34.48 16.02
C LYS F 127 1.83 -34.41 15.10
N ALA F 128 0.82 -33.62 15.48
CA ALA F 128 -0.35 -33.42 14.63
C ALA F 128 0.04 -32.70 13.35
N ARG F 129 1.03 -31.81 13.41
CA ARG F 129 1.53 -31.14 12.21
C ARG F 129 2.17 -32.14 11.27
N GLN F 130 2.93 -33.08 11.82
CA GLN F 130 3.52 -34.13 11.00
C GLN F 130 2.44 -35.00 10.37
N ILE F 131 1.41 -35.34 11.14
CA ILE F 131 0.31 -36.14 10.60
C ILE F 131 -0.40 -35.38 9.48
N LYS F 132 -0.68 -34.09 9.72
CA LYS F 132 -1.34 -33.28 8.72
C LYS F 132 -0.46 -33.10 7.48
N LYS F 133 0.85 -33.03 7.67
CA LYS F 133 1.75 -32.91 6.52
C LYS F 133 1.74 -34.20 5.70
N GLU F 134 1.69 -35.35 6.37
CA GLU F 134 1.53 -36.61 5.65
C GLU F 134 0.22 -36.63 4.87
N MET F 135 -0.87 -36.18 5.51
CA MET F 135 -2.16 -36.15 4.84
C MET F 135 -2.13 -35.21 3.64
N LYS F 136 -1.49 -34.05 3.80
CA LYS F 136 -1.41 -33.08 2.71
C LYS F 136 -0.52 -33.59 1.59
N ALA F 137 0.55 -34.32 1.91
CA ALA F 137 1.38 -34.92 0.88
C ALA F 137 0.58 -35.98 0.11
N ALA F 138 -0.24 -36.75 0.83
CA ALA F 138 -1.12 -37.69 0.16
C ALA F 138 -2.09 -36.97 -0.77
N ALA F 139 -2.65 -35.84 -0.30
CA ALA F 139 -3.58 -35.07 -1.12
C ALA F 139 -2.88 -34.50 -2.35
N ARG F 140 -1.65 -34.02 -2.19
CA ARG F 140 -0.90 -33.50 -3.32
C ARG F 140 -0.58 -34.60 -4.32
N GLU F 141 -0.22 -35.78 -3.82
CA GLU F 141 -0.02 -36.92 -4.72
C GLU F 141 -1.31 -37.25 -5.47
N GLU F 142 -2.44 -37.21 -4.76
CA GLU F 142 -3.72 -37.45 -5.42
C GLU F 142 -3.97 -36.43 -6.52
N ALA F 143 -3.72 -35.15 -6.23
CA ALA F 143 -3.93 -34.11 -7.24
C ALA F 143 -3.02 -34.31 -8.43
N LYS F 144 -1.75 -34.64 -8.19
CA LYS F 144 -0.80 -34.78 -9.29
C LYS F 144 -1.13 -36.00 -10.14
N ASN F 145 -1.53 -37.11 -9.52
CA ASN F 145 -1.91 -38.27 -10.31
C ASN F 145 -3.25 -38.05 -11.02
N ILE F 146 -4.12 -37.23 -10.44
CA ILE F 146 -5.33 -36.83 -11.15
C ILE F 146 -4.98 -36.05 -12.41
N LYS F 147 -4.04 -35.12 -12.29
CA LYS F 147 -3.58 -34.38 -13.46
C LYS F 147 -2.96 -35.33 -14.49
N LEU F 148 -2.21 -36.32 -13.98
CA LEU F 148 -1.52 -37.31 -14.85
C LEU F 148 -2.55 -38.11 -15.65
N LEU F 149 -3.60 -38.57 -14.98
CA LEU F 149 -4.65 -39.34 -15.63
C LEU F 149 -5.45 -38.48 -16.60
N GLU F 150 -5.76 -37.25 -16.20
CA GLU F 150 -6.52 -36.36 -17.08
C GLU F 150 -5.75 -36.09 -18.37
N THR F 151 -4.47 -35.73 -18.21
CA THR F 151 -3.61 -35.46 -19.39
C THR F 151 -4.45 -34.72 -20.44
N THR F 152 -5.11 -33.64 -20.05
CA THR F 152 -5.89 -32.84 -20.99
C THR F 152 -4.98 -32.16 -22.01
N GLU F 153 -3.92 -31.52 -21.54
CA GLU F 153 -2.96 -30.84 -22.41
C GLU F 153 -3.66 -29.69 -23.13
N GLU F 154 -2.89 -28.79 -23.74
CA GLU F 154 -3.42 -27.53 -24.27
C GLU F 154 -4.03 -26.70 -23.15
N ASP F 155 -3.26 -26.49 -22.09
CA ASP F 155 -3.71 -25.71 -20.94
C ASP F 155 -3.81 -24.25 -21.36
N LYS F 156 -5.03 -23.78 -21.61
CA LYS F 156 -5.26 -22.45 -22.17
C LYS F 156 -4.47 -22.29 -23.48
N GLN F 157 -4.36 -23.39 -24.23
CA GLN F 157 -3.59 -23.41 -25.46
C GLN F 157 -2.20 -22.80 -25.25
N LYS F 158 -1.68 -22.95 -24.04
CA LYS F 158 -0.43 -22.28 -23.65
C LYS F 158 -0.53 -20.78 -23.86
N ASN F 159 -1.74 -20.23 -23.70
CA ASN F 159 -2.00 -18.82 -23.96
C ASN F 159 -2.06 -18.09 -22.63
N PHE F 160 -0.88 -17.74 -22.12
CA PHE F 160 -0.73 -16.93 -20.92
C PHE F 160 -0.08 -15.61 -21.29
N LEU F 161 -0.28 -14.60 -20.44
CA LEU F 161 0.32 -13.30 -20.64
C LEU F 161 1.43 -12.99 -19.64
N PHE F 162 1.40 -13.60 -18.46
CA PHE F 162 2.44 -13.41 -17.46
C PHE F 162 2.83 -14.75 -16.87
N LEU F 163 4.06 -14.84 -16.39
CA LEU F 163 4.47 -16.02 -15.65
C LEU F 163 3.84 -16.02 -14.27
N ARG F 164 3.72 -17.21 -13.68
CA ARG F 164 3.12 -17.36 -12.36
C ARG F 164 4.17 -17.03 -11.30
N LEU F 165 4.44 -15.73 -11.17
CA LEU F 165 5.35 -15.19 -10.17
C LEU F 165 4.65 -14.08 -9.39
N TRP F 166 3.43 -14.35 -8.95
CA TRP F 166 2.58 -13.30 -8.41
C TRP F 166 3.01 -12.88 -7.02
N ASP F 167 3.51 -13.80 -6.20
CA ASP F 167 3.94 -13.42 -4.87
C ASP F 167 5.08 -12.40 -4.92
N ARG F 168 6.06 -12.65 -5.80
CA ARG F 168 7.18 -11.72 -5.92
C ARG F 168 6.71 -10.35 -6.38
N ASN F 169 5.80 -10.31 -7.36
CA ASN F 169 5.31 -9.03 -7.86
C ASN F 169 4.53 -8.29 -6.78
N MET F 170 3.71 -9.01 -6.01
CA MET F 170 2.99 -8.36 -4.93
C MET F 170 3.96 -7.78 -3.91
N ASP F 171 4.98 -8.54 -3.54
CA ASP F 171 5.96 -8.02 -2.57
C ASP F 171 6.66 -6.79 -3.12
N ILE F 172 7.04 -6.81 -4.38
CA ILE F 172 7.76 -5.68 -4.96
C ILE F 172 6.86 -4.44 -5.03
N ALA F 173 5.60 -4.62 -5.43
CA ALA F 173 4.69 -3.49 -5.47
C ALA F 173 4.48 -2.91 -4.07
N MET F 174 4.33 -3.78 -3.08
CA MET F 174 4.21 -3.31 -1.70
C MET F 174 5.44 -2.55 -1.28
N GLY F 175 6.63 -3.01 -1.69
CA GLY F 175 7.84 -2.28 -1.37
C GLY F 175 7.87 -0.90 -2.01
N TRP F 176 7.47 -0.81 -3.27
CA TRP F 176 7.44 0.50 -3.93
C TRP F 176 6.48 1.44 -3.22
N LYS F 177 5.30 0.95 -2.86
CA LYS F 177 4.34 1.79 -2.15
C LYS F 177 4.90 2.21 -0.79
N GLY F 178 5.58 1.29 -0.10
CA GLY F 178 6.17 1.64 1.18
C GLY F 178 7.22 2.72 1.05
N ALA F 179 8.05 2.63 0.02
CA ALA F 179 9.06 3.66 -0.20
C ALA F 179 8.40 5.01 -0.49
N GLN F 180 7.38 5.01 -1.35
CA GLN F 180 6.66 6.24 -1.62
C GLN F 180 6.09 6.83 -0.34
N ALA F 181 5.52 5.98 0.51
CA ALA F 181 4.95 6.48 1.77
C ALA F 181 6.04 7.03 2.68
N MET F 182 7.14 6.31 2.82
CA MET F 182 8.25 6.80 3.65
C MET F 182 8.70 8.17 3.18
N GLN F 183 8.63 8.42 1.87
CA GLN F 183 8.98 9.76 1.38
C GLN F 183 7.89 10.78 1.67
N PHE F 184 6.61 10.40 1.49
CA PHE F 184 5.50 11.35 1.59
C PHE F 184 4.33 10.80 2.38
N GLY F 185 4.60 9.94 3.36
CA GLY F 185 3.53 9.34 4.13
C GLY F 185 3.21 10.11 5.39
N GLN F 186 2.02 9.89 5.92
CA GLN F 186 1.64 10.48 7.19
C GLN F 186 2.28 9.69 8.33
N PRO F 187 3.05 10.32 9.19
CA PRO F 187 3.68 9.55 10.28
C PRO F 187 2.65 8.92 11.20
N LEU F 188 2.97 7.72 11.67
CA LEU F 188 2.20 7.05 12.70
C LEU F 188 3.19 6.36 13.62
N VAL F 189 3.17 6.70 14.90
CA VAL F 189 4.26 6.38 15.81
C VAL F 189 3.80 5.30 16.78
N PHE F 190 4.64 4.28 16.96
CA PHE F 190 4.54 3.33 18.06
C PHE F 190 5.70 3.62 18.99
N ASP F 191 5.40 3.96 20.24
CA ASP F 191 6.42 4.29 21.23
C ASP F 191 6.62 3.06 22.11
N MET F 192 7.73 2.36 21.89
CA MET F 192 8.05 1.16 22.66
C MET F 192 8.74 1.54 23.97
N ALA F 193 8.03 2.36 24.75
CA ALA F 193 8.51 2.82 26.04
C ALA F 193 7.79 2.13 27.20
N TYR F 194 7.03 1.08 26.91
CA TYR F 194 6.26 0.38 27.94
C TYR F 194 6.95 -0.91 28.39
N GLU F 195 8.20 -1.13 28.01
CA GLU F 195 8.88 -2.37 28.35
C GLU F 195 8.86 -2.62 29.85
N ASN F 196 8.98 -1.56 30.65
CA ASN F 196 9.03 -1.72 32.10
C ASN F 196 7.71 -2.22 32.67
N TYR F 197 6.62 -2.13 31.91
CA TYR F 197 5.30 -2.49 32.39
C TYR F 197 4.80 -3.82 31.86
N MET F 198 5.67 -4.62 31.23
CA MET F 198 5.27 -5.85 30.57
C MET F 198 6.12 -7.02 31.06
N LYS F 199 5.52 -8.20 31.02
CA LYS F 199 6.20 -9.45 31.34
C LYS F 199 6.57 -10.16 30.04
N ARG F 200 7.06 -11.40 30.17
CA ARG F 200 7.50 -12.13 28.98
C ARG F 200 6.34 -12.38 28.03
N LYS F 201 5.24 -12.94 28.55
CA LYS F 201 4.10 -13.25 27.69
C LYS F 201 3.54 -12.00 27.04
N GLU F 202 3.40 -10.92 27.82
CA GLU F 202 2.91 -9.67 27.26
C GLU F 202 3.88 -9.13 26.22
N LEU F 203 5.18 -9.31 26.44
CA LEU F 203 6.16 -8.86 25.47
C LEU F 203 5.99 -9.61 24.15
N GLN F 204 5.84 -10.93 24.21
CA GLN F 204 5.64 -11.70 22.99
C GLN F 204 4.37 -11.28 22.27
N ASN F 205 3.28 -11.08 23.02
CA ASN F 205 2.04 -10.64 22.40
C ASN F 205 2.23 -9.27 21.74
N THR F 206 2.92 -8.37 22.40
CA THR F 206 3.16 -7.05 21.81
C THR F 206 3.93 -7.18 20.51
N VAL F 207 4.96 -8.02 20.49
CA VAL F 207 5.75 -8.17 19.27
C VAL F 207 4.89 -8.76 18.16
N SER F 208 4.10 -9.77 18.47
CA SER F 208 3.24 -10.37 17.45
C SER F 208 2.25 -9.34 16.90
N GLN F 209 1.65 -8.55 17.78
CA GLN F 209 0.70 -7.54 17.33
C GLN F 209 1.39 -6.48 16.48
N LEU F 210 2.62 -6.11 16.85
CA LEU F 210 3.36 -5.16 16.03
C LEU F 210 3.63 -5.73 14.65
N LEU F 211 4.01 -7.00 14.58
CA LEU F 211 4.22 -7.63 13.27
C LEU F 211 2.94 -7.58 12.44
N GLU F 212 1.82 -7.95 13.04
CA GLU F 212 0.56 -7.95 12.31
C GLU F 212 0.19 -6.55 11.84
N SER F 213 0.38 -5.56 12.71
CA SER F 213 0.03 -4.18 12.35
C SER F 213 0.91 -3.69 11.20
N GLU F 214 2.21 -3.98 11.25
CA GLU F 214 3.09 -3.58 10.17
C GLU F 214 2.66 -4.25 8.87
N GLY F 215 2.29 -5.54 8.93
CA GLY F 215 1.82 -6.21 7.73
C GLY F 215 0.59 -5.55 7.15
N TRP F 216 -0.38 -5.25 8.02
CA TRP F 216 -1.62 -4.63 7.55
C TRP F 216 -1.35 -3.26 6.94
N ASN F 217 -0.46 -2.48 7.55
CA ASN F 217 -0.07 -1.21 6.96
C ASN F 217 0.58 -1.41 5.61
N ARG F 218 1.46 -2.41 5.50
CA ARG F 218 2.17 -2.66 4.26
C ARG F 218 1.20 -3.00 3.13
N ARG F 219 0.21 -3.84 3.41
CA ARG F 219 -0.70 -4.31 2.38
C ARG F 219 -1.81 -3.32 2.04
N ASN F 220 -1.84 -2.16 2.69
CA ASN F 220 -2.86 -1.17 2.41
C ASN F 220 -2.57 -0.44 1.11
N VAL F 221 -3.55 0.34 0.65
CA VAL F 221 -3.38 1.12 -0.57
C VAL F 221 -2.81 2.52 -0.30
N ASP F 222 -2.90 3.00 0.93
CA ASP F 222 -2.34 4.29 1.34
C ASP F 222 -1.59 4.10 2.65
N PRO F 223 -0.48 3.39 2.62
CA PRO F 223 0.17 3.01 3.88
C PRO F 223 0.67 4.21 4.67
N PHE F 224 0.66 4.04 5.99
CA PHE F 224 1.28 5.03 6.88
C PHE F 224 2.79 4.95 6.79
N HIS F 225 3.46 5.97 7.30
CA HIS F 225 4.89 5.94 7.53
C HIS F 225 5.06 5.61 9.01
N ILE F 226 5.40 4.36 9.30
CA ILE F 226 5.43 3.90 10.68
C ILE F 226 6.76 4.27 11.31
N TYR F 227 6.69 4.91 12.47
CA TYR F 227 7.85 5.23 13.28
C TYR F 227 7.87 4.31 14.49
N PHE F 228 9.06 3.87 14.88
CA PHE F 228 9.26 3.08 16.09
C PHE F 228 10.12 3.90 17.03
N CYS F 229 9.47 4.64 17.92
CA CYS F 229 10.16 5.56 18.81
C CYS F 229 10.43 4.91 20.16
N ASN F 230 11.37 5.49 20.90
CA ASN F 230 11.76 5.02 22.21
C ASN F 230 12.21 3.56 22.20
N LEU F 231 12.62 3.06 21.05
CA LEU F 231 13.02 1.66 20.91
C LEU F 231 14.51 1.56 21.26
N LYS F 232 14.80 0.96 22.42
CA LYS F 232 16.18 0.77 22.83
C LYS F 232 16.89 -0.17 21.86
N ILE F 233 18.13 0.16 21.51
CA ILE F 233 18.85 -0.64 20.51
C ILE F 233 18.95 -2.08 20.98
N ASP F 234 19.36 -2.29 22.22
CA ASP F 234 19.54 -3.62 22.78
C ASP F 234 18.41 -4.02 23.71
N GLY F 235 17.30 -3.30 23.71
CA GLY F 235 16.20 -3.61 24.60
C GLY F 235 15.56 -4.94 24.26
N ALA F 236 14.69 -5.38 25.19
CA ALA F 236 14.01 -6.65 24.98
C ALA F 236 13.15 -6.63 23.72
N LEU F 237 12.42 -5.53 23.51
CA LEU F 237 11.59 -5.42 22.31
C LEU F 237 12.43 -5.47 21.05
N HIS F 238 13.57 -4.75 21.04
CA HIS F 238 14.40 -4.76 19.85
C HIS F 238 14.93 -6.15 19.56
N ARG F 239 15.41 -6.85 20.59
CA ARG F 239 15.94 -8.18 20.38
C ARG F 239 14.86 -9.12 19.87
N GLU F 240 13.66 -9.06 20.47
CA GLU F 240 12.58 -9.94 20.04
C GLU F 240 12.16 -9.63 18.61
N LEU F 241 12.06 -8.35 18.26
CA LEU F 241 11.68 -7.98 16.90
C LEU F 241 12.72 -8.47 15.90
N VAL F 242 14.00 -8.29 16.23
CA VAL F 242 15.05 -8.75 15.32
C VAL F 242 14.98 -10.25 15.14
N LYS F 243 14.79 -10.99 16.24
CA LYS F 243 14.71 -12.44 16.13
C LYS F 243 13.52 -12.85 15.28
N ARG F 244 12.39 -12.15 15.43
CA ARG F 244 11.18 -12.55 14.71
C ARG F 244 11.26 -12.18 13.23
N TYR F 245 11.94 -11.09 12.89
CA TYR F 245 12.04 -10.65 11.52
C TYR F 245 13.25 -11.20 10.77
N GLN F 246 14.19 -11.82 11.47
CA GLN F 246 15.35 -12.43 10.81
C GLN F 246 16.07 -11.33 10.06
N GLU F 247 16.41 -11.51 8.79
CA GLU F 247 17.10 -10.48 8.02
C GLU F 247 16.16 -9.41 7.49
N LYS F 248 14.85 -9.66 7.50
CA LYS F 248 13.91 -8.67 7.00
C LYS F 248 13.99 -7.38 7.79
N TRP F 249 14.44 -7.44 9.05
CA TRP F 249 14.41 -6.27 9.91
C TRP F 249 15.10 -5.08 9.25
N ASP F 250 16.31 -5.30 8.73
CA ASP F 250 17.04 -4.20 8.12
C ASP F 250 16.36 -3.70 6.86
N LYS F 251 15.63 -4.56 6.16
CA LYS F 251 14.98 -4.19 4.91
C LYS F 251 13.59 -3.60 5.11
N LEU F 252 13.07 -3.61 6.33
CA LEU F 252 11.73 -3.08 6.55
C LEU F 252 11.67 -1.60 6.24
N LEU F 253 10.58 -1.16 5.63
CA LEU F 253 10.40 0.23 5.23
C LEU F 253 9.67 1.01 6.32
N LEU F 254 10.26 1.00 7.52
CA LEU F 254 9.75 1.78 8.64
C LEU F 254 10.93 2.40 9.36
N THR F 255 10.68 3.54 10.01
CA THR F 255 11.72 4.28 10.70
C THR F 255 11.75 3.86 12.16
N SER F 256 12.87 3.26 12.58
CA SER F 256 13.09 2.86 13.96
C SER F 256 14.19 3.73 14.55
N THR F 257 13.88 4.46 15.61
CA THR F 257 14.80 5.42 16.17
C THR F 257 14.78 5.35 17.69
N GLU F 258 15.95 5.61 18.29
CA GLU F 258 16.03 5.72 19.74
C GLU F 258 15.23 6.92 20.25
N LYS F 259 15.30 8.03 19.53
CA LYS F 259 14.72 9.28 20.03
C LYS F 259 13.22 9.14 20.20
N SER F 260 12.70 9.77 21.24
CA SER F 260 11.27 9.76 21.48
C SER F 260 10.55 10.58 20.42
N HIS F 261 9.27 10.27 20.24
CA HIS F 261 8.49 10.95 19.20
C HIS F 261 8.52 12.46 19.35
N VAL F 262 8.64 12.95 20.58
CA VAL F 262 8.59 14.40 20.80
C VAL F 262 9.72 15.08 20.04
N ASP F 263 10.91 14.50 20.05
CA ASP F 263 12.03 15.10 19.33
C ASP F 263 11.74 15.18 17.84
N LEU F 264 11.18 14.13 17.27
CA LEU F 264 11.03 14.08 15.81
C LEU F 264 10.03 15.10 15.31
N PHE F 265 8.94 15.33 16.04
CA PHE F 265 7.84 16.14 15.57
C PHE F 265 7.55 17.27 16.55
N PRO F 266 6.91 18.35 16.08
CA PRO F 266 6.50 19.41 17.00
C PRO F 266 5.43 18.92 17.97
N LYS F 267 5.48 19.46 19.18
CA LYS F 267 4.51 19.05 20.19
C LYS F 267 3.08 19.39 19.79
N ASP F 268 2.90 20.31 18.85
CA ASP F 268 1.55 20.71 18.48
C ASP F 268 0.84 19.62 17.71
N SER F 269 1.52 19.02 16.72
CA SER F 269 0.86 18.09 15.81
C SER F 269 0.60 16.74 16.46
N ILE F 270 1.43 16.34 17.43
CA ILE F 270 1.29 15.01 18.01
C ILE F 270 -0.04 14.89 18.73
N ILE F 271 -0.70 13.74 18.57
CA ILE F 271 -1.90 13.38 19.30
C ILE F 271 -1.70 11.97 19.81
N TYR F 272 -1.75 11.79 21.13
CA TYR F 272 -1.46 10.50 21.75
C TYR F 272 -2.77 9.75 21.96
N LEU F 273 -3.03 8.75 21.13
CA LEU F 273 -4.25 7.97 21.28
C LEU F 273 -4.21 7.16 22.57
N THR F 274 -5.33 7.16 23.29
CA THR F 274 -5.44 6.36 24.49
C THR F 274 -6.91 6.23 24.85
N ALA F 275 -7.22 5.19 25.62
CA ALA F 275 -8.60 4.86 26.00
C ALA F 275 -9.03 5.55 27.28
N ASP F 276 -8.16 6.34 27.91
CA ASP F 276 -8.49 7.00 29.16
C ASP F 276 -8.73 8.50 29.00
N SER F 277 -8.21 9.10 27.94
CA SER F 277 -8.25 10.55 27.83
C SER F 277 -9.69 11.03 27.72
N PRO F 278 -10.06 12.11 28.41
CA PRO F 278 -11.44 12.62 28.29
C PRO F 278 -11.81 13.03 26.89
N ASN F 279 -10.86 13.55 26.10
CA ASN F 279 -11.17 13.96 24.74
C ASN F 279 -11.56 12.74 23.92
N VAL F 280 -12.55 12.95 23.03
CA VAL F 280 -13.06 11.88 22.18
C VAL F 280 -12.69 12.23 20.75
N MET F 281 -11.99 11.32 20.08
CA MET F 281 -11.68 11.50 18.68
C MET F 281 -12.97 11.50 17.87
N THR F 282 -13.10 12.47 16.97
CA THR F 282 -14.30 12.63 16.16
C THR F 282 -14.03 12.38 14.69
N THR F 283 -13.07 13.10 14.10
CA THR F 283 -12.73 12.96 12.69
C THR F 283 -11.23 12.81 12.55
N PHE F 284 -10.80 11.85 11.73
CA PHE F 284 -9.38 11.68 11.46
C PHE F 284 -8.83 12.94 10.81
N ARG F 285 -7.69 13.41 11.30
CA ARG F 285 -7.04 14.61 10.79
C ARG F 285 -5.73 14.22 10.12
N HIS F 286 -5.56 14.65 8.87
CA HIS F 286 -4.42 14.21 8.07
C HIS F 286 -3.14 14.97 8.38
N ASP F 287 -3.22 16.10 9.09
CA ASP F 287 -2.05 16.88 9.44
C ASP F 287 -1.63 16.67 10.89
N LYS F 288 -1.87 15.48 11.43
CA LYS F 288 -1.51 15.15 12.80
C LYS F 288 -0.74 13.84 12.81
N VAL F 289 0.09 13.67 13.84
CA VAL F 289 0.87 12.46 14.04
C VAL F 289 0.23 11.72 15.20
N TYR F 290 -0.35 10.56 14.92
CA TYR F 290 -1.05 9.78 15.92
C TYR F 290 -0.08 8.79 16.57
N VAL F 291 0.06 8.89 17.89
CA VAL F 291 0.98 8.04 18.63
C VAL F 291 0.17 6.96 19.33
N ILE F 292 0.51 5.70 19.05
CA ILE F 292 -0.16 4.54 19.64
C ILE F 292 0.81 3.86 20.59
N GLY F 293 0.39 3.66 21.82
CA GLY F 293 1.22 2.99 22.80
C GLY F 293 1.34 1.51 22.52
N SER F 294 2.54 1.06 22.15
CA SER F 294 2.78 -0.36 21.89
C SER F 294 2.83 -1.07 23.24
N PHE F 295 1.64 -1.32 23.79
CA PHE F 295 1.49 -1.81 25.15
C PHE F 295 0.45 -2.91 25.18
N VAL F 296 0.72 -3.94 25.97
CA VAL F 296 -0.23 -5.02 26.24
C VAL F 296 -0.40 -5.12 27.74
N ASP F 297 -1.62 -4.90 28.22
CA ASP F 297 -1.90 -4.75 29.64
C ASP F 297 -2.81 -5.87 30.10
N LYS F 298 -2.22 -7.02 30.47
CA LYS F 298 -3.00 -8.10 31.04
C LYS F 298 -3.49 -7.76 32.44
N SER F 299 -2.59 -7.29 33.30
CA SER F 299 -2.93 -6.90 34.66
C SER F 299 -3.29 -5.42 34.62
N MET F 300 -4.59 -5.13 34.53
CA MET F 300 -5.08 -3.80 34.22
C MET F 300 -4.29 -2.71 34.94
N GLN F 301 -3.74 -1.78 34.17
CA GLN F 301 -3.01 -0.63 34.69
C GLN F 301 -3.54 0.63 34.00
N PRO F 302 -4.75 1.06 34.34
CA PRO F 302 -5.32 2.23 33.67
C PRO F 302 -4.44 3.46 33.86
N GLY F 303 -4.39 4.30 32.83
CA GLY F 303 -3.73 5.58 32.92
C GLY F 303 -2.28 5.61 32.53
N THR F 304 -1.69 4.47 32.17
CA THR F 304 -0.28 4.46 31.81
C THR F 304 -0.02 5.36 30.59
N SER F 305 -0.76 5.13 29.51
CA SER F 305 -0.60 5.96 28.33
C SER F 305 -0.99 7.40 28.62
N LEU F 306 -2.08 7.60 29.35
CA LEU F 306 -2.49 8.96 29.71
C LEU F 306 -1.45 9.61 30.60
N ALA F 307 -0.86 8.84 31.52
CA ALA F 307 0.20 9.39 32.36
C ALA F 307 1.37 9.86 31.51
N LYS F 308 1.80 9.04 30.54
CA LYS F 308 2.90 9.44 29.68
C LYS F 308 2.56 10.70 28.89
N ALA F 309 1.35 10.74 28.33
CA ALA F 309 0.96 11.90 27.53
C ALA F 309 0.93 13.17 28.37
N LYS F 310 0.42 13.07 29.60
CA LYS F 310 0.42 14.23 30.49
C LYS F 310 1.85 14.64 30.85
N ARG F 311 2.72 13.67 31.10
CA ARG F 311 4.11 13.99 31.45
C ARG F 311 4.78 14.75 30.32
N LEU F 312 4.61 14.27 29.09
CA LEU F 312 5.15 14.99 27.95
C LEU F 312 4.28 16.17 27.54
N ASN F 313 3.11 16.33 28.13
CA ASN F 313 2.21 17.44 27.83
C ASN F 313 1.72 17.36 26.38
N LEU F 314 1.22 16.19 26.00
CA LEU F 314 0.76 15.93 24.64
C LEU F 314 -0.75 15.73 24.63
N ALA F 315 -1.41 16.33 23.64
CA ALA F 315 -2.85 16.18 23.51
C ALA F 315 -3.20 14.71 23.28
N THR F 316 -4.32 14.28 23.85
CA THR F 316 -4.74 12.89 23.81
C THR F 316 -6.15 12.79 23.25
N GLU F 317 -6.48 11.60 22.76
CA GLU F 317 -7.79 11.34 22.20
C GLU F 317 -8.15 9.89 22.44
N CYS F 318 -9.45 9.59 22.40
CA CYS F 318 -9.95 8.24 22.51
C CYS F 318 -11.01 8.01 21.44
N LEU F 319 -11.09 6.78 20.97
CA LEU F 319 -12.03 6.46 19.91
C LEU F 319 -13.46 6.57 20.42
N PRO F 320 -14.40 6.91 19.55
CA PRO F 320 -15.81 7.04 19.97
C PRO F 320 -16.53 5.70 19.95
N LEU F 321 -16.02 4.74 20.74
CA LEU F 321 -16.62 3.41 20.77
C LEU F 321 -18.05 3.48 21.29
N ASP F 322 -18.28 4.25 22.35
CA ASP F 322 -19.63 4.39 22.89
C ASP F 322 -20.56 5.05 21.88
N LYS F 323 -20.07 6.07 21.18
CA LYS F 323 -20.95 6.89 20.34
C LYS F 323 -21.61 6.07 19.25
N TYR F 324 -20.85 5.19 18.61
CA TYR F 324 -21.35 4.44 17.46
C TYR F 324 -21.67 2.98 17.77
N LEU F 325 -21.24 2.47 18.92
CA LEU F 325 -21.51 1.10 19.31
C LEU F 325 -22.18 1.07 20.68
N GLN F 326 -23.00 0.04 20.89
CA GLN F 326 -23.61 -0.20 22.20
C GLN F 326 -22.63 -0.99 23.06
N TRP F 327 -21.59 -0.28 23.50
CA TRP F 327 -20.50 -0.94 24.22
C TRP F 327 -21.00 -1.58 25.52
N GLU F 328 -21.79 -0.84 26.29
CA GLU F 328 -22.29 -1.33 27.57
C GLU F 328 -21.07 -1.60 28.45
N ILE F 329 -20.89 -2.81 28.98
CA ILE F 329 -19.76 -3.14 29.85
C ILE F 329 -18.78 -3.98 29.03
N GLY F 330 -17.57 -3.46 28.86
CA GLY F 330 -16.55 -4.16 28.12
C GLY F 330 -15.23 -3.47 28.33
N ASN F 331 -14.16 -4.10 27.83
CA ASN F 331 -12.81 -3.58 27.98
C ASN F 331 -12.52 -2.68 26.79
N LYS F 332 -12.46 -1.37 27.03
CA LYS F 332 -12.31 -0.41 25.95
C LYS F 332 -11.00 -0.57 25.20
N ASN F 333 -10.01 -1.21 25.80
CA ASN F 333 -8.71 -1.37 25.15
C ASN F 333 -8.85 -2.21 23.89
N LEU F 334 -8.17 -1.78 22.83
CA LEU F 334 -8.15 -2.50 21.57
C LEU F 334 -6.71 -2.88 21.23
N THR F 335 -6.56 -3.99 20.53
CA THR F 335 -5.24 -4.45 20.14
C THR F 335 -4.64 -3.51 19.10
N LEU F 336 -3.31 -3.58 18.97
CA LEU F 336 -2.62 -2.66 18.07
C LEU F 336 -3.09 -2.84 16.64
N ASP F 337 -3.24 -4.08 16.18
CA ASP F 337 -3.65 -4.32 14.80
C ASP F 337 -5.04 -3.76 14.53
N GLN F 338 -5.97 -3.93 15.46
CA GLN F 338 -7.29 -3.32 15.30
C GLN F 338 -7.17 -1.81 15.23
N MET F 339 -6.32 -1.22 16.06
CA MET F 339 -6.16 0.23 16.04
C MET F 339 -5.66 0.70 14.68
N ILE F 340 -4.63 0.04 14.14
CA ILE F 340 -4.06 0.48 12.87
C ILE F 340 -5.05 0.25 11.74
N ARG F 341 -5.79 -0.85 11.78
CA ARG F 341 -6.80 -1.08 10.74
C ARG F 341 -7.88 0.00 10.78
N ILE F 342 -8.33 0.36 11.98
CA ILE F 342 -9.33 1.43 12.10
C ILE F 342 -8.76 2.74 11.56
N LEU F 343 -7.51 3.05 11.93
CA LEU F 343 -6.92 4.30 11.49
C LEU F 343 -6.77 4.33 9.97
N LEU F 344 -6.36 3.21 9.37
CA LEU F 344 -6.25 3.16 7.92
C LEU F 344 -7.60 3.35 7.26
N CYS F 345 -8.64 2.70 7.79
CA CYS F 345 -9.97 2.86 7.22
C CYS F 345 -10.43 4.31 7.30
N LEU F 346 -10.19 4.96 8.43
CA LEU F 346 -10.55 6.36 8.56
C LEU F 346 -9.76 7.23 7.59
N LYS F 347 -8.46 6.97 7.46
CA LYS F 347 -7.63 7.75 6.55
C LYS F 347 -8.08 7.58 5.11
N ASN F 348 -8.65 6.44 4.77
CA ASN F 348 -9.15 6.20 3.42
C ASN F 348 -10.55 6.75 3.21
N ASN F 349 -10.97 7.72 4.00
CA ASN F 349 -12.26 8.40 3.90
C ASN F 349 -13.43 7.50 4.30
N GLY F 350 -13.17 6.33 4.87
CA GLY F 350 -14.25 5.52 5.37
C GLY F 350 -14.97 6.19 6.51
N ASN F 351 -16.28 5.95 6.60
CA ASN F 351 -17.06 6.49 7.69
C ASN F 351 -16.71 5.77 8.99
N TRP F 352 -17.40 6.12 10.06
CA TRP F 352 -17.08 5.53 11.36
C TRP F 352 -17.59 4.11 11.49
N GLN F 353 -18.70 3.76 10.83
CA GLN F 353 -19.21 2.40 10.92
C GLN F 353 -18.23 1.42 10.28
N GLU F 354 -17.80 1.71 9.05
CA GLU F 354 -16.84 0.84 8.38
C GLU F 354 -15.55 0.76 9.18
N ALA F 355 -15.07 1.89 9.67
CA ALA F 355 -13.82 1.90 10.42
C ALA F 355 -13.94 1.04 11.67
N LEU F 356 -15.05 1.18 12.40
CA LEU F 356 -15.22 0.48 13.67
C LEU F 356 -15.65 -0.97 13.49
N GLN F 357 -15.97 -1.39 12.27
CA GLN F 357 -16.29 -2.81 12.07
C GLN F 357 -15.18 -3.70 12.61
N PHE F 358 -13.93 -3.24 12.55
CA PHE F 358 -12.81 -4.05 12.97
C PHE F 358 -12.76 -4.31 14.47
N VAL F 359 -13.55 -3.59 15.26
CA VAL F 359 -13.56 -3.87 16.69
C VAL F 359 -14.04 -5.29 16.90
N PRO F 360 -13.52 -6.05 17.87
CA PRO F 360 -14.00 -7.41 18.06
C PRO F 360 -15.50 -7.44 18.29
N LYS F 361 -16.16 -8.40 17.65
CA LYS F 361 -17.62 -8.45 17.71
C LYS F 361 -18.12 -8.74 19.13
N ARG F 362 -17.35 -9.48 19.92
CA ARG F 362 -17.82 -9.86 21.25
C ARG F 362 -18.02 -8.64 22.13
N LYS F 363 -17.12 -7.66 22.03
CA LYS F 363 -17.16 -6.54 22.97
C LYS F 363 -18.42 -5.70 22.82
N HIS F 364 -18.85 -5.45 21.59
CA HIS F 364 -19.99 -4.58 21.33
C HIS F 364 -21.13 -5.38 20.73
N THR F 365 -22.36 -5.10 21.18
CA THR F 365 -23.52 -5.83 20.69
C THR F 365 -23.78 -5.50 19.21
N GLY F 366 -23.82 -4.23 18.87
CA GLY F 366 -24.08 -3.83 17.51
C GLY F 366 -24.05 -2.32 17.38
N PHE F 367 -24.02 -1.87 16.12
CA PHE F 367 -23.91 -0.45 15.86
C PHE F 367 -25.15 0.29 16.34
N LEU F 368 -24.95 1.49 16.88
CA LEU F 368 -26.04 2.32 17.33
C LEU F 368 -26.68 3.00 16.12
N GLU F 369 -27.60 3.92 16.36
CA GLU F 369 -28.24 4.68 15.29
C GLU F 369 -28.40 6.14 15.68
PA NAD H . 25.95 16.29 -6.22
O1A NAD H . 25.13 17.18 -5.36
O2A NAD H . 27.20 15.69 -5.68
O5B NAD H . 26.27 17.04 -7.58
C5B NAD H . 25.75 18.37 -7.73
C4B NAD H . 26.91 19.32 -7.90
O4B NAD H . 26.44 20.53 -8.53
C3B NAD H . 27.60 19.77 -6.60
O3B NAD H . 29.01 19.79 -6.78
C2B NAD H . 27.07 21.18 -6.42
O2B NAD H . 27.95 22.04 -5.74
C1B NAD H . 26.99 21.64 -7.86
N9A NAD H . 26.07 22.74 -8.04
C8A NAD H . 24.78 22.79 -7.63
N7A NAD H . 24.18 23.89 -7.94
C5A NAD H . 25.13 24.62 -8.63
C6A NAD H . 25.10 25.88 -9.24
N6A NAD H . 24.03 26.65 -9.24
N1A NAD H . 26.22 26.31 -9.84
C2A NAD H . 27.30 25.51 -9.84
N3A NAD H . 27.44 24.30 -9.30
C4A NAD H . 26.31 23.92 -8.70
O3 NAD H . 25.05 15.11 -6.73
PN NAD H . 25.37 14.30 -8.06
O1N NAD H . 24.68 12.98 -8.02
O2N NAD H . 26.83 14.32 -8.31
O5D NAD H . 24.66 15.22 -9.11
C5D NAD H . 25.25 15.20 -10.41
C4D NAD H . 24.17 15.42 -11.43
O4D NAD H . 23.62 14.15 -11.78
C3D NAD H . 22.99 16.29 -10.98
O3D NAD H . 22.67 17.17 -12.04
C2D NAD H . 21.89 15.25 -10.79
O2D NAD H . 20.61 15.81 -11.04
C1D NAD H . 22.22 14.24 -11.86
N1N NAD H . 21.71 12.89 -11.54
C2N NAD H . 22.08 12.26 -10.41
C3N NAD H . 21.65 11.02 -10.09
C7N NAD H . 22.13 10.38 -8.81
O7N NAD H . 22.01 9.17 -8.67
N7N NAD H . 22.70 11.15 -7.91
C4N NAD H . 20.84 10.37 -10.99
C5N NAD H . 20.47 11.01 -12.15
C6N NAD H . 20.92 12.27 -12.40
PA NAD I . -1.40 31.14 -30.59
O1A NAD I . -0.42 32.25 -30.42
O2A NAD I . -2.59 31.37 -31.45
O5B NAD I . -1.87 30.62 -29.16
C5B NAD I . -1.06 30.94 -28.01
C4B NAD I . -1.95 31.56 -26.97
O4B NAD I . -1.23 31.68 -25.71
C3B NAD I . -2.46 32.96 -27.28
O3B NAD I . -3.86 33.04 -27.03
C2B NAD I . -1.72 33.84 -26.28
O2B NAD I . -2.43 34.99 -25.91
C1B NAD I . -1.65 32.87 -25.11
N9A NAD I . -0.69 33.24 -24.09
C8A NAD I . 0.66 33.41 -24.24
N7A NAD I . 1.26 33.73 -23.13
C5A NAD I . 0.25 33.77 -22.18
C6A NAD I . 0.25 34.05 -20.82
N6A NAD I . 1.34 34.35 -20.13
N1A NAD I . -0.93 34.00 -20.17
C2A NAD I . -2.03 33.69 -20.87
N3A NAD I . -2.15 33.41 -22.16
C4A NAD I . -0.96 33.46 -22.77
O3 NAD I . -0.65 29.86 -31.11
PN NAD I . -1.24 28.39 -31.01
O1N NAD I . -0.71 27.57 -32.12
O2N NAD I . -2.71 28.47 -30.83
O5D NAD I . -0.59 27.92 -29.64
C5D NAD I . -1.16 26.71 -29.11
C4D NAD I . -0.10 25.98 -28.34
O4D NAD I . 0.35 24.85 -29.10
C3D NAD I . 1.16 26.78 -27.99
O3D NAD I . 1.60 26.39 -26.71
C2D NAD I . 2.13 26.32 -29.08
O2D NAD I . 3.46 26.49 -28.64
C1D NAD I . 1.74 24.86 -29.22
N1N NAD I . 2.04 24.32 -30.57
C2N NAD I . 1.57 24.96 -31.68
C3N NAD I . 1.81 24.44 -32.92
C7N NAD I . 1.29 25.15 -34.14
O7N NAD I . 1.26 24.55 -35.21
N7N NAD I . 0.85 26.38 -34.00
C4N NAD I . 2.49 23.28 -33.02
C5N NAD I . 2.95 22.63 -31.91
C6N NAD I . 2.72 23.18 -30.69
PA NAD J . -8.38 -12.55 -27.22
O1A NAD J . -7.72 -13.87 -27.26
O2A NAD J . -9.70 -12.42 -26.57
O5B NAD J . -8.45 -11.95 -28.69
C5B NAD J . -7.60 -12.53 -29.69
C4B NAD J . -8.44 -12.90 -30.88
O4B NAD J . -7.56 -13.27 -31.97
C3B NAD J . -9.39 -14.08 -30.68
O3B NAD J . -10.65 -13.78 -31.26
C2B NAD J . -8.70 -15.20 -31.46
O2B NAD J . -9.59 -16.15 -31.99
C1B NAD J . -8.10 -14.40 -32.60
N9A NAD J . -7.01 -15.08 -33.25
C8A NAD J . -5.93 -15.64 -32.63
N7A NAD J . -5.09 -16.17 -33.47
C5A NAD J . -5.65 -15.94 -34.72
C6A NAD J . -5.22 -16.27 -36.01
N6A NAD J . -4.09 -16.91 -36.26
N1A NAD J . -6.00 -15.88 -37.04
C2A NAD J . -7.13 -15.23 -36.76
N3A NAD J . -7.64 -14.87 -35.59
C4A NAD J . -6.83 -15.27 -34.59
O3 NAD J . -7.40 -11.50 -26.54
PN NAD J . -7.53 -9.94 -26.73
O1N NAD J . -6.84 -9.25 -25.61
O2N NAD J . -8.94 -9.60 -27.02
O5D NAD J . -6.69 -9.76 -28.05
C5D NAD J . -6.60 -8.43 -28.55
C4D NAD J . -5.16 -8.12 -28.89
O4D NAD J . -4.66 -7.20 -27.91
C3D NAD J . -4.21 -9.32 -28.86
O3D NAD J . -3.29 -9.20 -29.93
C2D NAD J . -3.51 -9.13 -27.52
O2D NAD J . -2.23 -9.74 -27.49
C1D NAD J . -3.40 -7.62 -27.46
N1N NAD J . -3.27 -7.13 -26.09
C2N NAD J . -4.08 -7.64 -25.13
C3N NAD J . -3.99 -7.15 -23.84
C7N NAD J . -4.86 -7.71 -22.80
O7N NAD J . -4.82 -7.24 -21.66
N7N NAD J . -5.73 -8.64 -23.15
C4N NAD J . -3.11 -6.17 -23.55
C5N NAD J . -2.29 -5.68 -24.52
C6N NAD J . -2.38 -6.17 -25.79
PA NAD K . 27.18 -7.19 -43.68
O1A NAD K . 26.34 -7.76 -44.77
O2A NAD K . 28.64 -7.07 -43.86
O5B NAD K . 26.88 -7.97 -42.31
C5B NAD K . 25.99 -9.11 -42.37
C4B NAD K . 26.75 -10.34 -41.97
O4B NAD K . 25.81 -11.34 -41.49
C3B NAD K . 27.54 -11.04 -43.08
O3B NAD K . 28.82 -11.44 -42.61
C2B NAD K . 26.68 -12.27 -43.39
O2B NAD K . 27.43 -13.37 -43.86
C1B NAD K . 26.15 -12.59 -42.00
N9A NAD K . 24.94 -13.38 -42.03
C8A NAD K . 23.79 -13.09 -42.70
N7A NAD K . 22.86 -13.99 -42.55
C5A NAD K . 23.43 -14.93 -41.70
C6A NAD K . 22.94 -16.12 -41.16
N6A NAD K . 21.71 -16.58 -41.39
N1A NAD K . 23.77 -16.83 -40.36
C2A NAD K . 24.99 -16.35 -40.14
N3A NAD K . 25.56 -15.24 -40.60
C4A NAD K . 24.71 -14.56 -41.38
O3 NAD K . 26.60 -5.76 -43.33
PN NAD K . 26.78 -5.00 -41.95
O1N NAD K . 26.58 -3.55 -42.16
O2N NAD K . 28.03 -5.47 -41.30
O5D NAD K . 25.56 -5.60 -41.14
C5D NAD K . 25.79 -5.70 -39.73
C4D NAD K . 24.46 -5.58 -39.04
O4D NAD K . 24.17 -4.18 -38.82
C3D NAD K . 23.25 -6.13 -39.80
O3D NAD K . 22.46 -6.88 -38.90
C2D NAD K . 22.54 -4.84 -40.25
O2D NAD K . 21.15 -5.06 -40.38
C1D NAD K . 22.83 -3.91 -39.09
N1N NAD K . 22.77 -2.49 -39.48
C2N NAD K . 23.62 -2.03 -40.42
C3N NAD K . 23.64 -0.75 -40.68
C7N NAD K . 24.60 -0.23 -41.73
O7N NAD K . 24.83 0.97 -41.78
N7N NAD K . 25.19 -1.12 -42.49
C4N NAD K . 22.84 0.10 -40.04
C5N NAD K . 21.98 -0.33 -39.09
C6N NAD K . 21.99 -1.66 -38.80
O3B CDP L . -27.78 2.51 65.92
PB CDP L . -28.82 3.61 66.02
O1B CDP L . -29.99 3.22 66.89
O2B CDP L . -28.21 4.94 66.40
O3A CDP L . -29.40 3.80 64.55
PA CDP L . -28.64 3.68 63.16
O1A CDP L . -28.13 2.29 63.02
O2A CDP L . -27.67 4.80 63.06
O5' CDP L . -29.84 3.91 62.12
C5' CDP L . -30.23 5.27 61.85
C4' CDP L . -31.46 5.59 62.66
O4' CDP L . -32.47 6.12 61.78
C3' CDP L . -32.13 4.40 63.36
O3' CDP L . -31.67 4.25 64.70
C2' CDP L . -33.61 4.76 63.38
O2' CDP L . -34.05 5.36 64.58
C1' CDP L . -33.76 5.71 62.20
N1 CDP L . -34.44 5.06 61.06
C2 CDP L . -35.81 5.25 61.00
O2 CDP L . -36.36 5.95 61.87
N3 CDP L . -36.47 4.67 59.99
C4 CDP L . -35.80 3.94 59.09
N4 CDP L . -36.50 3.38 58.12
C5 CDP L . -34.40 3.74 59.15
C6 CDP L . -33.75 4.32 60.16
N SAH M . -3.79 0.37 29.37
CA SAH M . -2.82 0.24 28.26
CB SAH M . -3.54 -0.14 26.97
CG SAH M . -2.78 -1.06 26.09
SD SAH M . -3.64 -1.19 24.51
C SAH M . -2.18 1.61 28.11
O SAH M . -1.77 2.17 29.15
OXT SAH M . -2.15 2.06 26.98
C5' SAH M . -2.39 -0.87 23.26
C4' SAH M . -2.52 0.53 22.73
O4' SAH M . -3.63 0.61 21.82
C3' SAH M . -2.85 1.55 23.79
O3' SAH M . -1.64 1.91 24.43
C2' SAH M . -3.39 2.67 22.92
O2' SAH M . -2.33 3.32 22.26
C1' SAH M . -4.19 1.90 21.89
N9 SAH M . -5.59 1.76 22.21
C8 SAH M . -6.25 0.60 22.53
N7 SAH M . -7.52 0.79 22.77
C5 SAH M . -7.71 2.15 22.60
C6 SAH M . -8.84 2.96 22.71
N6 SAH M . -10.04 2.50 23.01
N1 SAH M . -8.69 4.28 22.46
C2 SAH M . -7.48 4.74 22.15
N3 SAH M . -6.34 4.07 22.02
C4 SAH M . -6.53 2.76 22.26
#